data_1WOJ
# 
_entry.id   1WOJ 
# 
_audit_conform.dict_name       mmcif_pdbx.dic 
_audit_conform.dict_version    5.388 
_audit_conform.dict_location   http://mmcif.pdb.org/dictionaries/ascii/mmcif_pdbx.dic 
# 
loop_
_database_2.database_id 
_database_2.database_code 
_database_2.pdbx_database_accession 
_database_2.pdbx_DOI 
PDB   1WOJ         pdb_00001woj 10.2210/pdb1woj/pdb 
RCSB  RCSB023816   ?            ?                   
WWPDB D_1000023816 ?            ?                   
# 
loop_
_pdbx_audit_revision_history.ordinal 
_pdbx_audit_revision_history.data_content_type 
_pdbx_audit_revision_history.major_revision 
_pdbx_audit_revision_history.minor_revision 
_pdbx_audit_revision_history.revision_date 
1 'Structure model' 1 0 2005-03-15 
2 'Structure model' 1 1 2008-04-30 
3 'Structure model' 1 2 2011-07-13 
4 'Structure model' 1 3 2024-03-13 
# 
_pdbx_audit_revision_details.ordinal             1 
_pdbx_audit_revision_details.revision_ordinal    1 
_pdbx_audit_revision_details.data_content_type   'Structure model' 
_pdbx_audit_revision_details.provider            repository 
_pdbx_audit_revision_details.type                'Initial release' 
_pdbx_audit_revision_details.description         ? 
_pdbx_audit_revision_details.details             ? 
# 
loop_
_pdbx_audit_revision_group.ordinal 
_pdbx_audit_revision_group.revision_ordinal 
_pdbx_audit_revision_group.data_content_type 
_pdbx_audit_revision_group.group 
1 2 'Structure model' 'Version format compliance' 
2 3 'Structure model' 'Version format compliance' 
3 4 'Structure model' 'Data collection'           
4 4 'Structure model' 'Database references'       
5 4 'Structure model' 'Derived calculations'      
# 
loop_
_pdbx_audit_revision_category.ordinal 
_pdbx_audit_revision_category.revision_ordinal 
_pdbx_audit_revision_category.data_content_type 
_pdbx_audit_revision_category.category 
1 4 'Structure model' chem_comp_atom 
2 4 'Structure model' chem_comp_bond 
3 4 'Structure model' database_2     
4 4 'Structure model' struct_site    
# 
loop_
_pdbx_audit_revision_item.ordinal 
_pdbx_audit_revision_item.revision_ordinal 
_pdbx_audit_revision_item.data_content_type 
_pdbx_audit_revision_item.item 
1 4 'Structure model' '_database_2.pdbx_DOI'                
2 4 'Structure model' '_database_2.pdbx_database_accession' 
3 4 'Structure model' '_struct_site.pdbx_auth_asym_id'      
4 4 'Structure model' '_struct_site.pdbx_auth_comp_id'      
5 4 'Structure model' '_struct_site.pdbx_auth_seq_id'       
# 
_pdbx_database_status.status_code                     REL 
_pdbx_database_status.entry_id                        1WOJ 
_pdbx_database_status.recvd_initial_deposition_date   2004-08-19 
_pdbx_database_status.deposit_site                    PDBJ 
_pdbx_database_status.process_site                    PDBJ 
_pdbx_database_status.status_code_sf                  ? 
_pdbx_database_status.status_code_mr                  ? 
_pdbx_database_status.SG_entry                        ? 
_pdbx_database_status.pdb_format_compatible           Y 
_pdbx_database_status.status_code_cs                  ? 
_pdbx_database_status.status_code_nmr_data            ? 
_pdbx_database_status.methods_development_category    ? 
# 
loop_
_audit_author.name 
_audit_author.pdbx_ordinal 
'Sakamoto, Y.'   1 
'Tanaka, N.'     2 
'Ichimiya, T.'   3 
'Kurihara, T.'   4 
'Nakamura, K.T.' 5 
# 
_citation.id                        primary 
_citation.title                     
;Crystal structure of the catalytic fragment of human brain 2',3'-cyclic-nucleotide 3'-phosphodiesterase
;
_citation.journal_abbrev            J.Mol.Biol. 
_citation.journal_volume            346 
_citation.page_first                789 
_citation.page_last                 800 
_citation.year                      2005 
_citation.journal_id_ASTM           JMOBAK 
_citation.country                   UK 
_citation.journal_id_ISSN           0022-2836 
_citation.journal_id_CSD            0070 
_citation.book_publisher            ? 
_citation.pdbx_database_id_PubMed   15713463 
_citation.pdbx_database_id_DOI      10.1016/j.jmb.2004.12.024 
# 
loop_
_citation_author.citation_id 
_citation_author.name 
_citation_author.ordinal 
_citation_author.identifier_ORCID 
primary 'Sakamoto, Y.'   1 ? 
primary 'Tanaka, N.'     2 ? 
primary 'Ichimiya, T.'   3 ? 
primary 'Kurihara, T.'   4 ? 
primary 'Nakamura, K.T.' 5 ? 
# 
loop_
_entity.id 
_entity.type 
_entity.src_method 
_entity.pdbx_description 
_entity.formula_weight 
_entity.pdbx_number_of_molecules 
_entity.pdbx_ec 
_entity.pdbx_mutation 
_entity.pdbx_fragment 
_entity.details 
1 polymer     man 
;2',3'-cyclic-nucleotide 3'-phosphodiesterase
;
23946.387 1  3.1.4.37 ? 'residues 166-379' ? 
2 non-polymer syn 'PHOSPHATE ION'                                94.971    1  ?        ? ?                  ? 
3 water       nat water                                          18.015    96 ?        ? ?                  ? 
# 
_entity_name_com.entity_id   1 
_entity_name_com.name        'CNP, CNPase' 
# 
_entity_poly.entity_id                      1 
_entity_poly.type                           'polypeptide(L)' 
_entity_poly.nstd_linkage                   no 
_entity_poly.nstd_monomer                   no 
_entity_poly.pdbx_seq_one_letter_code       
;LPLYFGWFLTKKSSETLRKAGQVFLEELGNHKAFKKELRQFVPGDEPREKMDLVTYFGKRPPGVLHCTTKFCDYGKAPGA
EEYAQQDVLKKSYSKAFTLTISALFVTPKTTGARVELSEQQLQLWPSDVDKLSPTDNLPRGSRAHITLGCAADVEAVQTG
LDLLEILRQEKGGSRGEEVGELSRGKLYSLGNGRWMLTLAKNMEVRAIFTGYYG
;
_entity_poly.pdbx_seq_one_letter_code_can   
;LPLYFGWFLTKKSSETLRKAGQVFLEELGNHKAFKKELRQFVPGDEPREKMDLVTYFGKRPPGVLHCTTKFCDYGKAPGA
EEYAQQDVLKKSYSKAFTLTISALFVTPKTTGARVELSEQQLQLWPSDVDKLSPTDNLPRGSRAHITLGCAADVEAVQTG
LDLLEILRQEKGGSRGEEVGELSRGKLYSLGNGRWMLTLAKNMEVRAIFTGYYG
;
_entity_poly.pdbx_strand_id                 A 
_entity_poly.pdbx_target_identifier         ? 
# 
loop_
_pdbx_entity_nonpoly.entity_id 
_pdbx_entity_nonpoly.name 
_pdbx_entity_nonpoly.comp_id 
2 'PHOSPHATE ION' PO4 
3 water           HOH 
# 
loop_
_entity_poly_seq.entity_id 
_entity_poly_seq.num 
_entity_poly_seq.mon_id 
_entity_poly_seq.hetero 
1 1   LEU n 
1 2   PRO n 
1 3   LEU n 
1 4   TYR n 
1 5   PHE n 
1 6   GLY n 
1 7   TRP n 
1 8   PHE n 
1 9   LEU n 
1 10  THR n 
1 11  LYS n 
1 12  LYS n 
1 13  SER n 
1 14  SER n 
1 15  GLU n 
1 16  THR n 
1 17  LEU n 
1 18  ARG n 
1 19  LYS n 
1 20  ALA n 
1 21  GLY n 
1 22  GLN n 
1 23  VAL n 
1 24  PHE n 
1 25  LEU n 
1 26  GLU n 
1 27  GLU n 
1 28  LEU n 
1 29  GLY n 
1 30  ASN n 
1 31  HIS n 
1 32  LYS n 
1 33  ALA n 
1 34  PHE n 
1 35  LYS n 
1 36  LYS n 
1 37  GLU n 
1 38  LEU n 
1 39  ARG n 
1 40  GLN n 
1 41  PHE n 
1 42  VAL n 
1 43  PRO n 
1 44  GLY n 
1 45  ASP n 
1 46  GLU n 
1 47  PRO n 
1 48  ARG n 
1 49  GLU n 
1 50  LYS n 
1 51  MET n 
1 52  ASP n 
1 53  LEU n 
1 54  VAL n 
1 55  THR n 
1 56  TYR n 
1 57  PHE n 
1 58  GLY n 
1 59  LYS n 
1 60  ARG n 
1 61  PRO n 
1 62  PRO n 
1 63  GLY n 
1 64  VAL n 
1 65  LEU n 
1 66  HIS n 
1 67  CYS n 
1 68  THR n 
1 69  THR n 
1 70  LYS n 
1 71  PHE n 
1 72  CYS n 
1 73  ASP n 
1 74  TYR n 
1 75  GLY n 
1 76  LYS n 
1 77  ALA n 
1 78  PRO n 
1 79  GLY n 
1 80  ALA n 
1 81  GLU n 
1 82  GLU n 
1 83  TYR n 
1 84  ALA n 
1 85  GLN n 
1 86  GLN n 
1 87  ASP n 
1 88  VAL n 
1 89  LEU n 
1 90  LYS n 
1 91  LYS n 
1 92  SER n 
1 93  TYR n 
1 94  SER n 
1 95  LYS n 
1 96  ALA n 
1 97  PHE n 
1 98  THR n 
1 99  LEU n 
1 100 THR n 
1 101 ILE n 
1 102 SER n 
1 103 ALA n 
1 104 LEU n 
1 105 PHE n 
1 106 VAL n 
1 107 THR n 
1 108 PRO n 
1 109 LYS n 
1 110 THR n 
1 111 THR n 
1 112 GLY n 
1 113 ALA n 
1 114 ARG n 
1 115 VAL n 
1 116 GLU n 
1 117 LEU n 
1 118 SER n 
1 119 GLU n 
1 120 GLN n 
1 121 GLN n 
1 122 LEU n 
1 123 GLN n 
1 124 LEU n 
1 125 TRP n 
1 126 PRO n 
1 127 SER n 
1 128 ASP n 
1 129 VAL n 
1 130 ASP n 
1 131 LYS n 
1 132 LEU n 
1 133 SER n 
1 134 PRO n 
1 135 THR n 
1 136 ASP n 
1 137 ASN n 
1 138 LEU n 
1 139 PRO n 
1 140 ARG n 
1 141 GLY n 
1 142 SER n 
1 143 ARG n 
1 144 ALA n 
1 145 HIS n 
1 146 ILE n 
1 147 THR n 
1 148 LEU n 
1 149 GLY n 
1 150 CYS n 
1 151 ALA n 
1 152 ALA n 
1 153 ASP n 
1 154 VAL n 
1 155 GLU n 
1 156 ALA n 
1 157 VAL n 
1 158 GLN n 
1 159 THR n 
1 160 GLY n 
1 161 LEU n 
1 162 ASP n 
1 163 LEU n 
1 164 LEU n 
1 165 GLU n 
1 166 ILE n 
1 167 LEU n 
1 168 ARG n 
1 169 GLN n 
1 170 GLU n 
1 171 LYS n 
1 172 GLY n 
1 173 GLY n 
1 174 SER n 
1 175 ARG n 
1 176 GLY n 
1 177 GLU n 
1 178 GLU n 
1 179 VAL n 
1 180 GLY n 
1 181 GLU n 
1 182 LEU n 
1 183 SER n 
1 184 ARG n 
1 185 GLY n 
1 186 LYS n 
1 187 LEU n 
1 188 TYR n 
1 189 SER n 
1 190 LEU n 
1 191 GLY n 
1 192 ASN n 
1 193 GLY n 
1 194 ARG n 
1 195 TRP n 
1 196 MET n 
1 197 LEU n 
1 198 THR n 
1 199 LEU n 
1 200 ALA n 
1 201 LYS n 
1 202 ASN n 
1 203 MET n 
1 204 GLU n 
1 205 VAL n 
1 206 ARG n 
1 207 ALA n 
1 208 ILE n 
1 209 PHE n 
1 210 THR n 
1 211 GLY n 
1 212 TYR n 
1 213 TYR n 
1 214 GLY n 
# 
_entity_src_gen.entity_id                          1 
_entity_src_gen.pdbx_src_id                        1 
_entity_src_gen.pdbx_alt_source_flag               sample 
_entity_src_gen.pdbx_seq_type                      ? 
_entity_src_gen.pdbx_beg_seq_num                   ? 
_entity_src_gen.pdbx_end_seq_num                   ? 
_entity_src_gen.gene_src_common_name               human 
_entity_src_gen.gene_src_genus                     Homo 
_entity_src_gen.pdbx_gene_src_gene                 ? 
_entity_src_gen.gene_src_species                   ? 
_entity_src_gen.gene_src_strain                    ? 
_entity_src_gen.gene_src_tissue                    ? 
_entity_src_gen.gene_src_tissue_fraction           ? 
_entity_src_gen.gene_src_details                   ? 
_entity_src_gen.pdbx_gene_src_fragment             ? 
_entity_src_gen.pdbx_gene_src_scientific_name      'Homo sapiens' 
_entity_src_gen.pdbx_gene_src_ncbi_taxonomy_id     9606 
_entity_src_gen.pdbx_gene_src_variant              ? 
_entity_src_gen.pdbx_gene_src_cell_line            ? 
_entity_src_gen.pdbx_gene_src_atcc                 ? 
_entity_src_gen.pdbx_gene_src_organ                ? 
_entity_src_gen.pdbx_gene_src_organelle            ? 
_entity_src_gen.pdbx_gene_src_cell                 ? 
_entity_src_gen.pdbx_gene_src_cellular_location    ? 
_entity_src_gen.host_org_common_name               ? 
_entity_src_gen.pdbx_host_org_scientific_name      'Escherichia coli BL21(DE3)' 
_entity_src_gen.pdbx_host_org_ncbi_taxonomy_id     469008 
_entity_src_gen.host_org_genus                     Escherichia 
_entity_src_gen.pdbx_host_org_gene                 ? 
_entity_src_gen.pdbx_host_org_organ                ? 
_entity_src_gen.host_org_species                   'Escherichia coli' 
_entity_src_gen.pdbx_host_org_tissue               ? 
_entity_src_gen.pdbx_host_org_tissue_fraction      ? 
_entity_src_gen.pdbx_host_org_strain               'BL21(DE3)' 
_entity_src_gen.pdbx_host_org_variant              ? 
_entity_src_gen.pdbx_host_org_cell_line            ? 
_entity_src_gen.pdbx_host_org_atcc                 ? 
_entity_src_gen.pdbx_host_org_culture_collection   ? 
_entity_src_gen.pdbx_host_org_cell                 ? 
_entity_src_gen.pdbx_host_org_organelle            ? 
_entity_src_gen.pdbx_host_org_cellular_location    ? 
_entity_src_gen.pdbx_host_org_vector_type          plasmid 
_entity_src_gen.pdbx_host_org_vector               ? 
_entity_src_gen.host_org_details                   ? 
_entity_src_gen.expression_system_id               ? 
_entity_src_gen.plasmid_name                       pGEX-6P 
_entity_src_gen.plasmid_details                    ? 
_entity_src_gen.pdbx_description                   ? 
# 
loop_
_chem_comp.id 
_chem_comp.type 
_chem_comp.mon_nstd_flag 
_chem_comp.name 
_chem_comp.pdbx_synonyms 
_chem_comp.formula 
_chem_comp.formula_weight 
ALA 'L-peptide linking' y ALANINE         ? 'C3 H7 N O2'     89.093  
ARG 'L-peptide linking' y ARGININE        ? 'C6 H15 N4 O2 1' 175.209 
ASN 'L-peptide linking' y ASPARAGINE      ? 'C4 H8 N2 O3'    132.118 
ASP 'L-peptide linking' y 'ASPARTIC ACID' ? 'C4 H7 N O4'     133.103 
CYS 'L-peptide linking' y CYSTEINE        ? 'C3 H7 N O2 S'   121.158 
GLN 'L-peptide linking' y GLUTAMINE       ? 'C5 H10 N2 O3'   146.144 
GLU 'L-peptide linking' y 'GLUTAMIC ACID' ? 'C5 H9 N O4'     147.129 
GLY 'peptide linking'   y GLYCINE         ? 'C2 H5 N O2'     75.067  
HIS 'L-peptide linking' y HISTIDINE       ? 'C6 H10 N3 O2 1' 156.162 
HOH non-polymer         . WATER           ? 'H2 O'           18.015  
ILE 'L-peptide linking' y ISOLEUCINE      ? 'C6 H13 N O2'    131.173 
LEU 'L-peptide linking' y LEUCINE         ? 'C6 H13 N O2'    131.173 
LYS 'L-peptide linking' y LYSINE          ? 'C6 H15 N2 O2 1' 147.195 
MET 'L-peptide linking' y METHIONINE      ? 'C5 H11 N O2 S'  149.211 
PHE 'L-peptide linking' y PHENYLALANINE   ? 'C9 H11 N O2'    165.189 
PO4 non-polymer         . 'PHOSPHATE ION' ? 'O4 P -3'        94.971  
PRO 'L-peptide linking' y PROLINE         ? 'C5 H9 N O2'     115.130 
SER 'L-peptide linking' y SERINE          ? 'C3 H7 N O3'     105.093 
THR 'L-peptide linking' y THREONINE       ? 'C4 H9 N O3'     119.119 
TRP 'L-peptide linking' y TRYPTOPHAN      ? 'C11 H12 N2 O2'  204.225 
TYR 'L-peptide linking' y TYROSINE        ? 'C9 H11 N O3'    181.189 
VAL 'L-peptide linking' y VALINE          ? 'C5 H11 N O2'    117.146 
# 
loop_
_pdbx_poly_seq_scheme.asym_id 
_pdbx_poly_seq_scheme.entity_id 
_pdbx_poly_seq_scheme.seq_id 
_pdbx_poly_seq_scheme.mon_id 
_pdbx_poly_seq_scheme.ndb_seq_num 
_pdbx_poly_seq_scheme.pdb_seq_num 
_pdbx_poly_seq_scheme.auth_seq_num 
_pdbx_poly_seq_scheme.pdb_mon_id 
_pdbx_poly_seq_scheme.auth_mon_id 
_pdbx_poly_seq_scheme.pdb_strand_id 
_pdbx_poly_seq_scheme.pdb_ins_code 
_pdbx_poly_seq_scheme.hetero 
A 1 1   LEU 1   166 166 LEU LEU A . n 
A 1 2   PRO 2   167 167 PRO PRO A . n 
A 1 3   LEU 3   168 168 LEU LEU A . n 
A 1 4   TYR 4   169 169 TYR TYR A . n 
A 1 5   PHE 5   170 170 PHE PHE A . n 
A 1 6   GLY 6   171 171 GLY GLY A . n 
A 1 7   TRP 7   172 172 TRP TRP A . n 
A 1 8   PHE 8   173 173 PHE PHE A . n 
A 1 9   LEU 9   174 174 LEU LEU A . n 
A 1 10  THR 10  175 175 THR THR A . n 
A 1 11  LYS 11  176 176 LYS LYS A . n 
A 1 12  LYS 12  177 177 LYS LYS A . n 
A 1 13  SER 13  178 178 SER SER A . n 
A 1 14  SER 14  179 179 SER SER A . n 
A 1 15  GLU 15  180 180 GLU GLU A . n 
A 1 16  THR 16  181 181 THR THR A . n 
A 1 17  LEU 17  182 182 LEU LEU A . n 
A 1 18  ARG 18  183 183 ARG ARG A . n 
A 1 19  LYS 19  184 184 LYS LYS A . n 
A 1 20  ALA 20  185 185 ALA ALA A . n 
A 1 21  GLY 21  186 186 GLY GLY A . n 
A 1 22  GLN 22  187 187 GLN GLN A . n 
A 1 23  VAL 23  188 188 VAL VAL A . n 
A 1 24  PHE 24  189 189 PHE PHE A . n 
A 1 25  LEU 25  190 190 LEU LEU A . n 
A 1 26  GLU 26  191 191 GLU GLU A . n 
A 1 27  GLU 27  192 192 GLU GLU A . n 
A 1 28  LEU 28  193 193 LEU LEU A . n 
A 1 29  GLY 29  194 194 GLY GLY A . n 
A 1 30  ASN 30  195 195 ASN ASN A . n 
A 1 31  HIS 31  196 196 HIS HIS A . n 
A 1 32  LYS 32  197 197 LYS LYS A . n 
A 1 33  ALA 33  198 198 ALA ALA A . n 
A 1 34  PHE 34  199 199 PHE PHE A . n 
A 1 35  LYS 35  200 200 LYS LYS A . n 
A 1 36  LYS 36  201 201 LYS LYS A . n 
A 1 37  GLU 37  202 202 GLU GLU A . n 
A 1 38  LEU 38  203 203 LEU LEU A . n 
A 1 39  ARG 39  204 204 ARG ARG A . n 
A 1 40  GLN 40  205 205 GLN GLN A . n 
A 1 41  PHE 41  206 206 PHE PHE A . n 
A 1 42  VAL 42  207 207 VAL VAL A . n 
A 1 43  PRO 43  208 208 PRO PRO A . n 
A 1 44  GLY 44  209 ?   ?   ?   A . n 
A 1 45  ASP 45  210 ?   ?   ?   A . n 
A 1 46  GLU 46  211 ?   ?   ?   A . n 
A 1 47  PRO 47  212 ?   ?   ?   A . n 
A 1 48  ARG 48  213 ?   ?   ?   A . n 
A 1 49  GLU 49  214 214 GLU GLU A . n 
A 1 50  LYS 50  215 215 LYS LYS A . n 
A 1 51  MET 51  216 216 MET MET A . n 
A 1 52  ASP 52  217 217 ASP ASP A . n 
A 1 53  LEU 53  218 218 LEU LEU A . n 
A 1 54  VAL 54  219 219 VAL VAL A . n 
A 1 55  THR 55  220 220 THR THR A . n 
A 1 56  TYR 56  221 221 TYR TYR A . n 
A 1 57  PHE 57  222 222 PHE PHE A . n 
A 1 58  GLY 58  223 223 GLY GLY A . n 
A 1 59  LYS 59  224 224 LYS LYS A . n 
A 1 60  ARG 60  225 225 ARG ARG A . n 
A 1 61  PRO 61  226 226 PRO PRO A . n 
A 1 62  PRO 62  227 227 PRO PRO A . n 
A 1 63  GLY 63  228 228 GLY GLY A . n 
A 1 64  VAL 64  229 229 VAL VAL A . n 
A 1 65  LEU 65  230 230 LEU LEU A . n 
A 1 66  HIS 66  231 231 HIS HIS A . n 
A 1 67  CYS 67  232 232 CYS CYS A . n 
A 1 68  THR 68  233 233 THR THR A . n 
A 1 69  THR 69  234 234 THR THR A . n 
A 1 70  LYS 70  235 235 LYS LYS A . n 
A 1 71  PHE 71  236 236 PHE PHE A . n 
A 1 72  CYS 72  237 237 CYS CYS A . n 
A 1 73  ASP 73  238 238 ASP ASP A . n 
A 1 74  TYR 74  239 239 TYR TYR A . n 
A 1 75  GLY 75  240 240 GLY GLY A . n 
A 1 76  LYS 76  241 241 LYS LYS A . n 
A 1 77  ALA 77  242 242 ALA ALA A . n 
A 1 78  PRO 78  243 243 PRO PRO A . n 
A 1 79  GLY 79  244 244 GLY GLY A . n 
A 1 80  ALA 80  245 245 ALA ALA A . n 
A 1 81  GLU 81  246 246 GLU GLU A . n 
A 1 82  GLU 82  247 247 GLU GLU A . n 
A 1 83  TYR 83  248 248 TYR TYR A . n 
A 1 84  ALA 84  249 249 ALA ALA A . n 
A 1 85  GLN 85  250 250 GLN GLN A . n 
A 1 86  GLN 86  251 251 GLN GLN A . n 
A 1 87  ASP 87  252 252 ASP ASP A . n 
A 1 88  VAL 88  253 253 VAL VAL A . n 
A 1 89  LEU 89  254 254 LEU LEU A . n 
A 1 90  LYS 90  255 255 LYS LYS A . n 
A 1 91  LYS 91  256 256 LYS LYS A . n 
A 1 92  SER 92  257 257 SER SER A . n 
A 1 93  TYR 93  258 258 TYR TYR A . n 
A 1 94  SER 94  259 259 SER SER A . n 
A 1 95  LYS 95  260 260 LYS LYS A . n 
A 1 96  ALA 96  261 261 ALA ALA A . n 
A 1 97  PHE 97  262 262 PHE PHE A . n 
A 1 98  THR 98  263 263 THR THR A . n 
A 1 99  LEU 99  264 264 LEU LEU A . n 
A 1 100 THR 100 265 265 THR THR A . n 
A 1 101 ILE 101 266 266 ILE ILE A . n 
A 1 102 SER 102 267 267 SER SER A . n 
A 1 103 ALA 103 268 268 ALA ALA A . n 
A 1 104 LEU 104 269 269 LEU LEU A . n 
A 1 105 PHE 105 270 270 PHE PHE A . n 
A 1 106 VAL 106 271 271 VAL VAL A . n 
A 1 107 THR 107 272 272 THR THR A . n 
A 1 108 PRO 108 273 273 PRO PRO A . n 
A 1 109 LYS 109 274 274 LYS LYS A . n 
A 1 110 THR 110 275 275 THR THR A . n 
A 1 111 THR 111 276 276 THR THR A . n 
A 1 112 GLY 112 277 277 GLY GLY A . n 
A 1 113 ALA 113 278 278 ALA ALA A . n 
A 1 114 ARG 114 279 279 ARG ARG A . n 
A 1 115 VAL 115 280 280 VAL VAL A . n 
A 1 116 GLU 116 281 281 GLU GLU A . n 
A 1 117 LEU 117 282 282 LEU LEU A . n 
A 1 118 SER 118 283 283 SER SER A . n 
A 1 119 GLU 119 284 284 GLU GLU A . n 
A 1 120 GLN 120 285 285 GLN GLN A . n 
A 1 121 GLN 121 286 286 GLN GLN A . n 
A 1 122 LEU 122 287 287 LEU LEU A . n 
A 1 123 GLN 123 288 288 GLN GLN A . n 
A 1 124 LEU 124 289 289 LEU LEU A . n 
A 1 125 TRP 125 290 290 TRP TRP A . n 
A 1 126 PRO 126 291 291 PRO PRO A . n 
A 1 127 SER 127 292 292 SER SER A . n 
A 1 128 ASP 128 293 293 ASP ASP A . n 
A 1 129 VAL 129 294 294 VAL VAL A . n 
A 1 130 ASP 130 295 295 ASP ASP A . n 
A 1 131 LYS 131 296 296 LYS LYS A . n 
A 1 132 LEU 132 297 297 LEU LEU A . n 
A 1 133 SER 133 298 298 SER SER A . n 
A 1 134 PRO 134 299 299 PRO PRO A . n 
A 1 135 THR 135 300 300 THR THR A . n 
A 1 136 ASP 136 301 301 ASP ASP A . n 
A 1 137 ASN 137 302 302 ASN ASN A . n 
A 1 138 LEU 138 303 303 LEU LEU A . n 
A 1 139 PRO 139 304 304 PRO PRO A . n 
A 1 140 ARG 140 305 305 ARG ARG A . n 
A 1 141 GLY 141 306 306 GLY GLY A . n 
A 1 142 SER 142 307 307 SER SER A . n 
A 1 143 ARG 143 308 308 ARG ARG A . n 
A 1 144 ALA 144 309 309 ALA ALA A . n 
A 1 145 HIS 145 310 310 HIS HIS A . n 
A 1 146 ILE 146 311 311 ILE ILE A . n 
A 1 147 THR 147 312 312 THR THR A . n 
A 1 148 LEU 148 313 313 LEU LEU A . n 
A 1 149 GLY 149 314 314 GLY GLY A . n 
A 1 150 CYS 150 315 315 CYS CYS A . n 
A 1 151 ALA 151 316 316 ALA ALA A . n 
A 1 152 ALA 152 317 317 ALA ALA A . n 
A 1 153 ASP 153 318 318 ASP ASP A . n 
A 1 154 VAL 154 319 319 VAL VAL A . n 
A 1 155 GLU 155 320 320 GLU GLU A . n 
A 1 156 ALA 156 321 321 ALA ALA A . n 
A 1 157 VAL 157 322 322 VAL VAL A . n 
A 1 158 GLN 158 323 323 GLN GLN A . n 
A 1 159 THR 159 324 324 THR THR A . n 
A 1 160 GLY 160 325 325 GLY GLY A . n 
A 1 161 LEU 161 326 326 LEU LEU A . n 
A 1 162 ASP 162 327 327 ASP ASP A . n 
A 1 163 LEU 163 328 328 LEU LEU A . n 
A 1 164 LEU 164 329 329 LEU LEU A . n 
A 1 165 GLU 165 330 330 GLU GLU A . n 
A 1 166 ILE 166 331 331 ILE ILE A . n 
A 1 167 LEU 167 332 332 LEU LEU A . n 
A 1 168 ARG 168 333 333 ARG ARG A . n 
A 1 169 GLN 169 334 334 GLN GLN A . n 
A 1 170 GLU 170 335 335 GLU GLU A . n 
A 1 171 LYS 171 336 336 LYS LYS A . n 
A 1 172 GLY 172 337 337 GLY GLY A . n 
A 1 173 GLY 173 338 338 GLY GLY A . n 
A 1 174 SER 174 339 339 SER SER A . n 
A 1 175 ARG 175 340 340 ARG ARG A . n 
A 1 176 GLY 176 341 341 GLY GLY A . n 
A 1 177 GLU 177 342 342 GLU GLU A . n 
A 1 178 GLU 178 343 343 GLU GLU A . n 
A 1 179 VAL 179 344 344 VAL VAL A . n 
A 1 180 GLY 180 345 345 GLY GLY A . n 
A 1 181 GLU 181 346 346 GLU GLU A . n 
A 1 182 LEU 182 347 347 LEU LEU A . n 
A 1 183 SER 183 348 348 SER SER A . n 
A 1 184 ARG 184 349 349 ARG ARG A . n 
A 1 185 GLY 185 350 350 GLY GLY A . n 
A 1 186 LYS 186 351 351 LYS LYS A . n 
A 1 187 LEU 187 352 352 LEU LEU A . n 
A 1 188 TYR 188 353 353 TYR TYR A . n 
A 1 189 SER 189 354 354 SER SER A . n 
A 1 190 LEU 190 355 355 LEU LEU A . n 
A 1 191 GLY 191 356 356 GLY GLY A . n 
A 1 192 ASN 192 357 357 ASN ASN A . n 
A 1 193 GLY 193 358 358 GLY GLY A . n 
A 1 194 ARG 194 359 359 ARG ARG A . n 
A 1 195 TRP 195 360 360 TRP TRP A . n 
A 1 196 MET 196 361 361 MET MET A . n 
A 1 197 LEU 197 362 362 LEU LEU A . n 
A 1 198 THR 198 363 363 THR THR A . n 
A 1 199 LEU 199 364 364 LEU LEU A . n 
A 1 200 ALA 200 365 365 ALA ALA A . n 
A 1 201 LYS 201 366 366 LYS LYS A . n 
A 1 202 ASN 202 367 367 ASN ASN A . n 
A 1 203 MET 203 368 368 MET MET A . n 
A 1 204 GLU 204 369 369 GLU GLU A . n 
A 1 205 VAL 205 370 370 VAL VAL A . n 
A 1 206 ARG 206 371 371 ARG ARG A . n 
A 1 207 ALA 207 372 372 ALA ALA A . n 
A 1 208 ILE 208 373 373 ILE ILE A . n 
A 1 209 PHE 209 374 374 PHE PHE A . n 
A 1 210 THR 210 375 375 THR THR A . n 
A 1 211 GLY 211 376 376 GLY GLY A . n 
A 1 212 TYR 212 377 377 TYR TYR A . n 
A 1 213 TYR 213 378 378 TYR TYR A . n 
A 1 214 GLY 214 379 379 GLY GLY A . n 
# 
loop_
_pdbx_nonpoly_scheme.asym_id 
_pdbx_nonpoly_scheme.entity_id 
_pdbx_nonpoly_scheme.mon_id 
_pdbx_nonpoly_scheme.ndb_seq_num 
_pdbx_nonpoly_scheme.pdb_seq_num 
_pdbx_nonpoly_scheme.auth_seq_num 
_pdbx_nonpoly_scheme.pdb_mon_id 
_pdbx_nonpoly_scheme.auth_mon_id 
_pdbx_nonpoly_scheme.pdb_strand_id 
_pdbx_nonpoly_scheme.pdb_ins_code 
B 2 PO4 1  501 501 PO4 PO4 A . 
C 3 HOH 1  1   1   HOH HOH A . 
C 3 HOH 2  2   2   HOH HOH A . 
C 3 HOH 3  3   3   HOH HOH A . 
C 3 HOH 4  4   4   HOH HOH A . 
C 3 HOH 5  5   5   HOH HOH A . 
C 3 HOH 6  6   6   HOH HOH A . 
C 3 HOH 7  7   7   HOH HOH A . 
C 3 HOH 8  8   8   HOH HOH A . 
C 3 HOH 9  9   9   HOH HOH A . 
C 3 HOH 10 10  10  HOH HOH A . 
C 3 HOH 11 11  11  HOH HOH A . 
C 3 HOH 12 12  12  HOH HOH A . 
C 3 HOH 13 13  13  HOH HOH A . 
C 3 HOH 14 14  14  HOH HOH A . 
C 3 HOH 15 15  15  HOH HOH A . 
C 3 HOH 16 16  16  HOH HOH A . 
C 3 HOH 17 17  17  HOH HOH A . 
C 3 HOH 18 18  18  HOH HOH A . 
C 3 HOH 19 19  19  HOH HOH A . 
C 3 HOH 20 20  20  HOH HOH A . 
C 3 HOH 21 21  21  HOH HOH A . 
C 3 HOH 22 22  22  HOH HOH A . 
C 3 HOH 23 23  23  HOH HOH A . 
C 3 HOH 24 24  24  HOH HOH A . 
C 3 HOH 25 25  25  HOH HOH A . 
C 3 HOH 26 26  26  HOH HOH A . 
C 3 HOH 27 27  27  HOH HOH A . 
C 3 HOH 28 28  28  HOH HOH A . 
C 3 HOH 29 29  29  HOH HOH A . 
C 3 HOH 30 30  30  HOH HOH A . 
C 3 HOH 31 31  31  HOH HOH A . 
C 3 HOH 32 32  32  HOH HOH A . 
C 3 HOH 33 33  33  HOH HOH A . 
C 3 HOH 34 34  34  HOH HOH A . 
C 3 HOH 35 35  35  HOH HOH A . 
C 3 HOH 36 36  36  HOH HOH A . 
C 3 HOH 37 37  37  HOH HOH A . 
C 3 HOH 38 38  38  HOH HOH A . 
C 3 HOH 39 39  39  HOH HOH A . 
C 3 HOH 40 40  40  HOH HOH A . 
C 3 HOH 41 41  41  HOH HOH A . 
C 3 HOH 42 42  42  HOH HOH A . 
C 3 HOH 43 43  43  HOH HOH A . 
C 3 HOH 44 44  44  HOH HOH A . 
C 3 HOH 45 45  45  HOH HOH A . 
C 3 HOH 46 46  46  HOH HOH A . 
C 3 HOH 47 47  47  HOH HOH A . 
C 3 HOH 48 48  48  HOH HOH A . 
C 3 HOH 49 49  49  HOH HOH A . 
C 3 HOH 50 50  50  HOH HOH A . 
C 3 HOH 51 51  51  HOH HOH A . 
C 3 HOH 52 52  52  HOH HOH A . 
C 3 HOH 53 53  53  HOH HOH A . 
C 3 HOH 54 54  54  HOH HOH A . 
C 3 HOH 55 55  55  HOH HOH A . 
C 3 HOH 56 56  56  HOH HOH A . 
C 3 HOH 57 57  57  HOH HOH A . 
C 3 HOH 58 58  58  HOH HOH A . 
C 3 HOH 59 59  59  HOH HOH A . 
C 3 HOH 60 60  60  HOH HOH A . 
C 3 HOH 61 61  61  HOH HOH A . 
C 3 HOH 62 62  62  HOH HOH A . 
C 3 HOH 63 63  63  HOH HOH A . 
C 3 HOH 64 64  64  HOH HOH A . 
C 3 HOH 65 65  65  HOH HOH A . 
C 3 HOH 66 66  66  HOH HOH A . 
C 3 HOH 67 67  67  HOH HOH A . 
C 3 HOH 68 68  68  HOH HOH A . 
C 3 HOH 69 69  69  HOH HOH A . 
C 3 HOH 70 70  70  HOH HOH A . 
C 3 HOH 71 71  71  HOH HOH A . 
C 3 HOH 72 72  72  HOH HOH A . 
C 3 HOH 73 73  73  HOH HOH A . 
C 3 HOH 74 74  74  HOH HOH A . 
C 3 HOH 75 75  75  HOH HOH A . 
C 3 HOH 76 76  76  HOH HOH A . 
C 3 HOH 77 77  77  HOH HOH A . 
C 3 HOH 78 78  78  HOH HOH A . 
C 3 HOH 79 79  79  HOH HOH A . 
C 3 HOH 80 80  80  HOH HOH A . 
C 3 HOH 81 81  81  HOH HOH A . 
C 3 HOH 82 82  82  HOH HOH A . 
C 3 HOH 83 83  83  HOH HOH A . 
C 3 HOH 84 84  84  HOH HOH A . 
C 3 HOH 85 85  85  HOH HOH A . 
C 3 HOH 86 86  86  HOH HOH A . 
C 3 HOH 87 87  87  HOH HOH A . 
C 3 HOH 88 88  88  HOH HOH A . 
C 3 HOH 89 89  89  HOH HOH A . 
C 3 HOH 90 90  90  HOH HOH A . 
C 3 HOH 91 91  91  HOH HOH A . 
C 3 HOH 92 92  92  HOH HOH A . 
C 3 HOH 93 93  93  HOH HOH A . 
C 3 HOH 94 94  94  HOH HOH A . 
C 3 HOH 95 95  95  HOH HOH A . 
C 3 HOH 96 96  96  HOH HOH A . 
# 
loop_
_software.name 
_software.classification 
_software.version 
_software.citation_id 
_software.pdbx_ordinal 
REFMAC refinement       5.1.24    ? 1 
MOSFLM 'data reduction' .         ? 2 
CCP4   'data scaling'   '(SCALA)' ? 3 
SHARP  phasing          .         ? 4 
# 
_cell.entry_id           1WOJ 
_cell.length_a           44.386 
_cell.length_b           55.348 
_cell.length_c           78.757 
_cell.angle_alpha        90.00 
_cell.angle_beta         90.00 
_cell.angle_gamma        90.00 
_cell.Z_PDB              4 
_cell.pdbx_unique_axis   ? 
# 
_symmetry.entry_id                         1WOJ 
_symmetry.space_group_name_H-M             'P 21 21 21' 
_symmetry.pdbx_full_space_group_name_H-M   ? 
_symmetry.cell_setting                     ? 
_symmetry.Int_Tables_number                19 
_symmetry.space_group_name_Hall            ? 
# 
_exptl.entry_id          1WOJ 
_exptl.method            'X-RAY DIFFRACTION' 
_exptl.crystals_number   1 
# 
_exptl_crystal.id                    1 
_exptl_crystal.density_meas          ? 
_exptl_crystal.density_Matthews      1.91 
_exptl_crystal.density_percent_sol   33 
_exptl_crystal.description           ? 
_exptl_crystal.F_000                 ? 
_exptl_crystal.preparation           ? 
# 
_exptl_crystal_grow.crystal_id      1 
_exptl_crystal_grow.method          'VAPOR DIFFUSION, HANGING DROP' 
_exptl_crystal_grow.temp            293 
_exptl_crystal_grow.temp_details    ? 
_exptl_crystal_grow.pH              5.5 
_exptl_crystal_grow.pdbx_details    'PEG300, sodium citrate, pH 5.5, VAPOR DIFFUSION, HANGING DROP, temperature 293K' 
_exptl_crystal_grow.pdbx_pH_range   . 
# 
_diffrn.id                     1 
_diffrn.ambient_temp           100 
_diffrn.ambient_temp_details   ? 
_diffrn.crystal_id             1 
# 
_diffrn_detector.diffrn_id              1 
_diffrn_detector.detector               CCD 
_diffrn_detector.type                   'ADSC QUANTUM 210' 
_diffrn_detector.pdbx_collection_date   2003-05-29 
_diffrn_detector.details                ? 
# 
_diffrn_radiation.diffrn_id                        1 
_diffrn_radiation.wavelength_id                    1 
_diffrn_radiation.pdbx_monochromatic_or_laue_m_l   M 
_diffrn_radiation.monochromator                    ? 
_diffrn_radiation.pdbx_diffrn_protocol             'SINGLE WAVELENGTH' 
_diffrn_radiation.pdbx_scattering_type             x-ray 
# 
_diffrn_radiation_wavelength.id           1 
_diffrn_radiation_wavelength.wavelength   1.00 
_diffrn_radiation_wavelength.wt           1.0 
# 
_diffrn_source.diffrn_id                   1 
_diffrn_source.source                      SYNCHROTRON 
_diffrn_source.type                        'PHOTON FACTORY BEAMLINE AR-NW12A' 
_diffrn_source.pdbx_synchrotron_site       'Photon Factory' 
_diffrn_source.pdbx_synchrotron_beamline   AR-NW12A 
_diffrn_source.pdbx_wavelength             ? 
_diffrn_source.pdbx_wavelength_list        1.00 
# 
_reflns.entry_id                     1WOJ 
_reflns.observed_criterion_sigma_F   ? 
_reflns.observed_criterion_sigma_I   ? 
_reflns.d_resolution_high            1.8 
_reflns.d_resolution_low             40 
_reflns.number_all                   ? 
_reflns.number_obs                   18263 
_reflns.percent_possible_obs         98.2 
_reflns.pdbx_Rmerge_I_obs            ? 
_reflns.pdbx_Rsym_value              0.057 
_reflns.pdbx_netI_over_sigmaI        9.4 
_reflns.B_iso_Wilson_estimate        ? 
_reflns.pdbx_redundancy              6.5 
_reflns.R_free_details               ? 
_reflns.limit_h_max                  ? 
_reflns.limit_h_min                  ? 
_reflns.limit_k_max                  ? 
_reflns.limit_k_min                  ? 
_reflns.limit_l_max                  ? 
_reflns.limit_l_min                  ? 
_reflns.observed_criterion_F_max     ? 
_reflns.observed_criterion_F_min     ? 
_reflns.pdbx_chi_squared             ? 
_reflns.pdbx_scaling_rejects         ? 
_reflns.pdbx_diffrn_id               1 
_reflns.pdbx_ordinal                 1 
# 
_reflns_shell.d_res_high             1.8 
_reflns_shell.d_res_low              1.9 
_reflns_shell.percent_possible_all   92.0 
_reflns_shell.Rmerge_I_obs           ? 
_reflns_shell.pdbx_Rsym_value        0.191 
_reflns_shell.meanI_over_sigI_obs    3.8 
_reflns_shell.pdbx_redundancy        4.9 
_reflns_shell.percent_possible_obs   ? 
_reflns_shell.number_unique_all      ? 
_reflns_shell.number_measured_all    ? 
_reflns_shell.number_measured_obs    ? 
_reflns_shell.number_unique_obs      ? 
_reflns_shell.pdbx_chi_squared       ? 
_reflns_shell.pdbx_diffrn_id         ? 
_reflns_shell.pdbx_ordinal           1 
# 
_refine.entry_id                                 1WOJ 
_refine.ls_number_reflns_obs                     17284 
_refine.ls_number_reflns_all                     ? 
_refine.pdbx_ls_sigma_I                          ? 
_refine.pdbx_ls_sigma_F                          ? 
_refine.pdbx_data_cutoff_high_absF               ? 
_refine.pdbx_data_cutoff_low_absF                ? 
_refine.pdbx_data_cutoff_high_rms_absF           ? 
_refine.ls_d_res_low                             40.00 
_refine.ls_d_res_high                            1.80 
_refine.ls_percent_reflns_obs                    97.98 
_refine.ls_R_factor_obs                          0.19406 
_refine.ls_R_factor_all                          ? 
_refine.ls_R_factor_R_work                       0.19238 
_refine.ls_R_factor_R_free                       0.22529 
_refine.ls_R_factor_R_free_error                 ? 
_refine.ls_R_factor_R_free_error_details         ? 
_refine.ls_percent_reflns_R_free                 5.1 
_refine.ls_number_reflns_R_free                  934 
_refine.ls_number_parameters                     ? 
_refine.ls_number_restraints                     ? 
_refine.occupancy_min                            ? 
_refine.occupancy_max                            ? 
_refine.correlation_coeff_Fo_to_Fc               0.944 
_refine.correlation_coeff_Fo_to_Fc_free          0.929 
_refine.B_iso_mean                               21.465 
_refine.aniso_B[1][1]                            0.11 
_refine.aniso_B[2][2]                            0.89 
_refine.aniso_B[3][3]                            -1.00 
_refine.aniso_B[1][2]                            0.00 
_refine.aniso_B[1][3]                            0.00 
_refine.aniso_B[2][3]                            0.00 
_refine.solvent_model_details                    'BABINET MODEL WITH MASK' 
_refine.solvent_model_param_ksol                 ? 
_refine.solvent_model_param_bsol                 ? 
_refine.pdbx_solvent_vdw_probe_radii             1.40 
_refine.pdbx_solvent_ion_probe_radii             0.80 
_refine.pdbx_solvent_shrinkage_radii             0.80 
_refine.pdbx_ls_cross_valid_method               THROUGHOUT 
_refine.details                                  'HYDROGENS HAVE BEEN ADDED IN THE RIDING POSITIONS' 
_refine.pdbx_starting_model                      ? 
_refine.pdbx_method_to_determine_struct          SIR 
_refine.pdbx_isotropic_thermal_model             ? 
_refine.pdbx_stereochemistry_target_values       'MAXIMUM LIKELIHOOD' 
_refine.pdbx_stereochem_target_val_spec_case     ? 
_refine.pdbx_R_Free_selection_details            RANDOM 
_refine.pdbx_overall_ESU_R                       0.146 
_refine.pdbx_overall_ESU_R_Free                  0.132 
_refine.overall_SU_ML                            0.078 
_refine.overall_SU_B                             2.435 
_refine.ls_redundancy_reflns_obs                 ? 
_refine.B_iso_min                                ? 
_refine.B_iso_max                                ? 
_refine.overall_SU_R_Cruickshank_DPI             ? 
_refine.overall_SU_R_free                        ? 
_refine.ls_wR_factor_R_free                      ? 
_refine.ls_wR_factor_R_work                      ? 
_refine.overall_FOM_free_R_set                   ? 
_refine.overall_FOM_work_R_set                   ? 
_refine.pdbx_refine_id                           'X-RAY DIFFRACTION' 
_refine.pdbx_diffrn_id                           1 
_refine.pdbx_TLS_residual_ADP_flag               ? 
_refine.pdbx_overall_phase_error                 ? 
_refine.pdbx_overall_SU_R_free_Cruickshank_DPI   ? 
_refine.pdbx_overall_SU_R_Blow_DPI               ? 
_refine.pdbx_overall_SU_R_free_Blow_DPI          ? 
# 
_refine_hist.pdbx_refine_id                   'X-RAY DIFFRACTION' 
_refine_hist.cycle_id                         LAST 
_refine_hist.pdbx_number_atoms_protein        1646 
_refine_hist.pdbx_number_atoms_nucleic_acid   0 
_refine_hist.pdbx_number_atoms_ligand         5 
_refine_hist.number_atoms_solvent             96 
_refine_hist.number_atoms_total               1747 
_refine_hist.d_res_high                       1.80 
_refine_hist.d_res_low                        40.00 
# 
loop_
_refine_ls_restr.type 
_refine_ls_restr.dev_ideal 
_refine_ls_restr.dev_ideal_target 
_refine_ls_restr.weight 
_refine_ls_restr.number 
_refine_ls_restr.pdbx_refine_id 
_refine_ls_restr.pdbx_restraint_function 
r_bond_refined_d         0.007 0.021 ? 1684 'X-RAY DIFFRACTION' ? 
r_bond_other_d           0.002 0.020 ? 1540 'X-RAY DIFFRACTION' ? 
r_angle_refined_deg      1.083 1.977 ? 2269 'X-RAY DIFFRACTION' ? 
r_angle_other_deg        0.721 3.000 ? 3595 'X-RAY DIFFRACTION' ? 
r_dihedral_angle_1_deg   5.366 5.000 ? 207  'X-RAY DIFFRACTION' ? 
r_chiral_restr           0.063 0.200 ? 247  'X-RAY DIFFRACTION' ? 
r_gen_planes_refined     0.004 0.020 ? 1843 'X-RAY DIFFRACTION' ? 
r_gen_planes_other       0.002 0.020 ? 345  'X-RAY DIFFRACTION' ? 
r_nbd_refined            0.205 0.200 ? 271  'X-RAY DIFFRACTION' ? 
r_nbd_other              0.234 0.200 ? 1664 'X-RAY DIFFRACTION' ? 
r_nbtor_other            0.079 0.200 ? 1016 'X-RAY DIFFRACTION' ? 
r_xyhbond_nbd_refined    0.149 0.200 ? 83   'X-RAY DIFFRACTION' ? 
r_symmetry_vdw_refined   0.107 0.200 ? 10   'X-RAY DIFFRACTION' ? 
r_symmetry_vdw_other     0.260 0.200 ? 43   'X-RAY DIFFRACTION' ? 
r_symmetry_hbond_refined 0.096 0.200 ? 11   'X-RAY DIFFRACTION' ? 
r_mcbond_it              0.709 1.500 ? 1032 'X-RAY DIFFRACTION' ? 
r_mcangle_it             1.379 2.000 ? 1650 'X-RAY DIFFRACTION' ? 
r_scbond_it              2.153 3.000 ? 652  'X-RAY DIFFRACTION' ? 
r_scangle_it             3.732 4.500 ? 619  'X-RAY DIFFRACTION' ? 
# 
_refine_ls_shell.pdbx_total_number_of_bins_used   20 
_refine_ls_shell.d_res_high                       1.800 
_refine_ls_shell.d_res_low                        1.847 
_refine_ls_shell.number_reflns_R_work             1132 
_refine_ls_shell.R_factor_R_work                  0.209 
_refine_ls_shell.percent_reflns_obs               ? 
_refine_ls_shell.R_factor_R_free                  0.267 
_refine_ls_shell.R_factor_R_free_error            ? 
_refine_ls_shell.percent_reflns_R_free            ? 
_refine_ls_shell.number_reflns_R_free             65 
_refine_ls_shell.number_reflns_obs                ? 
_refine_ls_shell.redundancy_reflns_obs            ? 
_refine_ls_shell.number_reflns_all                ? 
_refine_ls_shell.pdbx_refine_id                   'X-RAY DIFFRACTION' 
_refine_ls_shell.R_factor_all                     ? 
# 
_struct.entry_id                  1WOJ 
_struct.title                     'Crystal structure of human phosphodiesterase' 
_struct.pdbx_model_details        ? 
_struct.pdbx_CASP_flag            ? 
_struct.pdbx_model_type_details   ? 
# 
_struct_keywords.entry_id        1WOJ 
_struct_keywords.pdbx_keywords   HYDROLASE 
_struct_keywords.text            Hydrolase 
# 
loop_
_struct_asym.id 
_struct_asym.pdbx_blank_PDB_chainid_flag 
_struct_asym.pdbx_modified 
_struct_asym.entity_id 
_struct_asym.details 
A N N 1 ? 
B N N 2 ? 
C N N 3 ? 
# 
_struct_ref.id                         1 
_struct_ref.db_name                    UNP 
_struct_ref.db_code                    CN37_HUMAN 
_struct_ref.pdbx_db_accession          P09543 
_struct_ref.entity_id                  1 
_struct_ref.pdbx_seq_one_letter_code   
;LPLYFGWFLTKKSSETLRKAGQVFLEELGNHKAFKKELRQFVPGDEPREKMDLVTYFGKRPPGVLHCTTKFCDYGKAPGA
EEYAQQDVLKKSYSKAFTLTISALFVTPKTTGARVELSEQQLQLWPSDVDKLSPTDNLPRGSRAHITLGCAADVEAVQTG
LDLLEILRQEKGGSRGEEVGELSRGKLYSLGNGRWMLTLAKNMEVRAIFTGYYG
;
_struct_ref.pdbx_align_begin           186 
_struct_ref.pdbx_db_isoform            ? 
# 
_struct_ref_seq.align_id                      1 
_struct_ref_seq.ref_id                        1 
_struct_ref_seq.pdbx_PDB_id_code              1WOJ 
_struct_ref_seq.pdbx_strand_id                A 
_struct_ref_seq.seq_align_beg                 1 
_struct_ref_seq.pdbx_seq_align_beg_ins_code   ? 
_struct_ref_seq.seq_align_end                 214 
_struct_ref_seq.pdbx_seq_align_end_ins_code   ? 
_struct_ref_seq.pdbx_db_accession             P09543 
_struct_ref_seq.db_align_beg                  186 
_struct_ref_seq.pdbx_db_align_beg_ins_code    ? 
_struct_ref_seq.db_align_end                  399 
_struct_ref_seq.pdbx_db_align_end_ins_code    ? 
_struct_ref_seq.pdbx_auth_seq_align_beg       166 
_struct_ref_seq.pdbx_auth_seq_align_end       379 
# 
_pdbx_struct_assembly.id                   1 
_pdbx_struct_assembly.details              author_defined_assembly 
_pdbx_struct_assembly.method_details       ? 
_pdbx_struct_assembly.oligomeric_details   monomeric 
_pdbx_struct_assembly.oligomeric_count     1 
# 
_pdbx_struct_assembly_gen.assembly_id       1 
_pdbx_struct_assembly_gen.oper_expression   1 
_pdbx_struct_assembly_gen.asym_id_list      A,B,C 
# 
_pdbx_struct_oper_list.id                   1 
_pdbx_struct_oper_list.type                 'identity operation' 
_pdbx_struct_oper_list.name                 1_555 
_pdbx_struct_oper_list.symmetry_operation   x,y,z 
_pdbx_struct_oper_list.matrix[1][1]         1.0000000000 
_pdbx_struct_oper_list.matrix[1][2]         0.0000000000 
_pdbx_struct_oper_list.matrix[1][3]         0.0000000000 
_pdbx_struct_oper_list.vector[1]            0.0000000000 
_pdbx_struct_oper_list.matrix[2][1]         0.0000000000 
_pdbx_struct_oper_list.matrix[2][2]         1.0000000000 
_pdbx_struct_oper_list.matrix[2][3]         0.0000000000 
_pdbx_struct_oper_list.vector[2]            0.0000000000 
_pdbx_struct_oper_list.matrix[3][1]         0.0000000000 
_pdbx_struct_oper_list.matrix[3][2]         0.0000000000 
_pdbx_struct_oper_list.matrix[3][3]         1.0000000000 
_pdbx_struct_oper_list.vector[3]            0.0000000000 
# 
_struct_biol.id                    1 
_struct_biol.pdbx_parent_biol_id   ? 
_struct_biol.details               ? 
# 
loop_
_struct_conf.conf_type_id 
_struct_conf.id 
_struct_conf.pdbx_PDB_helix_id 
_struct_conf.beg_label_comp_id 
_struct_conf.beg_label_asym_id 
_struct_conf.beg_label_seq_id 
_struct_conf.pdbx_beg_PDB_ins_code 
_struct_conf.end_label_comp_id 
_struct_conf.end_label_asym_id 
_struct_conf.end_label_seq_id 
_struct_conf.pdbx_end_PDB_ins_code 
_struct_conf.beg_auth_comp_id 
_struct_conf.beg_auth_asym_id 
_struct_conf.beg_auth_seq_id 
_struct_conf.end_auth_comp_id 
_struct_conf.end_auth_asym_id 
_struct_conf.end_auth_seq_id 
_struct_conf.pdbx_PDB_helix_class 
_struct_conf.details 
_struct_conf.pdbx_PDB_helix_length 
HELX_P HELX_P1 1 THR A 10  ? HIS A 31  ? THR A 175 HIS A 196 1 ? 22 
HELX_P HELX_P2 2 HIS A 31  ? GLU A 37  ? HIS A 196 GLU A 202 1 ? 7  
HELX_P HELX_P3 3 GLU A 37  ? VAL A 42  ? GLU A 202 VAL A 207 1 ? 6  
HELX_P HELX_P4 4 ASP A 52  ? PHE A 57  ? ASP A 217 PHE A 222 1 ? 6  
HELX_P HELX_P5 5 ASP A 73  ? LYS A 76  ? ASP A 238 LYS A 241 5 ? 4  
HELX_P HELX_P6 6 GLY A 79  ? GLN A 86  ? GLY A 244 GLN A 251 1 ? 8  
HELX_P HELX_P7 7 GLN A 86  ? TYR A 93  ? GLN A 251 TYR A 258 1 ? 8  
HELX_P HELX_P8 8 GLN A 120 ? TRP A 125 ? GLN A 285 TRP A 290 5 ? 6  
HELX_P HELX_P9 9 VAL A 157 ? GLY A 172 ? VAL A 322 GLY A 337 1 ? 16 
# 
_struct_conf_type.id          HELX_P 
_struct_conf_type.criteria    ? 
_struct_conf_type.reference   ? 
# 
loop_
_struct_sheet.id 
_struct_sheet.type 
_struct_sheet.number_strands 
_struct_sheet.details 
A ? 6 ? 
B ? 5 ? 
# 
loop_
_struct_sheet_order.sheet_id 
_struct_sheet_order.range_id_1 
_struct_sheet_order.range_id_2 
_struct_sheet_order.offset 
_struct_sheet_order.sense 
A 1 2 ? anti-parallel 
A 2 3 ? anti-parallel 
A 3 4 ? anti-parallel 
A 4 5 ? anti-parallel 
A 5 6 ? anti-parallel 
B 1 2 ? anti-parallel 
B 2 3 ? anti-parallel 
B 3 4 ? anti-parallel 
B 4 5 ? anti-parallel 
# 
loop_
_struct_sheet_range.sheet_id 
_struct_sheet_range.id 
_struct_sheet_range.beg_label_comp_id 
_struct_sheet_range.beg_label_asym_id 
_struct_sheet_range.beg_label_seq_id 
_struct_sheet_range.pdbx_beg_PDB_ins_code 
_struct_sheet_range.end_label_comp_id 
_struct_sheet_range.end_label_asym_id 
_struct_sheet_range.end_label_seq_id 
_struct_sheet_range.pdbx_end_PDB_ins_code 
_struct_sheet_range.beg_auth_comp_id 
_struct_sheet_range.beg_auth_asym_id 
_struct_sheet_range.beg_auth_seq_id 
_struct_sheet_range.end_auth_comp_id 
_struct_sheet_range.end_auth_asym_id 
_struct_sheet_range.end_auth_seq_id 
A 1 HIS A 66  ? PHE A 71  ? HIS A 231 PHE A 236 
A 2 TYR A 4   ? LEU A 9   ? TYR A 169 LEU A 174 
A 3 ARG A 194 ? TYR A 212 ? ARG A 359 TYR A 377 
A 4 ALA A 96  ? VAL A 106 ? ALA A 261 VAL A 271 
A 5 THR A 110 ? GLU A 116 ? THR A 275 GLU A 281 
A 6 HIS A 145 ? CYS A 150 ? HIS A 310 CYS A 315 
B 1 HIS A 66  ? PHE A 71  ? HIS A 231 PHE A 236 
B 2 TYR A 4   ? LEU A 9   ? TYR A 169 LEU A 174 
B 3 ARG A 194 ? TYR A 212 ? ARG A 359 TYR A 377 
B 4 GLY A 185 ? GLY A 191 ? GLY A 350 GLY A 356 
B 5 GLU A 177 ? LEU A 182 ? GLU A 342 LEU A 347 
# 
loop_
_pdbx_struct_sheet_hbond.sheet_id 
_pdbx_struct_sheet_hbond.range_id_1 
_pdbx_struct_sheet_hbond.range_id_2 
_pdbx_struct_sheet_hbond.range_1_label_atom_id 
_pdbx_struct_sheet_hbond.range_1_label_comp_id 
_pdbx_struct_sheet_hbond.range_1_label_asym_id 
_pdbx_struct_sheet_hbond.range_1_label_seq_id 
_pdbx_struct_sheet_hbond.range_1_PDB_ins_code 
_pdbx_struct_sheet_hbond.range_1_auth_atom_id 
_pdbx_struct_sheet_hbond.range_1_auth_comp_id 
_pdbx_struct_sheet_hbond.range_1_auth_asym_id 
_pdbx_struct_sheet_hbond.range_1_auth_seq_id 
_pdbx_struct_sheet_hbond.range_2_label_atom_id 
_pdbx_struct_sheet_hbond.range_2_label_comp_id 
_pdbx_struct_sheet_hbond.range_2_label_asym_id 
_pdbx_struct_sheet_hbond.range_2_label_seq_id 
_pdbx_struct_sheet_hbond.range_2_PDB_ins_code 
_pdbx_struct_sheet_hbond.range_2_auth_atom_id 
_pdbx_struct_sheet_hbond.range_2_auth_comp_id 
_pdbx_struct_sheet_hbond.range_2_auth_asym_id 
_pdbx_struct_sheet_hbond.range_2_auth_seq_id 
A 1 2 O CYS A 67  ? O CYS A 232 N TRP A 7   ? N TRP A 172 
A 2 3 N TYR A 4   ? N TYR A 169 O TYR A 212 ? O TYR A 377 
A 3 4 O MET A 203 ? O MET A 368 N ILE A 101 ? N ILE A 266 
A 4 5 N ALA A 103 ? N ALA A 268 O ARG A 114 ? O ARG A 279 
A 5 6 N THR A 111 ? N THR A 276 O LEU A 148 ? O LEU A 313 
B 1 2 O CYS A 67  ? O CYS A 232 N TRP A 7   ? N TRP A 172 
B 2 3 N TYR A 4   ? N TYR A 169 O TYR A 212 ? O TYR A 377 
B 3 4 O ARG A 194 ? O ARG A 359 N LEU A 190 ? N LEU A 355 
B 4 5 O LEU A 187 ? O LEU A 352 N GLY A 180 ? N GLY A 345 
# 
_struct_site.id                   AC1 
_struct_site.pdbx_evidence_code   Software 
_struct_site.pdbx_auth_asym_id    A 
_struct_site.pdbx_auth_comp_id    PO4 
_struct_site.pdbx_auth_seq_id     501 
_struct_site.pdbx_auth_ins_code   ? 
_struct_site.pdbx_num_residues    9 
_struct_site.details              'BINDING SITE FOR RESIDUE PO4 A 501' 
# 
loop_
_struct_site_gen.id 
_struct_site_gen.site_id 
_struct_site_gen.pdbx_num_res 
_struct_site_gen.label_comp_id 
_struct_site_gen.label_asym_id 
_struct_site_gen.label_seq_id 
_struct_site_gen.pdbx_auth_ins_code 
_struct_site_gen.auth_comp_id 
_struct_site_gen.auth_asym_id 
_struct_site_gen.auth_seq_id 
_struct_site_gen.label_atom_id 
_struct_site_gen.label_alt_id 
_struct_site_gen.symmetry 
_struct_site_gen.details 
1 AC1 9 HOH C .   ? HOH A 2   . ? 1_555 ? 
2 AC1 9 HOH C .   ? HOH A 5   . ? 1_555 ? 
3 AC1 9 HOH C .   ? HOH A 37  . ? 1_555 ? 
4 AC1 9 HIS A 66  ? HIS A 231 . ? 1_555 ? 
5 AC1 9 THR A 68  ? THR A 233 . ? 1_555 ? 
6 AC1 9 HIS A 145 ? HIS A 310 . ? 1_555 ? 
7 AC1 9 THR A 147 ? THR A 312 . ? 1_555 ? 
8 AC1 9 ALA A 156 ? ALA A 321 . ? 1_555 ? 
9 AC1 9 VAL A 157 ? VAL A 322 . ? 1_555 ? 
# 
_pdbx_validate_close_contact.id               1 
_pdbx_validate_close_contact.PDB_model_num    1 
_pdbx_validate_close_contact.auth_atom_id_1   N 
_pdbx_validate_close_contact.auth_asym_id_1   A 
_pdbx_validate_close_contact.auth_comp_id_1   LEU 
_pdbx_validate_close_contact.auth_seq_id_1    166 
_pdbx_validate_close_contact.PDB_ins_code_1   ? 
_pdbx_validate_close_contact.label_alt_id_1   ? 
_pdbx_validate_close_contact.auth_atom_id_2   O 
_pdbx_validate_close_contact.auth_asym_id_2   A 
_pdbx_validate_close_contact.auth_comp_id_2   HOH 
_pdbx_validate_close_contact.auth_seq_id_2    57 
_pdbx_validate_close_contact.PDB_ins_code_2   ? 
_pdbx_validate_close_contact.label_alt_id_2   ? 
_pdbx_validate_close_contact.dist             1.95 
# 
loop_
_pdbx_validate_torsion.id 
_pdbx_validate_torsion.PDB_model_num 
_pdbx_validate_torsion.auth_comp_id 
_pdbx_validate_torsion.auth_asym_id 
_pdbx_validate_torsion.auth_seq_id 
_pdbx_validate_torsion.PDB_ins_code 
_pdbx_validate_torsion.label_alt_id 
_pdbx_validate_torsion.phi 
_pdbx_validate_torsion.psi 
1 1 THR A 234 ? ? -99.18  -78.04 
2 1 SER A 339 ? ? -111.56 77.23  
3 1 ARG A 349 ? ? 84.52   -18.04 
# 
loop_
_pdbx_unobs_or_zero_occ_residues.id 
_pdbx_unobs_or_zero_occ_residues.PDB_model_num 
_pdbx_unobs_or_zero_occ_residues.polymer_flag 
_pdbx_unobs_or_zero_occ_residues.occupancy_flag 
_pdbx_unobs_or_zero_occ_residues.auth_asym_id 
_pdbx_unobs_or_zero_occ_residues.auth_comp_id 
_pdbx_unobs_or_zero_occ_residues.auth_seq_id 
_pdbx_unobs_or_zero_occ_residues.PDB_ins_code 
_pdbx_unobs_or_zero_occ_residues.label_asym_id 
_pdbx_unobs_or_zero_occ_residues.label_comp_id 
_pdbx_unobs_or_zero_occ_residues.label_seq_id 
1 1 Y 1 A GLY 209 ? A GLY 44 
2 1 Y 1 A ASP 210 ? A ASP 45 
3 1 Y 1 A GLU 211 ? A GLU 46 
4 1 Y 1 A PRO 212 ? A PRO 47 
5 1 Y 1 A ARG 213 ? A ARG 48 
# 
loop_
_chem_comp_atom.comp_id 
_chem_comp_atom.atom_id 
_chem_comp_atom.type_symbol 
_chem_comp_atom.pdbx_aromatic_flag 
_chem_comp_atom.pdbx_stereo_config 
_chem_comp_atom.pdbx_ordinal 
ALA N    N N N 1   
ALA CA   C N S 2   
ALA C    C N N 3   
ALA O    O N N 4   
ALA CB   C N N 5   
ALA OXT  O N N 6   
ALA H    H N N 7   
ALA H2   H N N 8   
ALA HA   H N N 9   
ALA HB1  H N N 10  
ALA HB2  H N N 11  
ALA HB3  H N N 12  
ALA HXT  H N N 13  
ARG N    N N N 14  
ARG CA   C N S 15  
ARG C    C N N 16  
ARG O    O N N 17  
ARG CB   C N N 18  
ARG CG   C N N 19  
ARG CD   C N N 20  
ARG NE   N N N 21  
ARG CZ   C N N 22  
ARG NH1  N N N 23  
ARG NH2  N N N 24  
ARG OXT  O N N 25  
ARG H    H N N 26  
ARG H2   H N N 27  
ARG HA   H N N 28  
ARG HB2  H N N 29  
ARG HB3  H N N 30  
ARG HG2  H N N 31  
ARG HG3  H N N 32  
ARG HD2  H N N 33  
ARG HD3  H N N 34  
ARG HE   H N N 35  
ARG HH11 H N N 36  
ARG HH12 H N N 37  
ARG HH21 H N N 38  
ARG HH22 H N N 39  
ARG HXT  H N N 40  
ASN N    N N N 41  
ASN CA   C N S 42  
ASN C    C N N 43  
ASN O    O N N 44  
ASN CB   C N N 45  
ASN CG   C N N 46  
ASN OD1  O N N 47  
ASN ND2  N N N 48  
ASN OXT  O N N 49  
ASN H    H N N 50  
ASN H2   H N N 51  
ASN HA   H N N 52  
ASN HB2  H N N 53  
ASN HB3  H N N 54  
ASN HD21 H N N 55  
ASN HD22 H N N 56  
ASN HXT  H N N 57  
ASP N    N N N 58  
ASP CA   C N S 59  
ASP C    C N N 60  
ASP O    O N N 61  
ASP CB   C N N 62  
ASP CG   C N N 63  
ASP OD1  O N N 64  
ASP OD2  O N N 65  
ASP OXT  O N N 66  
ASP H    H N N 67  
ASP H2   H N N 68  
ASP HA   H N N 69  
ASP HB2  H N N 70  
ASP HB3  H N N 71  
ASP HD2  H N N 72  
ASP HXT  H N N 73  
CYS N    N N N 74  
CYS CA   C N R 75  
CYS C    C N N 76  
CYS O    O N N 77  
CYS CB   C N N 78  
CYS SG   S N N 79  
CYS OXT  O N N 80  
CYS H    H N N 81  
CYS H2   H N N 82  
CYS HA   H N N 83  
CYS HB2  H N N 84  
CYS HB3  H N N 85  
CYS HG   H N N 86  
CYS HXT  H N N 87  
GLN N    N N N 88  
GLN CA   C N S 89  
GLN C    C N N 90  
GLN O    O N N 91  
GLN CB   C N N 92  
GLN CG   C N N 93  
GLN CD   C N N 94  
GLN OE1  O N N 95  
GLN NE2  N N N 96  
GLN OXT  O N N 97  
GLN H    H N N 98  
GLN H2   H N N 99  
GLN HA   H N N 100 
GLN HB2  H N N 101 
GLN HB3  H N N 102 
GLN HG2  H N N 103 
GLN HG3  H N N 104 
GLN HE21 H N N 105 
GLN HE22 H N N 106 
GLN HXT  H N N 107 
GLU N    N N N 108 
GLU CA   C N S 109 
GLU C    C N N 110 
GLU O    O N N 111 
GLU CB   C N N 112 
GLU CG   C N N 113 
GLU CD   C N N 114 
GLU OE1  O N N 115 
GLU OE2  O N N 116 
GLU OXT  O N N 117 
GLU H    H N N 118 
GLU H2   H N N 119 
GLU HA   H N N 120 
GLU HB2  H N N 121 
GLU HB3  H N N 122 
GLU HG2  H N N 123 
GLU HG3  H N N 124 
GLU HE2  H N N 125 
GLU HXT  H N N 126 
GLY N    N N N 127 
GLY CA   C N N 128 
GLY C    C N N 129 
GLY O    O N N 130 
GLY OXT  O N N 131 
GLY H    H N N 132 
GLY H2   H N N 133 
GLY HA2  H N N 134 
GLY HA3  H N N 135 
GLY HXT  H N N 136 
HIS N    N N N 137 
HIS CA   C N S 138 
HIS C    C N N 139 
HIS O    O N N 140 
HIS CB   C N N 141 
HIS CG   C Y N 142 
HIS ND1  N Y N 143 
HIS CD2  C Y N 144 
HIS CE1  C Y N 145 
HIS NE2  N Y N 146 
HIS OXT  O N N 147 
HIS H    H N N 148 
HIS H2   H N N 149 
HIS HA   H N N 150 
HIS HB2  H N N 151 
HIS HB3  H N N 152 
HIS HD1  H N N 153 
HIS HD2  H N N 154 
HIS HE1  H N N 155 
HIS HE2  H N N 156 
HIS HXT  H N N 157 
HOH O    O N N 158 
HOH H1   H N N 159 
HOH H2   H N N 160 
ILE N    N N N 161 
ILE CA   C N S 162 
ILE C    C N N 163 
ILE O    O N N 164 
ILE CB   C N S 165 
ILE CG1  C N N 166 
ILE CG2  C N N 167 
ILE CD1  C N N 168 
ILE OXT  O N N 169 
ILE H    H N N 170 
ILE H2   H N N 171 
ILE HA   H N N 172 
ILE HB   H N N 173 
ILE HG12 H N N 174 
ILE HG13 H N N 175 
ILE HG21 H N N 176 
ILE HG22 H N N 177 
ILE HG23 H N N 178 
ILE HD11 H N N 179 
ILE HD12 H N N 180 
ILE HD13 H N N 181 
ILE HXT  H N N 182 
LEU N    N N N 183 
LEU CA   C N S 184 
LEU C    C N N 185 
LEU O    O N N 186 
LEU CB   C N N 187 
LEU CG   C N N 188 
LEU CD1  C N N 189 
LEU CD2  C N N 190 
LEU OXT  O N N 191 
LEU H    H N N 192 
LEU H2   H N N 193 
LEU HA   H N N 194 
LEU HB2  H N N 195 
LEU HB3  H N N 196 
LEU HG   H N N 197 
LEU HD11 H N N 198 
LEU HD12 H N N 199 
LEU HD13 H N N 200 
LEU HD21 H N N 201 
LEU HD22 H N N 202 
LEU HD23 H N N 203 
LEU HXT  H N N 204 
LYS N    N N N 205 
LYS CA   C N S 206 
LYS C    C N N 207 
LYS O    O N N 208 
LYS CB   C N N 209 
LYS CG   C N N 210 
LYS CD   C N N 211 
LYS CE   C N N 212 
LYS NZ   N N N 213 
LYS OXT  O N N 214 
LYS H    H N N 215 
LYS H2   H N N 216 
LYS HA   H N N 217 
LYS HB2  H N N 218 
LYS HB3  H N N 219 
LYS HG2  H N N 220 
LYS HG3  H N N 221 
LYS HD2  H N N 222 
LYS HD3  H N N 223 
LYS HE2  H N N 224 
LYS HE3  H N N 225 
LYS HZ1  H N N 226 
LYS HZ2  H N N 227 
LYS HZ3  H N N 228 
LYS HXT  H N N 229 
MET N    N N N 230 
MET CA   C N S 231 
MET C    C N N 232 
MET O    O N N 233 
MET CB   C N N 234 
MET CG   C N N 235 
MET SD   S N N 236 
MET CE   C N N 237 
MET OXT  O N N 238 
MET H    H N N 239 
MET H2   H N N 240 
MET HA   H N N 241 
MET HB2  H N N 242 
MET HB3  H N N 243 
MET HG2  H N N 244 
MET HG3  H N N 245 
MET HE1  H N N 246 
MET HE2  H N N 247 
MET HE3  H N N 248 
MET HXT  H N N 249 
PHE N    N N N 250 
PHE CA   C N S 251 
PHE C    C N N 252 
PHE O    O N N 253 
PHE CB   C N N 254 
PHE CG   C Y N 255 
PHE CD1  C Y N 256 
PHE CD2  C Y N 257 
PHE CE1  C Y N 258 
PHE CE2  C Y N 259 
PHE CZ   C Y N 260 
PHE OXT  O N N 261 
PHE H    H N N 262 
PHE H2   H N N 263 
PHE HA   H N N 264 
PHE HB2  H N N 265 
PHE HB3  H N N 266 
PHE HD1  H N N 267 
PHE HD2  H N N 268 
PHE HE1  H N N 269 
PHE HE2  H N N 270 
PHE HZ   H N N 271 
PHE HXT  H N N 272 
PO4 P    P N N 273 
PO4 O1   O N N 274 
PO4 O2   O N N 275 
PO4 O3   O N N 276 
PO4 O4   O N N 277 
PRO N    N N N 278 
PRO CA   C N S 279 
PRO C    C N N 280 
PRO O    O N N 281 
PRO CB   C N N 282 
PRO CG   C N N 283 
PRO CD   C N N 284 
PRO OXT  O N N 285 
PRO H    H N N 286 
PRO HA   H N N 287 
PRO HB2  H N N 288 
PRO HB3  H N N 289 
PRO HG2  H N N 290 
PRO HG3  H N N 291 
PRO HD2  H N N 292 
PRO HD3  H N N 293 
PRO HXT  H N N 294 
SER N    N N N 295 
SER CA   C N S 296 
SER C    C N N 297 
SER O    O N N 298 
SER CB   C N N 299 
SER OG   O N N 300 
SER OXT  O N N 301 
SER H    H N N 302 
SER H2   H N N 303 
SER HA   H N N 304 
SER HB2  H N N 305 
SER HB3  H N N 306 
SER HG   H N N 307 
SER HXT  H N N 308 
THR N    N N N 309 
THR CA   C N S 310 
THR C    C N N 311 
THR O    O N N 312 
THR CB   C N R 313 
THR OG1  O N N 314 
THR CG2  C N N 315 
THR OXT  O N N 316 
THR H    H N N 317 
THR H2   H N N 318 
THR HA   H N N 319 
THR HB   H N N 320 
THR HG1  H N N 321 
THR HG21 H N N 322 
THR HG22 H N N 323 
THR HG23 H N N 324 
THR HXT  H N N 325 
TRP N    N N N 326 
TRP CA   C N S 327 
TRP C    C N N 328 
TRP O    O N N 329 
TRP CB   C N N 330 
TRP CG   C Y N 331 
TRP CD1  C Y N 332 
TRP CD2  C Y N 333 
TRP NE1  N Y N 334 
TRP CE2  C Y N 335 
TRP CE3  C Y N 336 
TRP CZ2  C Y N 337 
TRP CZ3  C Y N 338 
TRP CH2  C Y N 339 
TRP OXT  O N N 340 
TRP H    H N N 341 
TRP H2   H N N 342 
TRP HA   H N N 343 
TRP HB2  H N N 344 
TRP HB3  H N N 345 
TRP HD1  H N N 346 
TRP HE1  H N N 347 
TRP HE3  H N N 348 
TRP HZ2  H N N 349 
TRP HZ3  H N N 350 
TRP HH2  H N N 351 
TRP HXT  H N N 352 
TYR N    N N N 353 
TYR CA   C N S 354 
TYR C    C N N 355 
TYR O    O N N 356 
TYR CB   C N N 357 
TYR CG   C Y N 358 
TYR CD1  C Y N 359 
TYR CD2  C Y N 360 
TYR CE1  C Y N 361 
TYR CE2  C Y N 362 
TYR CZ   C Y N 363 
TYR OH   O N N 364 
TYR OXT  O N N 365 
TYR H    H N N 366 
TYR H2   H N N 367 
TYR HA   H N N 368 
TYR HB2  H N N 369 
TYR HB3  H N N 370 
TYR HD1  H N N 371 
TYR HD2  H N N 372 
TYR HE1  H N N 373 
TYR HE2  H N N 374 
TYR HH   H N N 375 
TYR HXT  H N N 376 
VAL N    N N N 377 
VAL CA   C N S 378 
VAL C    C N N 379 
VAL O    O N N 380 
VAL CB   C N N 381 
VAL CG1  C N N 382 
VAL CG2  C N N 383 
VAL OXT  O N N 384 
VAL H    H N N 385 
VAL H2   H N N 386 
VAL HA   H N N 387 
VAL HB   H N N 388 
VAL HG11 H N N 389 
VAL HG12 H N N 390 
VAL HG13 H N N 391 
VAL HG21 H N N 392 
VAL HG22 H N N 393 
VAL HG23 H N N 394 
VAL HXT  H N N 395 
# 
loop_
_chem_comp_bond.comp_id 
_chem_comp_bond.atom_id_1 
_chem_comp_bond.atom_id_2 
_chem_comp_bond.value_order 
_chem_comp_bond.pdbx_aromatic_flag 
_chem_comp_bond.pdbx_stereo_config 
_chem_comp_bond.pdbx_ordinal 
ALA N   CA   sing N N 1   
ALA N   H    sing N N 2   
ALA N   H2   sing N N 3   
ALA CA  C    sing N N 4   
ALA CA  CB   sing N N 5   
ALA CA  HA   sing N N 6   
ALA C   O    doub N N 7   
ALA C   OXT  sing N N 8   
ALA CB  HB1  sing N N 9   
ALA CB  HB2  sing N N 10  
ALA CB  HB3  sing N N 11  
ALA OXT HXT  sing N N 12  
ARG N   CA   sing N N 13  
ARG N   H    sing N N 14  
ARG N   H2   sing N N 15  
ARG CA  C    sing N N 16  
ARG CA  CB   sing N N 17  
ARG CA  HA   sing N N 18  
ARG C   O    doub N N 19  
ARG C   OXT  sing N N 20  
ARG CB  CG   sing N N 21  
ARG CB  HB2  sing N N 22  
ARG CB  HB3  sing N N 23  
ARG CG  CD   sing N N 24  
ARG CG  HG2  sing N N 25  
ARG CG  HG3  sing N N 26  
ARG CD  NE   sing N N 27  
ARG CD  HD2  sing N N 28  
ARG CD  HD3  sing N N 29  
ARG NE  CZ   sing N N 30  
ARG NE  HE   sing N N 31  
ARG CZ  NH1  sing N N 32  
ARG CZ  NH2  doub N N 33  
ARG NH1 HH11 sing N N 34  
ARG NH1 HH12 sing N N 35  
ARG NH2 HH21 sing N N 36  
ARG NH2 HH22 sing N N 37  
ARG OXT HXT  sing N N 38  
ASN N   CA   sing N N 39  
ASN N   H    sing N N 40  
ASN N   H2   sing N N 41  
ASN CA  C    sing N N 42  
ASN CA  CB   sing N N 43  
ASN CA  HA   sing N N 44  
ASN C   O    doub N N 45  
ASN C   OXT  sing N N 46  
ASN CB  CG   sing N N 47  
ASN CB  HB2  sing N N 48  
ASN CB  HB3  sing N N 49  
ASN CG  OD1  doub N N 50  
ASN CG  ND2  sing N N 51  
ASN ND2 HD21 sing N N 52  
ASN ND2 HD22 sing N N 53  
ASN OXT HXT  sing N N 54  
ASP N   CA   sing N N 55  
ASP N   H    sing N N 56  
ASP N   H2   sing N N 57  
ASP CA  C    sing N N 58  
ASP CA  CB   sing N N 59  
ASP CA  HA   sing N N 60  
ASP C   O    doub N N 61  
ASP C   OXT  sing N N 62  
ASP CB  CG   sing N N 63  
ASP CB  HB2  sing N N 64  
ASP CB  HB3  sing N N 65  
ASP CG  OD1  doub N N 66  
ASP CG  OD2  sing N N 67  
ASP OD2 HD2  sing N N 68  
ASP OXT HXT  sing N N 69  
CYS N   CA   sing N N 70  
CYS N   H    sing N N 71  
CYS N   H2   sing N N 72  
CYS CA  C    sing N N 73  
CYS CA  CB   sing N N 74  
CYS CA  HA   sing N N 75  
CYS C   O    doub N N 76  
CYS C   OXT  sing N N 77  
CYS CB  SG   sing N N 78  
CYS CB  HB2  sing N N 79  
CYS CB  HB3  sing N N 80  
CYS SG  HG   sing N N 81  
CYS OXT HXT  sing N N 82  
GLN N   CA   sing N N 83  
GLN N   H    sing N N 84  
GLN N   H2   sing N N 85  
GLN CA  C    sing N N 86  
GLN CA  CB   sing N N 87  
GLN CA  HA   sing N N 88  
GLN C   O    doub N N 89  
GLN C   OXT  sing N N 90  
GLN CB  CG   sing N N 91  
GLN CB  HB2  sing N N 92  
GLN CB  HB3  sing N N 93  
GLN CG  CD   sing N N 94  
GLN CG  HG2  sing N N 95  
GLN CG  HG3  sing N N 96  
GLN CD  OE1  doub N N 97  
GLN CD  NE2  sing N N 98  
GLN NE2 HE21 sing N N 99  
GLN NE2 HE22 sing N N 100 
GLN OXT HXT  sing N N 101 
GLU N   CA   sing N N 102 
GLU N   H    sing N N 103 
GLU N   H2   sing N N 104 
GLU CA  C    sing N N 105 
GLU CA  CB   sing N N 106 
GLU CA  HA   sing N N 107 
GLU C   O    doub N N 108 
GLU C   OXT  sing N N 109 
GLU CB  CG   sing N N 110 
GLU CB  HB2  sing N N 111 
GLU CB  HB3  sing N N 112 
GLU CG  CD   sing N N 113 
GLU CG  HG2  sing N N 114 
GLU CG  HG3  sing N N 115 
GLU CD  OE1  doub N N 116 
GLU CD  OE2  sing N N 117 
GLU OE2 HE2  sing N N 118 
GLU OXT HXT  sing N N 119 
GLY N   CA   sing N N 120 
GLY N   H    sing N N 121 
GLY N   H2   sing N N 122 
GLY CA  C    sing N N 123 
GLY CA  HA2  sing N N 124 
GLY CA  HA3  sing N N 125 
GLY C   O    doub N N 126 
GLY C   OXT  sing N N 127 
GLY OXT HXT  sing N N 128 
HIS N   CA   sing N N 129 
HIS N   H    sing N N 130 
HIS N   H2   sing N N 131 
HIS CA  C    sing N N 132 
HIS CA  CB   sing N N 133 
HIS CA  HA   sing N N 134 
HIS C   O    doub N N 135 
HIS C   OXT  sing N N 136 
HIS CB  CG   sing N N 137 
HIS CB  HB2  sing N N 138 
HIS CB  HB3  sing N N 139 
HIS CG  ND1  sing Y N 140 
HIS CG  CD2  doub Y N 141 
HIS ND1 CE1  doub Y N 142 
HIS ND1 HD1  sing N N 143 
HIS CD2 NE2  sing Y N 144 
HIS CD2 HD2  sing N N 145 
HIS CE1 NE2  sing Y N 146 
HIS CE1 HE1  sing N N 147 
HIS NE2 HE2  sing N N 148 
HIS OXT HXT  sing N N 149 
HOH O   H1   sing N N 150 
HOH O   H2   sing N N 151 
ILE N   CA   sing N N 152 
ILE N   H    sing N N 153 
ILE N   H2   sing N N 154 
ILE CA  C    sing N N 155 
ILE CA  CB   sing N N 156 
ILE CA  HA   sing N N 157 
ILE C   O    doub N N 158 
ILE C   OXT  sing N N 159 
ILE CB  CG1  sing N N 160 
ILE CB  CG2  sing N N 161 
ILE CB  HB   sing N N 162 
ILE CG1 CD1  sing N N 163 
ILE CG1 HG12 sing N N 164 
ILE CG1 HG13 sing N N 165 
ILE CG2 HG21 sing N N 166 
ILE CG2 HG22 sing N N 167 
ILE CG2 HG23 sing N N 168 
ILE CD1 HD11 sing N N 169 
ILE CD1 HD12 sing N N 170 
ILE CD1 HD13 sing N N 171 
ILE OXT HXT  sing N N 172 
LEU N   CA   sing N N 173 
LEU N   H    sing N N 174 
LEU N   H2   sing N N 175 
LEU CA  C    sing N N 176 
LEU CA  CB   sing N N 177 
LEU CA  HA   sing N N 178 
LEU C   O    doub N N 179 
LEU C   OXT  sing N N 180 
LEU CB  CG   sing N N 181 
LEU CB  HB2  sing N N 182 
LEU CB  HB3  sing N N 183 
LEU CG  CD1  sing N N 184 
LEU CG  CD2  sing N N 185 
LEU CG  HG   sing N N 186 
LEU CD1 HD11 sing N N 187 
LEU CD1 HD12 sing N N 188 
LEU CD1 HD13 sing N N 189 
LEU CD2 HD21 sing N N 190 
LEU CD2 HD22 sing N N 191 
LEU CD2 HD23 sing N N 192 
LEU OXT HXT  sing N N 193 
LYS N   CA   sing N N 194 
LYS N   H    sing N N 195 
LYS N   H2   sing N N 196 
LYS CA  C    sing N N 197 
LYS CA  CB   sing N N 198 
LYS CA  HA   sing N N 199 
LYS C   O    doub N N 200 
LYS C   OXT  sing N N 201 
LYS CB  CG   sing N N 202 
LYS CB  HB2  sing N N 203 
LYS CB  HB3  sing N N 204 
LYS CG  CD   sing N N 205 
LYS CG  HG2  sing N N 206 
LYS CG  HG3  sing N N 207 
LYS CD  CE   sing N N 208 
LYS CD  HD2  sing N N 209 
LYS CD  HD3  sing N N 210 
LYS CE  NZ   sing N N 211 
LYS CE  HE2  sing N N 212 
LYS CE  HE3  sing N N 213 
LYS NZ  HZ1  sing N N 214 
LYS NZ  HZ2  sing N N 215 
LYS NZ  HZ3  sing N N 216 
LYS OXT HXT  sing N N 217 
MET N   CA   sing N N 218 
MET N   H    sing N N 219 
MET N   H2   sing N N 220 
MET CA  C    sing N N 221 
MET CA  CB   sing N N 222 
MET CA  HA   sing N N 223 
MET C   O    doub N N 224 
MET C   OXT  sing N N 225 
MET CB  CG   sing N N 226 
MET CB  HB2  sing N N 227 
MET CB  HB3  sing N N 228 
MET CG  SD   sing N N 229 
MET CG  HG2  sing N N 230 
MET CG  HG3  sing N N 231 
MET SD  CE   sing N N 232 
MET CE  HE1  sing N N 233 
MET CE  HE2  sing N N 234 
MET CE  HE3  sing N N 235 
MET OXT HXT  sing N N 236 
PHE N   CA   sing N N 237 
PHE N   H    sing N N 238 
PHE N   H2   sing N N 239 
PHE CA  C    sing N N 240 
PHE CA  CB   sing N N 241 
PHE CA  HA   sing N N 242 
PHE C   O    doub N N 243 
PHE C   OXT  sing N N 244 
PHE CB  CG   sing N N 245 
PHE CB  HB2  sing N N 246 
PHE CB  HB3  sing N N 247 
PHE CG  CD1  doub Y N 248 
PHE CG  CD2  sing Y N 249 
PHE CD1 CE1  sing Y N 250 
PHE CD1 HD1  sing N N 251 
PHE CD2 CE2  doub Y N 252 
PHE CD2 HD2  sing N N 253 
PHE CE1 CZ   doub Y N 254 
PHE CE1 HE1  sing N N 255 
PHE CE2 CZ   sing Y N 256 
PHE CE2 HE2  sing N N 257 
PHE CZ  HZ   sing N N 258 
PHE OXT HXT  sing N N 259 
PO4 P   O1   doub N N 260 
PO4 P   O2   sing N N 261 
PO4 P   O3   sing N N 262 
PO4 P   O4   sing N N 263 
PRO N   CA   sing N N 264 
PRO N   CD   sing N N 265 
PRO N   H    sing N N 266 
PRO CA  C    sing N N 267 
PRO CA  CB   sing N N 268 
PRO CA  HA   sing N N 269 
PRO C   O    doub N N 270 
PRO C   OXT  sing N N 271 
PRO CB  CG   sing N N 272 
PRO CB  HB2  sing N N 273 
PRO CB  HB3  sing N N 274 
PRO CG  CD   sing N N 275 
PRO CG  HG2  sing N N 276 
PRO CG  HG3  sing N N 277 
PRO CD  HD2  sing N N 278 
PRO CD  HD3  sing N N 279 
PRO OXT HXT  sing N N 280 
SER N   CA   sing N N 281 
SER N   H    sing N N 282 
SER N   H2   sing N N 283 
SER CA  C    sing N N 284 
SER CA  CB   sing N N 285 
SER CA  HA   sing N N 286 
SER C   O    doub N N 287 
SER C   OXT  sing N N 288 
SER CB  OG   sing N N 289 
SER CB  HB2  sing N N 290 
SER CB  HB3  sing N N 291 
SER OG  HG   sing N N 292 
SER OXT HXT  sing N N 293 
THR N   CA   sing N N 294 
THR N   H    sing N N 295 
THR N   H2   sing N N 296 
THR CA  C    sing N N 297 
THR CA  CB   sing N N 298 
THR CA  HA   sing N N 299 
THR C   O    doub N N 300 
THR C   OXT  sing N N 301 
THR CB  OG1  sing N N 302 
THR CB  CG2  sing N N 303 
THR CB  HB   sing N N 304 
THR OG1 HG1  sing N N 305 
THR CG2 HG21 sing N N 306 
THR CG2 HG22 sing N N 307 
THR CG2 HG23 sing N N 308 
THR OXT HXT  sing N N 309 
TRP N   CA   sing N N 310 
TRP N   H    sing N N 311 
TRP N   H2   sing N N 312 
TRP CA  C    sing N N 313 
TRP CA  CB   sing N N 314 
TRP CA  HA   sing N N 315 
TRP C   O    doub N N 316 
TRP C   OXT  sing N N 317 
TRP CB  CG   sing N N 318 
TRP CB  HB2  sing N N 319 
TRP CB  HB3  sing N N 320 
TRP CG  CD1  doub Y N 321 
TRP CG  CD2  sing Y N 322 
TRP CD1 NE1  sing Y N 323 
TRP CD1 HD1  sing N N 324 
TRP CD2 CE2  doub Y N 325 
TRP CD2 CE3  sing Y N 326 
TRP NE1 CE2  sing Y N 327 
TRP NE1 HE1  sing N N 328 
TRP CE2 CZ2  sing Y N 329 
TRP CE3 CZ3  doub Y N 330 
TRP CE3 HE3  sing N N 331 
TRP CZ2 CH2  doub Y N 332 
TRP CZ2 HZ2  sing N N 333 
TRP CZ3 CH2  sing Y N 334 
TRP CZ3 HZ3  sing N N 335 
TRP CH2 HH2  sing N N 336 
TRP OXT HXT  sing N N 337 
TYR N   CA   sing N N 338 
TYR N   H    sing N N 339 
TYR N   H2   sing N N 340 
TYR CA  C    sing N N 341 
TYR CA  CB   sing N N 342 
TYR CA  HA   sing N N 343 
TYR C   O    doub N N 344 
TYR C   OXT  sing N N 345 
TYR CB  CG   sing N N 346 
TYR CB  HB2  sing N N 347 
TYR CB  HB3  sing N N 348 
TYR CG  CD1  doub Y N 349 
TYR CG  CD2  sing Y N 350 
TYR CD1 CE1  sing Y N 351 
TYR CD1 HD1  sing N N 352 
TYR CD2 CE2  doub Y N 353 
TYR CD2 HD2  sing N N 354 
TYR CE1 CZ   doub Y N 355 
TYR CE1 HE1  sing N N 356 
TYR CE2 CZ   sing Y N 357 
TYR CE2 HE2  sing N N 358 
TYR CZ  OH   sing N N 359 
TYR OH  HH   sing N N 360 
TYR OXT HXT  sing N N 361 
VAL N   CA   sing N N 362 
VAL N   H    sing N N 363 
VAL N   H2   sing N N 364 
VAL CA  C    sing N N 365 
VAL CA  CB   sing N N 366 
VAL CA  HA   sing N N 367 
VAL C   O    doub N N 368 
VAL C   OXT  sing N N 369 
VAL CB  CG1  sing N N 370 
VAL CB  CG2  sing N N 371 
VAL CB  HB   sing N N 372 
VAL CG1 HG11 sing N N 373 
VAL CG1 HG12 sing N N 374 
VAL CG1 HG13 sing N N 375 
VAL CG2 HG21 sing N N 376 
VAL CG2 HG22 sing N N 377 
VAL CG2 HG23 sing N N 378 
VAL OXT HXT  sing N N 379 
# 
_atom_sites.entry_id                    1WOJ 
_atom_sites.fract_transf_matrix[1][1]   0.02102874 
_atom_sites.fract_transf_matrix[1][2]   0.00301855 
_atom_sites.fract_transf_matrix[1][3]   -0.00750210 
_atom_sites.fract_transf_matrix[2][1]   -0.00099775 
_atom_sites.fract_transf_matrix[2][2]   0.01753003 
_atom_sites.fract_transf_matrix[2][3]   0.00425665 
_atom_sites.fract_transf_matrix[3][1]   0.00450302 
_atom_sites.fract_transf_matrix[3][2]   -0.00255864 
_atom_sites.fract_transf_matrix[3][3]   0.01159267 
_atom_sites.fract_transf_vector[1]      0.557125 
_atom_sites.fract_transf_vector[2]      0.577404 
_atom_sites.fract_transf_vector[3]      0.107646 
# 
loop_
_atom_type.symbol 
C 
N 
O 
P 
S 
# 
loop_
_atom_site.group_PDB 
_atom_site.id 
_atom_site.type_symbol 
_atom_site.label_atom_id 
_atom_site.label_alt_id 
_atom_site.label_comp_id 
_atom_site.label_asym_id 
_atom_site.label_entity_id 
_atom_site.label_seq_id 
_atom_site.pdbx_PDB_ins_code 
_atom_site.Cartn_x 
_atom_site.Cartn_y 
_atom_site.Cartn_z 
_atom_site.occupancy 
_atom_site.B_iso_or_equiv 
_atom_site.pdbx_formal_charge 
_atom_site.auth_seq_id 
_atom_site.auth_comp_id 
_atom_site.auth_asym_id 
_atom_site.auth_atom_id 
_atom_site.pdbx_PDB_model_num 
ATOM   1    N N   . LEU A 1 1   ? -13.769 3.724   -20.662 1.00 21.54 ? 166 LEU A N   1 
ATOM   2    C CA  . LEU A 1 1   ? -13.240 3.051   -19.440 1.00 20.56 ? 166 LEU A CA  1 
ATOM   3    C C   . LEU A 1 1   ? -12.496 4.042   -18.567 1.00 19.24 ? 166 LEU A C   1 
ATOM   4    O O   . LEU A 1 1   ? -12.011 5.063   -19.052 1.00 18.42 ? 166 LEU A O   1 
ATOM   5    C CB  . LEU A 1 1   ? -12.311 1.918   -19.837 1.00 21.09 ? 166 LEU A CB  1 
ATOM   6    C CG  . LEU A 1 1   ? -13.031 0.765   -20.539 1.00 23.37 ? 166 LEU A CG  1 
ATOM   7    C CD1 . LEU A 1 1   ? -12.006 -0.161  -21.149 1.00 24.84 ? 166 LEU A CD1 1 
ATOM   8    C CD2 . LEU A 1 1   ? -13.939 0.025   -19.578 1.00 24.76 ? 166 LEU A CD2 1 
ATOM   9    N N   . PRO A 1 2   ? -12.390 3.743   -17.274 1.00 17.61 ? 167 PRO A N   1 
ATOM   10   C CA  . PRO A 1 2   ? -11.652 4.617   -16.361 1.00 16.66 ? 167 PRO A CA  1 
ATOM   11   C C   . PRO A 1 2   ? -10.152 4.547   -16.561 1.00 15.94 ? 167 PRO A C   1 
ATOM   12   O O   . PRO A 1 2   ? -9.638  3.712   -17.317 1.00 15.99 ? 167 PRO A O   1 
ATOM   13   C CB  . PRO A 1 2   ? -12.025 4.081   -14.976 1.00 16.42 ? 167 PRO A CB  1 
ATOM   14   C CG  . PRO A 1 2   ? -12.330 2.646   -15.207 1.00 17.31 ? 167 PRO A CG  1 
ATOM   15   C CD  . PRO A 1 2   ? -12.968 2.581   -16.574 1.00 17.92 ? 167 PRO A CD  1 
ATOM   16   N N   . LEU A 1 3   ? -9.452  5.443   -15.888 1.00 15.25 ? 168 LEU A N   1 
ATOM   17   C CA  . LEU A 1 3   ? -8.016  5.307   -15.705 1.00 15.18 ? 168 LEU A CA  1 
ATOM   18   C C   . LEU A 1 3   ? -7.700  4.048   -14.900 1.00 14.75 ? 168 LEU A C   1 
ATOM   19   O O   . LEU A 1 3   ? -6.803  3.294   -15.243 1.00 15.70 ? 168 LEU A O   1 
ATOM   20   C CB  . LEU A 1 3   ? -7.465  6.536   -14.987 1.00 15.75 ? 168 LEU A CB  1 
ATOM   21   C CG  . LEU A 1 3   ? -5.947  6.597   -14.817 1.00 16.90 ? 168 LEU A CG  1 
ATOM   22   C CD1 . LEU A 1 3   ? -5.247  6.703   -16.161 1.00 18.86 ? 168 LEU A CD1 1 
ATOM   23   C CD2 . LEU A 1 3   ? -5.584  7.783   -13.951 1.00 19.67 ? 168 LEU A CD2 1 
ATOM   24   N N   . TYR A 1 4   ? -8.430  3.834   -13.814 1.00 14.04 ? 169 TYR A N   1 
ATOM   25   C CA  . TYR A 1 4   ? -8.317  2.583   -13.064 1.00 13.31 ? 169 TYR A CA  1 
ATOM   26   C C   . TYR A 1 4   ? -9.575  2.353   -12.235 1.00 13.22 ? 169 TYR A C   1 
ATOM   27   O O   . TYR A 1 4   ? -10.339 3.284   -11.979 1.00 12.38 ? 169 TYR A O   1 
ATOM   28   C CB  . TYR A 1 4   ? -7.044  2.547   -12.181 1.00 13.03 ? 169 TYR A CB  1 
ATOM   29   C CG  . TYR A 1 4   ? -6.907  3.651   -11.152 1.00 14.05 ? 169 TYR A CG  1 
ATOM   30   C CD1 . TYR A 1 4   ? -7.556  3.577   -9.922  1.00 14.28 ? 169 TYR A CD1 1 
ATOM   31   C CD2 . TYR A 1 4   ? -6.112  4.769   -11.404 1.00 16.01 ? 169 TYR A CD2 1 
ATOM   32   C CE1 . TYR A 1 4   ? -7.421  4.587   -8.978  1.00 16.06 ? 169 TYR A CE1 1 
ATOM   33   C CE2 . TYR A 1 4   ? -5.980  5.790   -10.458 1.00 18.18 ? 169 TYR A CE2 1 
ATOM   34   C CZ  . TYR A 1 4   ? -6.639  5.688   -9.255  1.00 18.47 ? 169 TYR A CZ  1 
ATOM   35   O OH  . TYR A 1 4   ? -6.510  6.703   -8.319  1.00 22.11 ? 169 TYR A OH  1 
ATOM   36   N N   . PHE A 1 5   ? -9.796  1.096   -11.877 1.00 12.60 ? 170 PHE A N   1 
ATOM   37   C CA  . PHE A 1 5   ? -10.810 0.718   -10.908 1.00 12.92 ? 170 PHE A CA  1 
ATOM   38   C C   . PHE A 1 5   ? -10.156 0.522   -9.556  1.00 12.63 ? 170 PHE A C   1 
ATOM   39   O O   . PHE A 1 5   ? -8.953  0.303   -9.453  1.00 13.17 ? 170 PHE A O   1 
ATOM   40   C CB  . PHE A 1 5   ? -11.454 -0.610  -11.302 1.00 13.70 ? 170 PHE A CB  1 
ATOM   41   C CG  . PHE A 1 5   ? -12.318 -0.540  -12.513 1.00 13.66 ? 170 PHE A CG  1 
ATOM   42   C CD1 . PHE A 1 5   ? -13.639 -0.139  -12.418 1.00 16.04 ? 170 PHE A CD1 1 
ATOM   43   C CD2 . PHE A 1 5   ? -11.829 -0.931  -13.752 1.00 16.75 ? 170 PHE A CD2 1 
ATOM   44   C CE1 . PHE A 1 5   ? -14.455 -0.104  -13.549 1.00 16.62 ? 170 PHE A CE1 1 
ATOM   45   C CE2 . PHE A 1 5   ? -12.637 -0.906  -14.877 1.00 16.53 ? 170 PHE A CE2 1 
ATOM   46   C CZ  . PHE A 1 5   ? -13.949 -0.486  -14.775 1.00 16.31 ? 170 PHE A CZ  1 
ATOM   47   N N   . GLY A 1 6   ? -10.962 0.568   -8.508  1.00 13.08 ? 171 GLY A N   1 
ATOM   48   C CA  . GLY A 1 6   ? -10.468 0.283   -7.184  1.00 13.22 ? 171 GLY A CA  1 
ATOM   49   C C   . GLY A 1 6   ? -11.492 0.573   -6.121  1.00 13.15 ? 171 GLY A C   1 
ATOM   50   O O   . GLY A 1 6   ? -12.623 0.977   -6.421  1.00 12.60 ? 171 GLY A O   1 
ATOM   51   N N   . TRP A 1 7   ? -11.074 0.356   -4.885  1.00 12.88 ? 172 TRP A N   1 
ATOM   52   C CA  . TRP A 1 7   ? -11.844 0.682   -3.699  1.00 13.30 ? 172 TRP A CA  1 
ATOM   53   C C   . TRP A 1 7   ? -11.444 2.048   -3.156  1.00 13.49 ? 172 TRP A C   1 
ATOM   54   O O   . TRP A 1 7   ? -10.280 2.272   -2.801  1.00 13.76 ? 172 TRP A O   1 
ATOM   55   C CB  . TRP A 1 7   ? -11.613 -0.373  -2.618  1.00 13.51 ? 172 TRP A CB  1 
ATOM   56   C CG  . TRP A 1 7   ? -12.183 -1.716  -2.946  1.00 14.19 ? 172 TRP A CG  1 
ATOM   57   C CD1 . TRP A 1 7   ? -13.500 -2.072  -2.931  1.00 15.09 ? 172 TRP A CD1 1 
ATOM   58   C CD2 . TRP A 1 7   ? -11.458 -2.888  -3.316  1.00 14.16 ? 172 TRP A CD2 1 
ATOM   59   N NE1 . TRP A 1 7   ? -13.638 -3.391  -3.279  1.00 14.94 ? 172 TRP A NE1 1 
ATOM   60   C CE2 . TRP A 1 7   ? -12.398 -3.917  -3.523  1.00 14.98 ? 172 TRP A CE2 1 
ATOM   61   C CE3 . TRP A 1 7   ? -10.100 -3.179  -3.497  1.00 14.18 ? 172 TRP A CE3 1 
ATOM   62   C CZ2 . TRP A 1 7   ? -12.027 -5.209  -3.884  1.00 14.53 ? 172 TRP A CZ2 1 
ATOM   63   C CZ3 . TRP A 1 7   ? -9.733  -4.464  -3.873  1.00 15.34 ? 172 TRP A CZ3 1 
ATOM   64   C CH2 . TRP A 1 7   ? -10.690 -5.459  -4.062  1.00 15.80 ? 172 TRP A CH2 1 
ATOM   65   N N   . PHE A 1 8   ? -12.412 2.955   -3.090  1.00 13.52 ? 173 PHE A N   1 
ATOM   66   C CA  . PHE A 1 8   ? -12.178 4.314   -2.645  1.00 13.64 ? 173 PHE A CA  1 
ATOM   67   C C   . PHE A 1 8   ? -12.755 4.519   -1.260  1.00 14.45 ? 173 PHE A C   1 
ATOM   68   O O   . PHE A 1 8   ? -13.957 4.383   -1.050  1.00 14.11 ? 173 PHE A O   1 
ATOM   69   C CB  . PHE A 1 8   ? -12.773 5.293   -3.658  1.00 13.49 ? 173 PHE A CB  1 
ATOM   70   C CG  . PHE A 1 8   ? -11.970 5.348   -4.917  1.00 14.45 ? 173 PHE A CG  1 
ATOM   71   C CD1 . PHE A 1 8   ? -11.042 6.358   -5.127  1.00 15.23 ? 173 PHE A CD1 1 
ATOM   72   C CD2 . PHE A 1 8   ? -12.074 4.326   -5.839  1.00 14.88 ? 173 PHE A CD2 1 
ATOM   73   C CE1 . PHE A 1 8   ? -10.256 6.366   -6.293  1.00 15.73 ? 173 PHE A CE1 1 
ATOM   74   C CE2 . PHE A 1 8   ? -11.304 4.332   -6.988  1.00 15.94 ? 173 PHE A CE2 1 
ATOM   75   C CZ  . PHE A 1 8   ? -10.390 5.351   -7.200  1.00 15.31 ? 173 PHE A CZ  1 
ATOM   76   N N   . LEU A 1 9   ? -11.869 4.808   -0.320  1.00 14.63 ? 174 LEU A N   1 
ATOM   77   C CA  . LEU A 1 9   ? -12.240 4.940   1.086   1.00 15.75 ? 174 LEU A CA  1 
ATOM   78   C C   . LEU A 1 9   ? -13.234 6.069   1.349   1.00 16.80 ? 174 LEU A C   1 
ATOM   79   O O   . LEU A 1 9   ? -13.216 7.121   0.708   1.00 15.91 ? 174 LEU A O   1 
ATOM   80   C CB  . LEU A 1 9   ? -10.982 5.103   1.950   1.00 15.69 ? 174 LEU A CB  1 
ATOM   81   C CG  . LEU A 1 9   ? -10.291 3.794   2.336   1.00 14.56 ? 174 LEU A CG  1 
ATOM   82   C CD1 . LEU A 1 9   ? -9.713  3.048   1.118   1.00 15.25 ? 174 LEU A CD1 1 
ATOM   83   C CD2 . LEU A 1 9   ? -9.200  4.041   3.384   1.00 15.64 ? 174 LEU A CD2 1 
ATOM   84   N N   . THR A 1 10  ? -14.114 5.845   2.319   1.00 18.71 ? 175 THR A N   1 
ATOM   85   C CA  . THR A 1 10  ? -14.977 6.913   2.788   1.00 20.09 ? 175 THR A CA  1 
ATOM   86   C C   . THR A 1 10  ? -14.120 8.025   3.382   1.00 21.05 ? 175 THR A C   1 
ATOM   87   O O   . THR A 1 10  ? -12.942 7.812   3.711   1.00 20.21 ? 175 THR A O   1 
ATOM   88   C CB  . THR A 1 10  ? -15.968 6.391   3.857   1.00 20.67 ? 175 THR A CB  1 
ATOM   89   O OG1 . THR A 1 10  ? -15.243 5.822   4.954   1.00 21.78 ? 175 THR A OG1 1 
ATOM   90   C CG2 . THR A 1 10  ? -16.793 5.251   3.322   1.00 20.38 ? 175 THR A CG2 1 
ATOM   91   N N   . LYS A 1 11  ? -14.709 9.206   3.522   1.00 21.85 ? 176 LYS A N   1 
ATOM   92   C CA  . LYS A 1 11  ? -14.027 10.325  4.170   1.00 23.16 ? 176 LYS A CA  1 
ATOM   93   C C   . LYS A 1 11  ? -13.475 9.930   5.538   1.00 23.05 ? 176 LYS A C   1 
ATOM   94   O O   . LYS A 1 11  ? -12.304 10.165  5.828   1.00 22.58 ? 176 LYS A O   1 
ATOM   95   C CB  . LYS A 1 11  ? -14.966 11.527  4.303   1.00 23.55 ? 176 LYS A CB  1 
ATOM   96   C CG  . LYS A 1 11  ? -14.295 12.766  4.899   1.00 25.90 ? 176 LYS A CG  1 
ATOM   97   C CD  . LYS A 1 11  ? -15.260 13.942  4.966   1.00 29.29 ? 176 LYS A CD  1 
ATOM   98   C CE  . LYS A 1 11  ? -15.121 14.734  6.258   1.00 31.29 ? 176 LYS A CE  1 
ATOM   99   N NZ  . LYS A 1 11  ? -14.022 15.735  6.156   1.00 33.69 ? 176 LYS A NZ  1 
ATOM   100  N N   . LYS A 1 12  ? -14.303 9.292   6.360   1.00 23.38 ? 177 LYS A N   1 
ATOM   101  C CA  . LYS A 1 12  ? -13.900 8.949   7.726   1.00 23.58 ? 177 LYS A CA  1 
ATOM   102  C C   . LYS A 1 12  ? -12.772 7.919   7.736   1.00 22.49 ? 177 LYS A C   1 
ATOM   103  O O   . LYS A 1 12  ? -11.797 8.056   8.480   1.00 21.96 ? 177 LYS A O   1 
ATOM   104  C CB  . LYS A 1 12  ? -15.102 8.415   8.503   1.00 24.47 ? 177 LYS A CB  1 
ATOM   105  C CG  . LYS A 1 12  ? -14.872 8.203   9.985   1.00 27.28 ? 177 LYS A CG  1 
ATOM   106  C CD  . LYS A 1 12  ? -16.210 7.990   10.728  1.00 30.31 ? 177 LYS A CD  1 
ATOM   107  C CE  . LYS A 1 12  ? -16.358 6.557   11.229  1.00 32.29 ? 177 LYS A CE  1 
ATOM   108  N NZ  . LYS A 1 12  ? -16.291 5.565   10.119  1.00 34.74 ? 177 LYS A NZ  1 
ATOM   109  N N   . SER A 1 13  ? -12.897 6.895   6.904   1.00 21.00 ? 178 SER A N   1 
ATOM   110  C CA  . SER A 1 13  ? -11.870 5.865   6.824   1.00 20.39 ? 178 SER A CA  1 
ATOM   111  C C   . SER A 1 13  ? -10.559 6.416   6.271   1.00 19.55 ? 178 SER A C   1 
ATOM   112  O O   . SER A 1 13  ? -9.487  6.026   6.734   1.00 18.92 ? 178 SER A O   1 
ATOM   113  C CB  . SER A 1 13  ? -12.337 4.693   5.979   1.00 20.14 ? 178 SER A CB  1 
ATOM   114  O OG  . SER A 1 13  ? -13.186 3.876   6.748   1.00 21.25 ? 178 SER A OG  1 
ATOM   115  N N   . SER A 1 14  ? -10.648 7.313   5.293   1.00 18.87 ? 179 SER A N   1 
ATOM   116  C CA  . SER A 1 14  ? -9.465  7.966   4.727   1.00 19.04 ? 179 SER A CA  1 
ATOM   117  C C   . SER A 1 14  ? -8.732  8.775   5.797   1.00 19.30 ? 179 SER A C   1 
ATOM   118  O O   . SER A 1 14  ? -7.501  8.710   5.907   1.00 18.12 ? 179 SER A O   1 
ATOM   119  C CB  . SER A 1 14  ? -9.831  8.892   3.558   1.00 19.19 ? 179 SER A CB  1 
ATOM   120  O OG  . SER A 1 14  ? -10.380 8.167   2.477   1.00 19.72 ? 179 SER A OG  1 
ATOM   121  N N   . GLU A 1 15  ? -9.491  9.531   6.582   1.00 19.54 ? 180 GLU A N   1 
ATOM   122  C CA  . GLU A 1 15  ? -8.917  10.375  7.638   1.00 20.50 ? 180 GLU A CA  1 
ATOM   123  C C   . GLU A 1 15  ? -8.253  9.519   8.712   1.00 19.95 ? 180 GLU A C   1 
ATOM   124  O O   . GLU A 1 15  ? -7.203  9.893   9.228   1.00 20.27 ? 180 GLU A O   1 
ATOM   125  C CB  . GLU A 1 15  ? -9.984  11.301  8.262   1.00 21.09 ? 180 GLU A CB  1 
ATOM   126  C CG  . GLU A 1 15  ? -10.399 12.449  7.350   1.00 24.94 ? 180 GLU A CG  1 
ATOM   127  C CD  . GLU A 1 15  ? -11.449 13.386  7.944   1.00 30.08 ? 180 GLU A CD  1 
ATOM   128  O OE1 . GLU A 1 15  ? -12.043 13.070  8.997   1.00 34.68 ? 180 GLU A OE1 1 
ATOM   129  O OE2 . GLU A 1 15  ? -11.693 14.456  7.335   1.00 33.77 ? 180 GLU A OE2 1 
ATOM   130  N N   . THR A 1 16  ? -8.869  8.384   9.045   1.00 19.59 ? 181 THR A N   1 
ATOM   131  C CA  . THR A 1 16  ? -8.375  7.467   10.081  1.00 19.50 ? 181 THR A CA  1 
ATOM   132  C C   . THR A 1 16  ? -7.029  6.851   9.683   1.00 18.67 ? 181 THR A C   1 
ATOM   133  O O   . THR A 1 16  ? -6.067  6.818   10.475  1.00 16.90 ? 181 THR A O   1 
ATOM   134  C CB  . THR A 1 16  ? -9.420  6.346   10.324  1.00 19.87 ? 181 THR A CB  1 
ATOM   135  O OG1 . THR A 1 16  ? -10.556 6.889   11.012  1.00 21.85 ? 181 THR A OG1 1 
ATOM   136  C CG2 . THR A 1 16  ? -8.894  5.232   11.252  1.00 20.77 ? 181 THR A CG2 1 
ATOM   137  N N   . LEU A 1 17  ? -6.970  6.379   8.446   1.00 17.47 ? 182 LEU A N   1 
ATOM   138  C CA  . LEU A 1 17  ? -5.758  5.761   7.926   1.00 17.42 ? 182 LEU A CA  1 
ATOM   139  C C   . LEU A 1 17  ? -4.668  6.802   7.669   1.00 17.59 ? 182 LEU A C   1 
ATOM   140  O O   . LEU A 1 17  ? -3.504  6.562   7.947   1.00 17.31 ? 182 LEU A O   1 
ATOM   141  C CB  . LEU A 1 17  ? -6.081  4.957   6.662   1.00 17.24 ? 182 LEU A CB  1 
ATOM   142  C CG  . LEU A 1 17  ? -4.924  4.207   5.992   1.00 16.87 ? 182 LEU A CG  1 
ATOM   143  C CD1 . LEU A 1 17  ? -4.213  3.230   6.937   1.00 17.58 ? 182 LEU A CD1 1 
ATOM   144  C CD2 . LEU A 1 17  ? -5.434  3.481   4.745   1.00 17.03 ? 182 LEU A CD2 1 
ATOM   145  N N   . ARG A 1 18  ? -5.036  7.963   7.142   1.00 18.30 ? 183 ARG A N   1 
ATOM   146  C CA  . ARG A 1 18  ? -4.068  9.042   6.944   1.00 19.16 ? 183 ARG A CA  1 
ATOM   147  C C   . ARG A 1 18  ? -3.393  9.414   8.263   1.00 19.25 ? 183 ARG A C   1 
ATOM   148  O O   . ARG A 1 18  ? -2.175  9.624   8.318   1.00 18.86 ? 183 ARG A O   1 
ATOM   149  C CB  . ARG A 1 18  ? -4.729  10.286  6.351   1.00 20.07 ? 183 ARG A CB  1 
ATOM   150  C CG  . ARG A 1 18  ? -3.755  11.462  6.204   1.00 23.82 ? 183 ARG A CG  1 
ATOM   151  C CD  . ARG A 1 18  ? -4.316  12.718  5.558   1.00 29.77 ? 183 ARG A CD  1 
ATOM   152  N NE  . ARG A 1 18  ? -5.230  12.442  4.455   1.00 34.05 ? 183 ARG A NE  1 
ATOM   153  C CZ  . ARG A 1 18  ? -4.868  11.949  3.270   1.00 37.49 ? 183 ARG A CZ  1 
ATOM   154  N NH1 . ARG A 1 18  ? -3.597  11.663  2.986   1.00 39.33 ? 183 ARG A NH1 1 
ATOM   155  N NH2 . ARG A 1 18  ? -5.790  11.754  2.348   1.00 38.37 ? 183 ARG A NH2 1 
ATOM   156  N N   . LYS A 1 19  ? -4.194  9.501   9.320   1.00 19.10 ? 184 LYS A N   1 
ATOM   157  C CA  . LYS A 1 19  ? -3.688  9.876   10.635  1.00 19.42 ? 184 LYS A CA  1 
ATOM   158  C C   . LYS A 1 19  ? -2.789  8.786   11.177  1.00 18.49 ? 184 LYS A C   1 
ATOM   159  O O   . LYS A 1 19  ? -1.759  9.088   11.740  1.00 18.23 ? 184 LYS A O   1 
ATOM   160  C CB  . LYS A 1 19  ? -4.830  10.145  11.610  1.00 20.01 ? 184 LYS A CB  1 
ATOM   161  C CG  . LYS A 1 19  ? -4.386  10.555  13.008  1.00 23.38 ? 184 LYS A CG  1 
ATOM   162  C CD  . LYS A 1 19  ? -3.849  11.972  13.055  1.00 27.66 ? 184 LYS A CD  1 
ATOM   163  C CE  . LYS A 1 19  ? -3.456  12.377  14.491  1.00 30.46 ? 184 LYS A CE  1 
ATOM   164  N NZ  . LYS A 1 19  ? -4.601  12.331  15.454  1.00 32.57 ? 184 LYS A NZ  1 
ATOM   165  N N   . ALA A 1 20  ? -3.181  7.527   10.997  1.00 18.33 ? 185 ALA A N   1 
ATOM   166  C CA  . ALA A 1 20  ? -2.359  6.388   11.417  1.00 18.45 ? 185 ALA A CA  1 
ATOM   167  C C   . ALA A 1 20  ? -1.003  6.411   10.700  1.00 18.52 ? 185 ALA A C   1 
ATOM   168  O O   . ALA A 1 20  ? 0.045   6.203   11.319  1.00 18.25 ? 185 ALA A O   1 
ATOM   169  C CB  . ALA A 1 20  ? -3.086  5.087   11.137  1.00 18.73 ? 185 ALA A CB  1 
ATOM   170  N N   . GLY A 1 21  ? -1.035  6.674   9.394   1.00 18.38 ? 186 GLY A N   1 
ATOM   171  C CA  . GLY A 1 21  ? 0.168   6.853   8.595   1.00 18.37 ? 186 GLY A CA  1 
ATOM   172  C C   . GLY A 1 21  ? 1.073   7.961   9.113   1.00 18.79 ? 186 GLY A C   1 
ATOM   173  O O   . GLY A 1 21  ? 2.271   7.763   9.244   1.00 17.93 ? 186 GLY A O   1 
ATOM   174  N N   . GLN A 1 22  ? 0.485   9.111   9.435   1.00 19.09 ? 187 GLN A N   1 
ATOM   175  C CA  . GLN A 1 22  ? 1.228   10.278  9.901   1.00 20.11 ? 187 GLN A CA  1 
ATOM   176  C C   . GLN A 1 22  ? 1.892   10.016  11.256  1.00 19.49 ? 187 GLN A C   1 
ATOM   177  O O   . GLN A 1 22  ? 3.065   10.329  11.441  1.00 18.77 ? 187 GLN A O   1 
ATOM   178  C CB  . GLN A 1 22  ? 0.303   11.504  9.986   1.00 20.94 ? 187 GLN A CB  1 
ATOM   179  C CG  . GLN A 1 22  ? 1.031   12.810  10.353  1.00 25.01 ? 187 GLN A CG  1 
ATOM   180  C CD  . GLN A 1 22  ? 0.097   13.888  10.893  1.00 30.33 ? 187 GLN A CD  1 
ATOM   181  O OE1 . GLN A 1 22  ? -0.877  14.261  10.232  1.00 33.87 ? 187 GLN A OE1 1 
ATOM   182  N NE2 . GLN A 1 22  ? 0.385   14.381  12.098  1.00 33.69 ? 187 GLN A NE2 1 
ATOM   183  N N   . VAL A 1 23  ? 1.150   9.399   12.176  1.00 18.96 ? 188 VAL A N   1 
ATOM   184  C CA  . VAL A 1 23  ? 1.684   9.034   13.492  1.00 18.90 ? 188 VAL A CA  1 
ATOM   185  C C   . VAL A 1 23  ? 2.846   8.039   13.353  1.00 18.46 ? 188 VAL A C   1 
ATOM   186  O O   . VAL A 1 23  ? 3.867   8.167   14.037  1.00 18.17 ? 188 VAL A O   1 
ATOM   187  C CB  . VAL A 1 23  ? 0.570   8.464   14.412  1.00 19.27 ? 188 VAL A CB  1 
ATOM   188  C CG1 . VAL A 1 23  ? 1.151   7.826   15.672  1.00 19.04 ? 188 VAL A CG1 1 
ATOM   189  C CG2 . VAL A 1 23  ? -0.439  9.559   14.761  1.00 20.06 ? 188 VAL A CG2 1 
ATOM   190  N N   . PHE A 1 24  ? 2.695   7.073   12.449  1.00 17.78 ? 189 PHE A N   1 
ATOM   191  C CA  . PHE A 1 24  ? 3.746   6.108   12.145  1.00 17.35 ? 189 PHE A CA  1 
ATOM   192  C C   . PHE A 1 24  ? 5.000   6.835   11.680  1.00 17.19 ? 189 PHE A C   1 
ATOM   193  O O   . PHE A 1 24  ? 6.090   6.562   12.195  1.00 17.18 ? 189 PHE A O   1 
ATOM   194  C CB  . PHE A 1 24  ? 3.242   5.103   11.091  1.00 17.10 ? 189 PHE A CB  1 
ATOM   195  C CG  . PHE A 1 24  ? 4.303   4.192   10.517  1.00 16.89 ? 189 PHE A CG  1 
ATOM   196  C CD1 . PHE A 1 24  ? 5.321   3.659   11.304  1.00 17.37 ? 189 PHE A CD1 1 
ATOM   197  C CD2 . PHE A 1 24  ? 4.246   3.832   9.175   1.00 17.25 ? 189 PHE A CD2 1 
ATOM   198  C CE1 . PHE A 1 24  ? 6.271   2.814   10.750  1.00 18.17 ? 189 PHE A CE1 1 
ATOM   199  C CE2 . PHE A 1 24  ? 5.189   2.983   8.626   1.00 17.70 ? 189 PHE A CE2 1 
ATOM   200  C CZ  . PHE A 1 24  ? 6.200   2.476   9.408   1.00 17.49 ? 189 PHE A CZ  1 
ATOM   201  N N   . LEU A 1 25  ? 4.848   7.784   10.751  1.00 17.15 ? 190 LEU A N   1 
ATOM   202  C CA  . LEU A 1 25  ? 5.992   8.514   10.209  1.00 17.28 ? 190 LEU A CA  1 
ATOM   203  C C   . LEU A 1 25  ? 6.672   9.339   11.294  1.00 17.84 ? 190 LEU A C   1 
ATOM   204  O O   . LEU A 1 25  ? 7.900   9.393   11.356  1.00 16.73 ? 190 LEU A O   1 
ATOM   205  C CB  . LEU A 1 25  ? 5.577   9.435   9.057   1.00 17.00 ? 190 LEU A CB  1 
ATOM   206  C CG  . LEU A 1 25  ? 5.141   8.781   7.740   1.00 17.28 ? 190 LEU A CG  1 
ATOM   207  C CD1 . LEU A 1 25  ? 4.882   9.864   6.705   1.00 17.55 ? 190 LEU A CD1 1 
ATOM   208  C CD2 . LEU A 1 25  ? 6.160   7.784   7.251   1.00 17.19 ? 190 LEU A CD2 1 
ATOM   209  N N   . GLU A 1 26  ? 5.859   9.958   12.146  1.00 18.37 ? 191 GLU A N   1 
ATOM   210  C CA  . GLU A 1 26  ? 6.346   10.826  13.211  1.00 20.40 ? 191 GLU A CA  1 
ATOM   211  C C   . GLU A 1 26  ? 7.165   10.018  14.223  1.00 20.37 ? 191 GLU A C   1 
ATOM   212  O O   . GLU A 1 26  ? 8.292   10.388  14.583  1.00 21.47 ? 191 GLU A O   1 
ATOM   213  C CB  . GLU A 1 26  ? 5.158   11.535  13.881  1.00 20.82 ? 191 GLU A CB  1 
ATOM   214  C CG  . GLU A 1 26  ? 4.645   12.696  13.048  1.00 24.42 ? 191 GLU A CG  1 
ATOM   215  C CD  . GLU A 1 26  ? 3.319   13.284  13.516  1.00 30.18 ? 191 GLU A CD  1 
ATOM   216  O OE1 . GLU A 1 26  ? 2.663   12.718  14.427  1.00 33.90 ? 191 GLU A OE1 1 
ATOM   217  O OE2 . GLU A 1 26  ? 2.924   14.327  12.951  1.00 34.13 ? 191 GLU A OE2 1 
ATOM   218  N N   . GLU A 1 27  ? 6.608   8.888   14.639  1.00 20.62 ? 192 GLU A N   1 
ATOM   219  C CA  . GLU A 1 27  ? 7.248   8.026   15.614  1.00 20.83 ? 192 GLU A CA  1 
ATOM   220  C C   . GLU A 1 27  ? 8.480   7.332   15.050  1.00 20.47 ? 192 GLU A C   1 
ATOM   221  O O   . GLU A 1 27  ? 9.488   7.207   15.747  1.00 19.59 ? 192 GLU A O   1 
ATOM   222  C CB  . GLU A 1 27  ? 6.253   7.008   16.157  1.00 21.37 ? 192 GLU A CB  1 
ATOM   223  C CG  . GLU A 1 27  ? 5.151   7.673   16.971  1.00 22.58 ? 192 GLU A CG  1 
ATOM   224  C CD  . GLU A 1 27  ? 4.177   6.698   17.571  1.00 25.00 ? 192 GLU A CD  1 
ATOM   225  O OE1 . GLU A 1 27  ? 4.067   5.562   17.062  1.00 24.99 ? 192 GLU A OE1 1 
ATOM   226  O OE2 . GLU A 1 27  ? 3.506   7.079   18.555  1.00 27.46 ? 192 GLU A OE2 1 
ATOM   227  N N   . LEU A 1 28  ? 8.416   6.912   13.785  1.00 19.91 ? 193 LEU A N   1 
ATOM   228  C CA  . LEU A 1 28  ? 9.525   6.182   13.179  1.00 19.41 ? 193 LEU A CA  1 
ATOM   229  C C   . LEU A 1 28  ? 10.724  7.111   13.064  1.00 19.83 ? 193 LEU A C   1 
ATOM   230  O O   . LEU A 1 28  ? 11.840  6.733   13.389  1.00 19.03 ? 193 LEU A O   1 
ATOM   231  C CB  . LEU A 1 28  ? 9.151   5.619   11.797  1.00 19.03 ? 193 LEU A CB  1 
ATOM   232  C CG  . LEU A 1 28  ? 10.279  4.912   11.026  1.00 18.35 ? 193 LEU A CG  1 
ATOM   233  C CD1 . LEU A 1 28  ? 10.741  3.672   11.777  1.00 17.42 ? 193 LEU A CD1 1 
ATOM   234  C CD2 . LEU A 1 28  ? 9.845   4.539   9.603   1.00 17.77 ? 193 LEU A CD2 1 
ATOM   235  N N   . GLY A 1 29  ? 10.489  8.328   12.588  1.00 20.47 ? 194 GLY A N   1 
ATOM   236  C CA  . GLY A 1 29  ? 11.548  9.299   12.411  1.00 21.45 ? 194 GLY A CA  1 
ATOM   237  C C   . GLY A 1 29  ? 12.235  9.661   13.712  1.00 22.40 ? 194 GLY A C   1 
ATOM   238  O O   . GLY A 1 29  ? 13.410  10.036  13.707  1.00 22.53 ? 194 GLY A O   1 
ATOM   239  N N   . ASN A 1 30  ? 11.513  9.536   14.824  1.00 23.15 ? 195 ASN A N   1 
ATOM   240  C CA  . ASN A 1 30  ? 12.076  9.834   16.141  1.00 24.38 ? 195 ASN A CA  1 
ATOM   241  C C   . ASN A 1 30  ? 12.656  8.602   16.837  1.00 24.42 ? 195 ASN A C   1 
ATOM   242  O O   . ASN A 1 30  ? 13.236  8.724   17.915  1.00 24.45 ? 195 ASN A O   1 
ATOM   243  C CB  . ASN A 1 30  ? 11.020  10.484  17.044  1.00 25.10 ? 195 ASN A CB  1 
ATOM   244  C CG  . ASN A 1 30  ? 10.807  11.959  16.737  1.00 26.74 ? 195 ASN A CG  1 
ATOM   245  O OD1 . ASN A 1 30  ? 11.750  12.697  16.420  1.00 32.58 ? 195 ASN A OD1 1 
ATOM   246  N ND2 . ASN A 1 30  ? 9.564   12.401  16.839  1.00 30.96 ? 195 ASN A ND2 1 
ATOM   247  N N   . HIS A 1 31  ? 12.500  7.426   16.231  1.00 24.06 ? 196 HIS A N   1 
ATOM   248  C CA  . HIS A 1 31  ? 12.937  6.170   16.845  1.00 24.43 ? 196 HIS A CA  1 
ATOM   249  C C   . HIS A 1 31  ? 14.433  5.950   16.659  1.00 24.48 ? 196 HIS A C   1 
ATOM   250  O O   . HIS A 1 31  ? 14.985  6.218   15.588  1.00 24.09 ? 196 HIS A O   1 
ATOM   251  C CB  . HIS A 1 31  ? 12.167  4.980   16.264  1.00 24.42 ? 196 HIS A CB  1 
ATOM   252  C CG  . HIS A 1 31  ? 12.211  3.752   17.125  1.00 24.68 ? 196 HIS A CG  1 
ATOM   253  N ND1 . HIS A 1 31  ? 13.309  2.920   17.176  1.00 25.37 ? 196 HIS A ND1 1 
ATOM   254  C CD2 . HIS A 1 31  ? 11.300  3.223   17.975  1.00 25.62 ? 196 HIS A CD2 1 
ATOM   255  C CE1 . HIS A 1 31  ? 13.073  1.929   18.020  1.00 26.77 ? 196 HIS A CE1 1 
ATOM   256  N NE2 . HIS A 1 31  ? 11.860  2.088   18.518  1.00 26.25 ? 196 HIS A NE2 1 
ATOM   257  N N   . LYS A 1 32  ? 15.080  5.437   17.702  1.00 24.87 ? 197 LYS A N   1 
ATOM   258  C CA  . LYS A 1 32  ? 16.528  5.250   17.701  1.00 25.51 ? 197 LYS A CA  1 
ATOM   259  C C   . LYS A 1 32  ? 17.002  4.361   16.549  1.00 24.56 ? 197 LYS A C   1 
ATOM   260  O O   . LYS A 1 32  ? 18.041  4.622   15.954  1.00 25.16 ? 197 LYS A O   1 
ATOM   261  C CB  . LYS A 1 32  ? 17.004  4.681   19.049  1.00 26.14 ? 197 LYS A CB  1 
ATOM   262  C CG  . LYS A 1 32  ? 16.614  3.243   19.335  1.00 29.05 ? 197 LYS A CG  1 
ATOM   263  C CD  . LYS A 1 32  ? 17.341  2.723   20.582  1.00 32.35 ? 197 LYS A CD  1 
ATOM   264  C CE  . LYS A 1 32  ? 16.422  1.937   21.509  1.00 33.90 ? 197 LYS A CE  1 
ATOM   265  N NZ  . LYS A 1 32  ? 16.413  2.500   22.890  1.00 35.35 ? 197 LYS A NZ  1 
ATOM   266  N N   . ALA A 1 33  ? 16.230  3.325   16.248  1.00 23.65 ? 198 ALA A N   1 
ATOM   267  C CA  . ALA A 1 33  ? 16.558  2.390   15.171  1.00 22.78 ? 198 ALA A CA  1 
ATOM   268  C C   . ALA A 1 33  ? 16.648  3.096   13.825  1.00 22.61 ? 198 ALA A C   1 
ATOM   269  O O   . ALA A 1 33  ? 17.581  2.859   13.046  1.00 21.79 ? 198 ALA A O   1 
ATOM   270  C CB  . ALA A 1 33  ? 15.539  1.278   15.115  1.00 22.68 ? 198 ALA A CB  1 
ATOM   271  N N   . PHE A 1 34  ? 15.667  3.957   13.552  1.00 21.93 ? 199 PHE A N   1 
ATOM   272  C CA  . PHE A 1 34  ? 15.651  4.719   12.310  1.00 21.79 ? 199 PHE A CA  1 
ATOM   273  C C   . PHE A 1 34  ? 16.821  5.705   12.243  1.00 22.29 ? 199 PHE A C   1 
ATOM   274  O O   . PHE A 1 34  ? 17.470  5.861   11.200  1.00 22.04 ? 199 PHE A O   1 
ATOM   275  C CB  . PHE A 1 34  ? 14.328  5.471   12.153  1.00 21.49 ? 199 PHE A CB  1 
ATOM   276  C CG  . PHE A 1 34  ? 14.155  6.067   10.796  1.00 20.65 ? 199 PHE A CG  1 
ATOM   277  C CD1 . PHE A 1 34  ? 13.770  5.275   9.725   1.00 20.66 ? 199 PHE A CD1 1 
ATOM   278  C CD2 . PHE A 1 34  ? 14.419  7.410   10.576  1.00 20.71 ? 199 PHE A CD2 1 
ATOM   279  C CE1 . PHE A 1 34  ? 13.635  5.826   8.458   1.00 21.18 ? 199 PHE A CE1 1 
ATOM   280  C CE2 . PHE A 1 34  ? 14.298  7.950   9.317   1.00 21.09 ? 199 PHE A CE2 1 
ATOM   281  C CZ  . PHE A 1 34  ? 13.906  7.154   8.258   1.00 20.64 ? 199 PHE A CZ  1 
ATOM   282  N N   . LYS A 1 35  ? 17.090  6.369   13.360  1.00 23.01 ? 200 LYS A N   1 
ATOM   283  C CA  . LYS A 1 35  ? 18.157  7.353   13.424  1.00 24.48 ? 200 LYS A CA  1 
ATOM   284  C C   . LYS A 1 35  ? 19.519  6.713   13.128  1.00 24.71 ? 200 LYS A C   1 
ATOM   285  O O   . LYS A 1 35  ? 20.368  7.320   12.483  1.00 25.24 ? 200 LYS A O   1 
ATOM   286  C CB  . LYS A 1 35  ? 18.160  8.049   14.793  1.00 25.13 ? 200 LYS A CB  1 
ATOM   287  C CG  . LYS A 1 35  ? 16.974  9.003   15.013  1.00 28.05 ? 200 LYS A CG  1 
ATOM   288  C CD  . LYS A 1 35  ? 17.309  10.078  16.067  1.00 31.35 ? 200 LYS A CD  1 
ATOM   289  C CE  . LYS A 1 35  ? 16.194  10.289  17.089  1.00 33.23 ? 200 LYS A CE  1 
ATOM   290  N NZ  . LYS A 1 35  ? 16.263  9.326   18.240  1.00 34.53 ? 200 LYS A NZ  1 
ATOM   291  N N   . LYS A 1 36  ? 19.708  5.472   13.564  1.00 25.23 ? 201 LYS A N   1 
ATOM   292  C CA  . LYS A 1 36  ? 20.956  4.750   13.318  1.00 25.86 ? 201 LYS A CA  1 
ATOM   293  C C   . LYS A 1 36  ? 21.176  4.464   11.833  1.00 25.90 ? 201 LYS A C   1 
ATOM   294  O O   . LYS A 1 36  ? 22.310  4.328   11.385  1.00 25.55 ? 201 LYS A O   1 
ATOM   295  C CB  . LYS A 1 36  ? 20.967  3.426   14.091  1.00 26.21 ? 201 LYS A CB  1 
ATOM   296  C CG  . LYS A 1 36  ? 21.275  3.559   15.569  1.00 27.77 ? 201 LYS A CG  1 
ATOM   297  C CD  . LYS A 1 36  ? 21.534  2.190   16.183  1.00 30.41 ? 201 LYS A CD  1 
ATOM   298  C CE  . LYS A 1 36  ? 21.790  2.273   17.676  1.00 32.98 ? 201 LYS A CE  1 
ATOM   299  N NZ  . LYS A 1 36  ? 20.593  1.898   18.485  1.00 34.35 ? 201 LYS A NZ  1 
ATOM   300  N N   . GLU A 1 37  ? 20.075  4.368   11.088  1.00 26.08 ? 202 GLU A N   1 
ATOM   301  C CA  . GLU A 1 37  ? 20.078  4.005   9.676   1.00 26.54 ? 202 GLU A CA  1 
ATOM   302  C C   . GLU A 1 37  ? 19.910  5.189   8.712   1.00 27.41 ? 202 GLU A C   1 
ATOM   303  O O   . GLU A 1 37  ? 19.679  4.982   7.523   1.00 26.56 ? 202 GLU A O   1 
ATOM   304  C CB  . GLU A 1 37  ? 18.941  3.010   9.439   1.00 26.42 ? 202 GLU A CB  1 
ATOM   305  C CG  . GLU A 1 37  ? 19.223  1.629   9.993   1.00 26.38 ? 202 GLU A CG  1 
ATOM   306  C CD  . GLU A 1 37  ? 20.231  0.884   9.146   1.00 26.83 ? 202 GLU A CD  1 
ATOM   307  O OE1 . GLU A 1 37  ? 19.959  0.654   7.951   1.00 26.24 ? 202 GLU A OE1 1 
ATOM   308  O OE2 . GLU A 1 37  ? 21.305  0.529   9.664   1.00 27.36 ? 202 GLU A OE2 1 
ATOM   309  N N   . LEU A 1 38  ? 20.056  6.415   9.210   1.00 28.54 ? 203 LEU A N   1 
ATOM   310  C CA  . LEU A 1 38  ? 19.736  7.613   8.417   1.00 30.42 ? 203 LEU A CA  1 
ATOM   311  C C   . LEU A 1 38  ? 20.499  7.742   7.094   1.00 31.45 ? 203 LEU A C   1 
ATOM   312  O O   . LEU A 1 38  ? 19.957  8.265   6.121   1.00 32.22 ? 203 LEU A O   1 
ATOM   313  C CB  . LEU A 1 38  ? 19.935  8.892   9.248   1.00 30.19 ? 203 LEU A CB  1 
ATOM   314  C CG  . LEU A 1 38  ? 18.736  9.314   10.095  1.00 31.74 ? 203 LEU A CG  1 
ATOM   315  C CD1 . LEU A 1 38  ? 19.161  10.270  11.209  1.00 32.24 ? 203 LEU A CD1 1 
ATOM   316  C CD2 . LEU A 1 38  ? 17.665  9.948   9.224   1.00 32.89 ? 203 LEU A CD2 1 
ATOM   317  N N   . ARG A 1 39  ? 21.750  7.300   7.060   1.00 32.79 ? 204 ARG A N   1 
ATOM   318  C CA  . ARG A 1 39  ? 22.562  7.378   5.843   1.00 33.99 ? 204 ARG A CA  1 
ATOM   319  C C   . ARG A 1 39  ? 22.255  6.257   4.841   1.00 34.19 ? 204 ARG A C   1 
ATOM   320  O O   . ARG A 1 39  ? 22.655  6.329   3.677   1.00 34.44 ? 204 ARG A O   1 
ATOM   321  C CB  . ARG A 1 39  ? 24.051  7.390   6.198   1.00 34.54 ? 204 ARG A CB  1 
ATOM   322  C CG  . ARG A 1 39  ? 24.489  8.648   6.899   1.00 36.28 ? 204 ARG A CG  1 
ATOM   323  C CD  . ARG A 1 39  ? 25.922  8.606   7.429   1.00 39.43 ? 204 ARG A CD  1 
ATOM   324  N NE  . ARG A 1 39  ? 26.930  8.732   6.372   1.00 42.33 ? 204 ARG A NE  1 
ATOM   325  C CZ  . ARG A 1 39  ? 27.501  7.716   5.709   1.00 44.02 ? 204 ARG A CZ  1 
ATOM   326  N NH1 . ARG A 1 39  ? 27.177  6.450   5.962   1.00 44.57 ? 204 ARG A NH1 1 
ATOM   327  N NH2 . ARG A 1 39  ? 28.413  7.973   4.774   1.00 44.42 ? 204 ARG A NH2 1 
ATOM   328  N N   . GLN A 1 40  ? 21.551  5.226   5.299   1.00 34.32 ? 205 GLN A N   1 
ATOM   329  C CA  . GLN A 1 40  ? 21.032  4.174   4.425   1.00 34.35 ? 205 GLN A CA  1 
ATOM   330  C C   . GLN A 1 40  ? 19.664  4.578   3.859   1.00 33.95 ? 205 GLN A C   1 
ATOM   331  O O   . GLN A 1 40  ? 19.121  3.908   2.978   1.00 34.24 ? 205 GLN A O   1 
ATOM   332  C CB  . GLN A 1 40  ? 20.904  2.849   5.194   1.00 34.88 ? 205 GLN A CB  1 
ATOM   333  C CG  . GLN A 1 40  ? 22.230  2.134   5.471   1.00 36.33 ? 205 GLN A CG  1 
ATOM   334  C CD  . GLN A 1 40  ? 23.309  3.058   6.020   1.00 38.59 ? 205 GLN A CD  1 
ATOM   335  O OE1 . GLN A 1 40  ? 23.240  3.485   7.180   1.00 39.97 ? 205 GLN A OE1 1 
ATOM   336  N NE2 . GLN A 1 40  ? 24.300  3.374   5.192   1.00 38.87 ? 205 GLN A NE2 1 
ATOM   337  N N   . PHE A 1 41  ? 19.101  5.661   4.388   1.00 33.13 ? 206 PHE A N   1 
ATOM   338  C CA  . PHE A 1 41  ? 17.798  6.156   3.958   1.00 32.58 ? 206 PHE A CA  1 
ATOM   339  C C   . PHE A 1 41  ? 17.981  7.344   3.023   1.00 33.59 ? 206 PHE A C   1 
ATOM   340  O O   . PHE A 1 41  ? 17.455  7.349   1.906   1.00 33.70 ? 206 PHE A O   1 
ATOM   341  C CB  . PHE A 1 41  ? 16.956  6.564   5.172   1.00 31.65 ? 206 PHE A CB  1 
ATOM   342  C CG  . PHE A 1 41  ? 15.512  6.782   4.851   1.00 27.80 ? 206 PHE A CG  1 
ATOM   343  C CD1 . PHE A 1 41  ? 14.652  5.703   4.712   1.00 24.24 ? 206 PHE A CD1 1 
ATOM   344  C CD2 . PHE A 1 41  ? 15.010  8.065   4.675   1.00 24.55 ? 206 PHE A CD2 1 
ATOM   345  C CE1 . PHE A 1 41  ? 13.316  5.897   4.404   1.00 22.20 ? 206 PHE A CE1 1 
ATOM   346  C CE2 . PHE A 1 41  ? 13.672  8.254   4.360   1.00 23.18 ? 206 PHE A CE2 1 
ATOM   347  C CZ  . PHE A 1 41  ? 12.833  7.166   4.226   1.00 21.05 ? 206 PHE A CZ  1 
ATOM   348  N N   . VAL A 1 42  ? 18.733  8.337   3.496   1.00 34.49 ? 207 VAL A N   1 
ATOM   349  C CA  . VAL A 1 42  ? 19.068  9.538   2.730   1.00 35.43 ? 207 VAL A CA  1 
ATOM   350  C C   . VAL A 1 42  ? 20.575  9.859   2.819   1.00 36.42 ? 207 VAL A C   1 
ATOM   351  O O   . VAL A 1 42  ? 21.038  10.434  3.805   1.00 36.40 ? 207 VAL A O   1 
ATOM   352  C CB  . VAL A 1 42  ? 18.244  10.764  3.201   1.00 35.41 ? 207 VAL A CB  1 
ATOM   353  C CG1 . VAL A 1 42  ? 16.871  10.744  2.569   1.00 35.06 ? 207 VAL A CG1 1 
ATOM   354  C CG2 . VAL A 1 42  ? 18.130  10.816  4.728   1.00 35.42 ? 207 VAL A CG2 1 
ATOM   355  N N   . PRO A 1 43  ? 21.341  9.450   1.809   1.00 37.69 ? 208 PRO A N   1 
ATOM   356  C CA  . PRO A 1 43  ? 22.735  9.894   1.667   1.00 38.27 ? 208 PRO A CA  1 
ATOM   357  C C   . PRO A 1 43  ? 22.851  11.330  1.153   1.00 38.68 ? 208 PRO A C   1 
ATOM   358  O O   . PRO A 1 43  ? 22.690  12.287  1.917   1.00 39.51 ? 208 PRO A O   1 
ATOM   359  C CB  . PRO A 1 43  ? 23.318  8.911   0.636   1.00 38.43 ? 208 PRO A CB  1 
ATOM   360  C CG  . PRO A 1 43  ? 22.286  7.840   0.466   1.00 38.42 ? 208 PRO A CG  1 
ATOM   361  C CD  . PRO A 1 43  ? 20.970  8.480   0.764   1.00 37.81 ? 208 PRO A CD  1 
ATOM   362  N N   . GLU A 1 49  ? 21.470  14.869  11.550  1.00 41.93 ? 214 GLU A N   1 
ATOM   363  C CA  . GLU A 1 49  ? 20.360  15.548  10.897  1.00 41.84 ? 214 GLU A CA  1 
ATOM   364  C C   . GLU A 1 49  ? 19.119  14.652  10.959  1.00 41.28 ? 214 GLU A C   1 
ATOM   365  O O   . GLU A 1 49  ? 18.930  13.779  10.109  1.00 41.57 ? 214 GLU A O   1 
ATOM   366  C CB  . GLU A 1 49  ? 20.713  15.912  9.436   1.00 42.23 ? 214 GLU A CB  1 
ATOM   367  C CG  . GLU A 1 49  ? 21.837  15.081  8.801   1.00 43.10 ? 214 GLU A CG  1 
ATOM   368  C CD  . GLU A 1 49  ? 23.235  15.565  9.166   1.00 45.30 ? 214 GLU A CD  1 
ATOM   369  O OE1 . GLU A 1 49  ? 23.361  16.410  10.083  1.00 46.95 ? 214 GLU A OE1 1 
ATOM   370  O OE2 . GLU A 1 49  ? 24.218  15.091  8.547   1.00 46.25 ? 214 GLU A OE2 1 
ATOM   371  N N   . LYS A 1 50  ? 18.292  14.848  11.985  1.00 40.51 ? 215 LYS A N   1 
ATOM   372  C CA  . LYS A 1 50  ? 17.044  14.093  12.101  1.00 39.84 ? 215 LYS A CA  1 
ATOM   373  C C   . LYS A 1 50  ? 16.054  14.518  11.013  1.00 38.46 ? 215 LYS A C   1 
ATOM   374  O O   . LYS A 1 50  ? 15.846  15.710  10.765  1.00 38.66 ? 215 LYS A O   1 
ATOM   375  C CB  . LYS A 1 50  ? 16.415  14.230  13.496  1.00 40.16 ? 215 LYS A CB  1 
ATOM   376  C CG  . LYS A 1 50  ? 16.232  15.665  14.002  1.00 41.34 ? 215 LYS A CG  1 
ATOM   377  C CD  . LYS A 1 50  ? 14.835  15.898  14.583  1.00 43.12 ? 215 LYS A CD  1 
ATOM   378  C CE  . LYS A 1 50  ? 14.496  14.927  15.721  1.00 43.71 ? 215 LYS A CE  1 
ATOM   379  N NZ  . LYS A 1 50  ? 15.667  14.571  16.576  1.00 45.28 ? 215 LYS A NZ  1 
ATOM   380  N N   . MET A 1 51  ? 15.446  13.523  10.380  1.00 36.76 ? 216 MET A N   1 
ATOM   381  C CA  . MET A 1 51  ? 14.598  13.718  9.210   1.00 35.52 ? 216 MET A CA  1 
ATOM   382  C C   . MET A 1 51  ? 13.108  13.656  9.581   1.00 33.06 ? 216 MET A C   1 
ATOM   383  O O   . MET A 1 51  ? 12.665  12.732  10.264  1.00 33.43 ? 216 MET A O   1 
ATOM   384  C CB  . MET A 1 51  ? 14.976  12.658  8.159   1.00 36.06 ? 216 MET A CB  1 
ATOM   385  C CG  . MET A 1 51  ? 13.861  12.168  7.258   1.00 38.53 ? 216 MET A CG  1 
ATOM   386  S SD  . MET A 1 51  ? 14.524  11.534  5.703   1.00 45.18 ? 216 MET A SD  1 
ATOM   387  C CE  . MET A 1 51  ? 15.104  13.118  4.984   1.00 43.52 ? 216 MET A CE  1 
ATOM   388  N N   . ASP A 1 52  ? 12.354  14.665  9.140   1.00 29.95 ? 217 ASP A N   1 
ATOM   389  C CA  . ASP A 1 52  ? 10.905  14.737  9.334   1.00 27.34 ? 217 ASP A CA  1 
ATOM   390  C C   . ASP A 1 52  ? 10.281  13.964  8.177   1.00 24.82 ? 217 ASP A C   1 
ATOM   391  O O   . ASP A 1 52  ? 10.271  14.442  7.051   1.00 23.50 ? 217 ASP A O   1 
ATOM   392  C CB  . ASP A 1 52  ? 10.474  16.215  9.328   1.00 27.42 ? 217 ASP A CB  1 
ATOM   393  C CG  . ASP A 1 52  ? 8.965   16.423  9.459   1.00 28.38 ? 217 ASP A CG  1 
ATOM   394  O OD1 . ASP A 1 52  ? 8.161   15.470  9.359   1.00 28.29 ? 217 ASP A OD1 1 
ATOM   395  O OD2 . ASP A 1 52  ? 8.479   17.559  9.660   1.00 31.32 ? 217 ASP A OD2 1 
ATOM   396  N N   . LEU A 1 53  ? 9.797   12.754  8.441   1.00 22.36 ? 218 LEU A N   1 
ATOM   397  C CA  . LEU A 1 53  ? 9.332   11.884  7.364   1.00 20.85 ? 218 LEU A CA  1 
ATOM   398  C C   . LEU A 1 53  ? 8.007   12.323  6.763   1.00 20.24 ? 218 LEU A C   1 
ATOM   399  O O   . LEU A 1 53  ? 7.712   11.976  5.635   1.00 18.79 ? 218 LEU A O   1 
ATOM   400  C CB  . LEU A 1 53  ? 9.225   10.428  7.836   1.00 20.87 ? 218 LEU A CB  1 
ATOM   401  C CG  . LEU A 1 53  ? 10.561  9.753   8.128   1.00 20.09 ? 218 LEU A CG  1 
ATOM   402  C CD1 . LEU A 1 53  ? 10.341  8.354   8.712   1.00 20.10 ? 218 LEU A CD1 1 
ATOM   403  C CD2 . LEU A 1 53  ? 11.419  9.687   6.868   1.00 20.21 ? 218 LEU A CD2 1 
ATOM   404  N N   . VAL A 1 54  ? 7.198   13.060  7.518   1.00 20.22 ? 219 VAL A N   1 
ATOM   405  C CA  . VAL A 1 54  ? 5.950   13.593  6.968   1.00 20.62 ? 219 VAL A CA  1 
ATOM   406  C C   . VAL A 1 54  ? 6.282   14.559  5.831   1.00 20.14 ? 219 VAL A C   1 
ATOM   407  O O   . VAL A 1 54  ? 5.645   14.536  4.781   1.00 20.36 ? 219 VAL A O   1 
ATOM   408  C CB  . VAL A 1 54  ? 5.091   14.273  8.054   1.00 20.92 ? 219 VAL A CB  1 
ATOM   409  C CG1 . VAL A 1 54  ? 3.841   14.912  7.443   1.00 21.87 ? 219 VAL A CG1 1 
ATOM   410  C CG2 . VAL A 1 54  ? 4.703   13.249  9.119   1.00 21.60 ? 219 VAL A CG2 1 
ATOM   411  N N   . THR A 1 55  ? 7.306   15.374  6.050   1.00 20.20 ? 220 THR A N   1 
ATOM   412  C CA  . THR A 1 55  ? 7.859   16.279  5.048   1.00 20.23 ? 220 THR A CA  1 
ATOM   413  C C   . THR A 1 55  ? 8.570   15.545  3.895   1.00 18.88 ? 220 THR A C   1 
ATOM   414  O O   . THR A 1 55  ? 8.412   15.907  2.734   1.00 18.87 ? 220 THR A O   1 
ATOM   415  C CB  . THR A 1 55  ? 8.839   17.244  5.756   1.00 20.67 ? 220 THR A CB  1 
ATOM   416  O OG1 . THR A 1 55  ? 8.095   18.111  6.617   1.00 23.81 ? 220 THR A OG1 1 
ATOM   417  C CG2 . THR A 1 55  ? 9.523   18.181  4.780   1.00 22.35 ? 220 THR A CG2 1 
ATOM   418  N N   . TYR A 1 56  ? 9.342   14.508  4.226   1.00 17.77 ? 221 TYR A N   1 
ATOM   419  C CA  . TYR A 1 56  ? 10.053  13.700  3.234   1.00 16.99 ? 221 TYR A CA  1 
ATOM   420  C C   . TYR A 1 56  ? 9.078   13.132  2.196   1.00 16.60 ? 221 TYR A C   1 
ATOM   421  O O   . TYR A 1 56  ? 9.325   13.178  0.991   1.00 15.94 ? 221 TYR A O   1 
ATOM   422  C CB  . TYR A 1 56  ? 10.780  12.531  3.925   1.00 16.40 ? 221 TYR A CB  1 
ATOM   423  C CG  . TYR A 1 56  ? 11.570  11.663  2.966   1.00 15.65 ? 221 TYR A CG  1 
ATOM   424  C CD1 . TYR A 1 56  ? 12.837  12.043  2.540   1.00 16.61 ? 221 TYR A CD1 1 
ATOM   425  C CD2 . TYR A 1 56  ? 11.046  10.480  2.466   1.00 16.35 ? 221 TYR A CD2 1 
ATOM   426  C CE1 . TYR A 1 56  ? 13.558  11.280  1.650   1.00 17.11 ? 221 TYR A CE1 1 
ATOM   427  C CE2 . TYR A 1 56  ? 11.763  9.705   1.569   1.00 14.84 ? 221 TYR A CE2 1 
ATOM   428  C CZ  . TYR A 1 56  ? 13.025  10.106  1.168   1.00 16.55 ? 221 TYR A CZ  1 
ATOM   429  O OH  . TYR A 1 56  ? 13.766  9.339   0.281   1.00 15.51 ? 221 TYR A OH  1 
ATOM   430  N N   . PHE A 1 57  ? 7.957   12.605  2.686   1.00 16.64 ? 222 PHE A N   1 
ATOM   431  C CA  . PHE A 1 57  ? 6.931   12.024  1.823   1.00 17.09 ? 222 PHE A CA  1 
ATOM   432  C C   . PHE A 1 57  ? 5.948   13.111  1.387   1.00 18.19 ? 222 PHE A C   1 
ATOM   433  O O   . PHE A 1 57  ? 4.746   13.064  1.681   1.00 18.83 ? 222 PHE A O   1 
ATOM   434  C CB  . PHE A 1 57  ? 6.254   10.836  2.527   1.00 16.79 ? 222 PHE A CB  1 
ATOM   435  C CG  . PHE A 1 57  ? 7.170   9.646   2.685   1.00 15.34 ? 222 PHE A CG  1 
ATOM   436  C CD1 . PHE A 1 57  ? 7.652   8.963   1.571   1.00 15.24 ? 222 PHE A CD1 1 
ATOM   437  C CD2 . PHE A 1 57  ? 7.589   9.240   3.938   1.00 15.89 ? 222 PHE A CD2 1 
ATOM   438  C CE1 . PHE A 1 57  ? 8.514   7.881   1.711   1.00 14.78 ? 222 PHE A CE1 1 
ATOM   439  C CE2 . PHE A 1 57  ? 8.458   8.162   4.094   1.00 15.07 ? 222 PHE A CE2 1 
ATOM   440  C CZ  . PHE A 1 57  ? 8.918   7.478   2.984   1.00 14.85 ? 222 PHE A CZ  1 
ATOM   441  N N   . GLY A 1 58  ? 6.495   14.071  0.647   1.00 18.79 ? 223 GLY A N   1 
ATOM   442  C CA  . GLY A 1 58  ? 5.836   15.331  0.356   1.00 19.55 ? 223 GLY A CA  1 
ATOM   443  C C   . GLY A 1 58  ? 4.704   15.262  -0.634  1.00 19.69 ? 223 GLY A C   1 
ATOM   444  O O   . GLY A 1 58  ? 3.870   16.147  -0.650  1.00 20.61 ? 223 GLY A O   1 
ATOM   445  N N   . LYS A 1 59  ? 4.678   14.233  -1.473  1.00 19.90 ? 224 LYS A N   1 
ATOM   446  C CA  . LYS A 1 59  ? 3.561   14.021  -2.376  1.00 20.34 ? 224 LYS A CA  1 
ATOM   447  C C   . LYS A 1 59  ? 2.612   13.038  -1.708  1.00 21.62 ? 224 LYS A C   1 
ATOM   448  O O   . LYS A 1 59  ? 2.927   11.860  -1.570  1.00 20.56 ? 224 LYS A O   1 
ATOM   449  C CB  . LYS A 1 59  ? 4.049   13.500  -3.719  1.00 20.18 ? 224 LYS A CB  1 
ATOM   450  C CG  . LYS A 1 59  ? 5.109   14.401  -4.343  1.00 20.26 ? 224 LYS A CG  1 
ATOM   451  C CD  . LYS A 1 59  ? 5.319   14.103  -5.801  1.00 19.92 ? 224 LYS A CD  1 
ATOM   452  C CE  . LYS A 1 59  ? 5.660   12.644  -6.037  1.00 19.53 ? 224 LYS A CE  1 
ATOM   453  N NZ  . LYS A 1 59  ? 6.384   12.429  -7.326  1.00 18.66 ? 224 LYS A NZ  1 
ATOM   454  N N   . ARG A 1 60  ? 1.468   13.534  -1.260  1.00 23.02 ? 225 ARG A N   1 
ATOM   455  C CA  . ARG A 1 60  ? 0.507   12.690  -0.555  1.00 25.47 ? 225 ARG A CA  1 
ATOM   456  C C   . ARG A 1 60  ? -0.866  12.832  -1.204  1.00 26.41 ? 225 ARG A C   1 
ATOM   457  O O   . ARG A 1 60  ? -1.153  13.856  -1.826  1.00 26.62 ? 225 ARG A O   1 
ATOM   458  C CB  . ARG A 1 60  ? 0.453   13.029  0.948   1.00 26.20 ? 225 ARG A CB  1 
ATOM   459  C CG  . ARG A 1 60  ? 0.838   14.465  1.318   1.00 29.27 ? 225 ARG A CG  1 
ATOM   460  C CD  . ARG A 1 60  ? 1.142   14.703  2.798   1.00 32.96 ? 225 ARG A CD  1 
ATOM   461  N NE  . ARG A 1 60  ? 2.449   15.356  2.959   1.00 36.65 ? 225 ARG A NE  1 
ATOM   462  C CZ  . ARG A 1 60  ? 2.812   16.146  3.974   1.00 37.62 ? 225 ARG A CZ  1 
ATOM   463  N NH1 . ARG A 1 60  ? 1.976   16.417  4.977   1.00 39.62 ? 225 ARG A NH1 1 
ATOM   464  N NH2 . ARG A 1 60  ? 4.036   16.672  3.983   1.00 36.77 ? 225 ARG A NH2 1 
ATOM   465  N N   . PRO A 1 61  ? -1.707  11.807  -1.097  1.00 27.38 ? 226 PRO A N   1 
ATOM   466  C CA  . PRO A 1 61  ? -3.120  11.955  -1.472  1.00 28.07 ? 226 PRO A CA  1 
ATOM   467  C C   . PRO A 1 61  ? -3.735  13.096  -0.659  1.00 28.91 ? 226 PRO A C   1 
ATOM   468  O O   . PRO A 1 61  ? -3.510  13.138  0.553   1.00 29.91 ? 226 PRO A O   1 
ATOM   469  C CB  . PRO A 1 61  ? -3.724  10.604  -1.084  1.00 28.14 ? 226 PRO A CB  1 
ATOM   470  C CG  . PRO A 1 61  ? -2.579  9.655   -1.115  1.00 27.98 ? 226 PRO A CG  1 
ATOM   471  C CD  . PRO A 1 61  ? -1.405  10.445  -0.620  1.00 27.34 ? 226 PRO A CD  1 
ATOM   472  N N   . PRO A 1 62  ? -4.411  14.048  -1.296  1.00 30.03 ? 227 PRO A N   1 
ATOM   473  C CA  . PRO A 1 62  ? -4.999  15.191  -0.574  1.00 29.95 ? 227 PRO A CA  1 
ATOM   474  C C   . PRO A 1 62  ? -6.247  14.893  0.287   1.00 29.62 ? 227 PRO A C   1 
ATOM   475  O O   . PRO A 1 62  ? -6.473  15.602  1.272   1.00 30.72 ? 227 PRO A O   1 
ATOM   476  C CB  . PRO A 1 62  ? -5.336  16.175  -1.700  1.00 30.25 ? 227 PRO A CB  1 
ATOM   477  C CG  . PRO A 1 62  ? -5.525  15.330  -2.912  1.00 30.53 ? 227 PRO A CG  1 
ATOM   478  C CD  . PRO A 1 62  ? -4.603  14.155  -2.756  1.00 30.11 ? 227 PRO A CD  1 
ATOM   479  N N   . GLY A 1 63  ? -7.037  13.882  -0.073  1.00 28.03 ? 228 GLY A N   1 
ATOM   480  C CA  . GLY A 1 63  ? -8.277  13.581  0.631   1.00 26.79 ? 228 GLY A CA  1 
ATOM   481  C C   . GLY A 1 63  ? -8.624  12.104  0.616   1.00 25.34 ? 228 GLY A C   1 
ATOM   482  O O   . GLY A 1 63  ? -8.186  11.352  1.485   1.00 26.71 ? 228 GLY A O   1 
ATOM   483  N N   . VAL A 1 64  ? -9.409  11.672  -0.364  1.00 23.44 ? 229 VAL A N   1 
ATOM   484  C CA  . VAL A 1 64  ? -9.853  10.280  -0.422  1.00 20.99 ? 229 VAL A CA  1 
ATOM   485  C C   . VAL A 1 64  ? -8.709  9.333   -0.809  1.00 19.41 ? 229 VAL A C   1 
ATOM   486  O O   . VAL A 1 64  ? -8.031  9.533   -1.813  1.00 19.09 ? 229 VAL A O   1 
ATOM   487  C CB  . VAL A 1 64  ? -11.045 10.129  -1.396  1.00 21.65 ? 229 VAL A CB  1 
ATOM   488  C CG1 . VAL A 1 64  ? -11.326 8.671   -1.719  1.00 20.60 ? 229 VAL A CG1 1 
ATOM   489  C CG2 . VAL A 1 64  ? -12.287 10.812  -0.801  1.00 21.64 ? 229 VAL A CG2 1 
ATOM   490  N N   . LEU A 1 65  ? -8.516  8.292   -0.013  1.00 17.08 ? 230 LEU A N   1 
ATOM   491  C CA  . LEU A 1 65  ? -7.486  7.292   -0.287  1.00 15.83 ? 230 LEU A CA  1 
ATOM   492  C C   . LEU A 1 65  ? -8.115  6.157   -1.075  1.00 14.80 ? 230 LEU A C   1 
ATOM   493  O O   . LEU A 1 65  ? -9.336  6.012   -1.086  1.00 13.75 ? 230 LEU A O   1 
ATOM   494  C CB  . LEU A 1 65  ? -6.916  6.756   1.024   1.00 16.06 ? 230 LEU A CB  1 
ATOM   495  C CG  . LEU A 1 65  ? -6.122  7.711   1.909   1.00 16.82 ? 230 LEU A CG  1 
ATOM   496  C CD1 . LEU A 1 65  ? -5.764  7.012   3.226   1.00 16.95 ? 230 LEU A CD1 1 
ATOM   497  C CD2 . LEU A 1 65  ? -4.869  8.189   1.206   1.00 18.05 ? 230 LEU A CD2 1 
ATOM   498  N N   . HIS A 1 66  ? -7.292  5.353   -1.743  1.00 14.15 ? 231 HIS A N   1 
ATOM   499  C CA  . HIS A 1 66  ? -7.814  4.216   -2.502  1.00 13.78 ? 231 HIS A CA  1 
ATOM   500  C C   . HIS A 1 66  ? -6.873  3.024   -2.554  1.00 13.63 ? 231 HIS A C   1 
ATOM   501  O O   . HIS A 1 66  ? -5.670  3.143   -2.322  1.00 12.83 ? 231 HIS A O   1 
ATOM   502  C CB  . HIS A 1 66  ? -8.144  4.655   -3.923  1.00 14.10 ? 231 HIS A CB  1 
ATOM   503  C CG  . HIS A 1 66  ? -6.937  4.942   -4.755  1.00 15.06 ? 231 HIS A CG  1 
ATOM   504  N ND1 . HIS A 1 66  ? -6.409  6.211   -4.881  1.00 16.71 ? 231 HIS A ND1 1 
ATOM   505  C CD2 . HIS A 1 66  ? -6.157  4.129   -5.504  1.00 14.32 ? 231 HIS A CD2 1 
ATOM   506  C CE1 . HIS A 1 66  ? -5.348  6.164   -5.670  1.00 17.43 ? 231 HIS A CE1 1 
ATOM   507  N NE2 . HIS A 1 66  ? -5.174  4.911   -6.061  1.00 15.83 ? 231 HIS A NE2 1 
ATOM   508  N N   . CYS A 1 67  ? -7.455  1.885   -2.901  1.00 13.40 ? 232 CYS A N   1 
ATOM   509  C CA  . CYS A 1 67  ? -6.751  0.634   -3.147  1.00 13.40 ? 232 CYS A CA  1 
ATOM   510  C C   . CYS A 1 67  ? -7.113  0.206   -4.564  1.00 13.40 ? 232 CYS A C   1 
ATOM   511  O O   . CYS A 1 67  ? -8.248  -0.199  -4.839  1.00 12.84 ? 232 CYS A O   1 
ATOM   512  C CB  . CYS A 1 67  ? -7.164  -0.429  -2.141  1.00 13.70 ? 232 CYS A CB  1 
ATOM   513  S SG  . CYS A 1 67  ? -6.466  -2.054  -2.487  1.00 14.13 ? 232 CYS A SG  1 
ATOM   514  N N   . THR A 1 68  ? -6.174  0.391   -5.481  1.00 13.60 ? 233 THR A N   1 
ATOM   515  C CA  . THR A 1 68  ? -6.392  0.088   -6.887  1.00 14.20 ? 233 THR A CA  1 
ATOM   516  C C   . THR A 1 68  ? -6.523  -1.410  -7.105  1.00 14.80 ? 233 THR A C   1 
ATOM   517  O O   . THR A 1 68  ? -5.804  -2.184  -6.480  1.00 14.76 ? 233 THR A O   1 
ATOM   518  C CB  . THR A 1 68  ? -5.183  0.584   -7.709  1.00 14.76 ? 233 THR A CB  1 
ATOM   519  O OG1 . THR A 1 68  ? -5.055  2.004   -7.588  1.00 16.36 ? 233 THR A OG1 1 
ATOM   520  C CG2 . THR A 1 68  ? -5.361  0.319   -9.196  1.00 14.81 ? 233 THR A CG2 1 
ATOM   521  N N   . THR A 1 69  ? -7.431  -1.816  -7.992  1.00 14.91 ? 234 THR A N   1 
ATOM   522  C CA  . THR A 1 69  ? -7.435  -3.177  -8.516  1.00 15.41 ? 234 THR A CA  1 
ATOM   523  C C   . THR A 1 69  ? -6.769  -3.210  -9.889  1.00 16.59 ? 234 THR A C   1 
ATOM   524  O O   . THR A 1 69  ? -5.603  -3.600  -9.998  1.00 18.07 ? 234 THR A O   1 
ATOM   525  C CB  . THR A 1 69  ? -8.849  -3.789  -8.582  1.00 15.41 ? 234 THR A CB  1 
ATOM   526  O OG1 . THR A 1 69  ? -9.751  -2.926  -9.299  1.00 14.51 ? 234 THR A OG1 1 
ATOM   527  C CG2 . THR A 1 69  ? -9.430  -3.923  -7.175  1.00 15.46 ? 234 THR A CG2 1 
ATOM   528  N N   . LYS A 1 70  ? -7.491  -2.786  -10.919 1.00 17.07 ? 235 LYS A N   1 
ATOM   529  C CA  . LYS A 1 70  ? -7.019  -2.901  -12.300 1.00 17.61 ? 235 LYS A CA  1 
ATOM   530  C C   . LYS A 1 70  ? -6.734  -1.525  -12.886 1.00 17.43 ? 235 LYS A C   1 
ATOM   531  O O   . LYS A 1 70  ? -7.625  -0.689  -12.973 1.00 16.89 ? 235 LYS A O   1 
ATOM   532  C CB  . LYS A 1 70  ? -8.064  -3.616  -13.168 1.00 18.05 ? 235 LYS A CB  1 
ATOM   533  C CG  . LYS A 1 70  ? -7.736  -3.694  -14.671 1.00 19.46 ? 235 LYS A CG  1 
ATOM   534  C CD  . LYS A 1 70  ? -6.615  -4.658  -14.963 1.00 20.72 ? 235 LYS A CD  1 
ATOM   535  C CE  . LYS A 1 70  ? -6.401  -4.808  -16.467 1.00 22.22 ? 235 LYS A CE  1 
ATOM   536  N NZ  . LYS A 1 70  ? -5.265  -5.698  -16.753 1.00 23.02 ? 235 LYS A NZ  1 
ATOM   537  N N   . PHE A 1 71  ? -5.489  -1.306  -13.294 1.00 17.41 ? 236 PHE A N   1 
ATOM   538  C CA  . PHE A 1 71  ? -5.136  -0.140  -14.080 1.00 18.04 ? 236 PHE A CA  1 
ATOM   539  C C   . PHE A 1 71  ? -5.623  -0.330  -15.512 1.00 18.21 ? 236 PHE A C   1 
ATOM   540  O O   . PHE A 1 71  ? -5.280  -1.311  -16.177 1.00 17.86 ? 236 PHE A O   1 
ATOM   541  C CB  . PHE A 1 71  ? -3.626  0.095   -14.073 1.00 18.57 ? 236 PHE A CB  1 
ATOM   542  C CG  . PHE A 1 71  ? -3.226  1.348   -14.780 1.00 20.09 ? 236 PHE A CG  1 
ATOM   543  C CD1 . PHE A 1 71  ? -3.551  2.588   -14.244 1.00 21.55 ? 236 PHE A CD1 1 
ATOM   544  C CD2 . PHE A 1 71  ? -2.545  1.295   -15.988 1.00 20.81 ? 236 PHE A CD2 1 
ATOM   545  C CE1 . PHE A 1 71  ? -3.201  3.758   -14.903 1.00 21.28 ? 236 PHE A CE1 1 
ATOM   546  C CE2 . PHE A 1 71  ? -2.181  2.462   -16.643 1.00 22.50 ? 236 PHE A CE2 1 
ATOM   547  C CZ  . PHE A 1 71  ? -2.512  3.691   -16.107 1.00 21.81 ? 236 PHE A CZ  1 
ATOM   548  N N   . CYS A 1 72  ? -6.442  0.604   -15.983 1.00 18.31 ? 237 CYS A N   1 
ATOM   549  C CA  . CYS A 1 72  ? -7.114  0.451   -17.272 1.00 19.02 ? 237 CYS A CA  1 
ATOM   550  C C   . CYS A 1 72  ? -6.590  1.376   -18.346 1.00 19.19 ? 237 CYS A C   1 
ATOM   551  O O   . CYS A 1 72  ? -6.654  1.026   -19.515 1.00 19.18 ? 237 CYS A O   1 
ATOM   552  C CB  . CYS A 1 72  ? -8.611  0.673   -17.113 1.00 19.04 ? 237 CYS A CB  1 
ATOM   553  S SG  . CYS A 1 72  ? -9.387  -0.664  -16.229 1.00 21.34 ? 237 CYS A SG  1 
ATOM   554  N N   . ASP A 1 73  ? -6.108  2.558   -17.960 1.00 19.50 ? 238 ASP A N   1 
ATOM   555  C CA  . ASP A 1 73  ? -5.585  3.547   -18.916 1.00 20.73 ? 238 ASP A CA  1 
ATOM   556  C C   . ASP A 1 73  ? -6.590  3.835   -20.034 1.00 20.87 ? 238 ASP A C   1 
ATOM   557  O O   . ASP A 1 73  ? -6.237  3.879   -21.222 1.00 20.98 ? 238 ASP A O   1 
ATOM   558  C CB  . ASP A 1 73  ? -4.255  3.047   -19.493 1.00 20.87 ? 238 ASP A CB  1 
ATOM   559  C CG  . ASP A 1 73  ? -3.361  4.166   -20.009 1.00 23.94 ? 238 ASP A CG  1 
ATOM   560  O OD1 . ASP A 1 73  ? -3.621  5.363   -19.743 1.00 27.27 ? 238 ASP A OD1 1 
ATOM   561  O OD2 . ASP A 1 73  ? -2.348  3.920   -20.705 1.00 27.52 ? 238 ASP A OD2 1 
ATOM   562  N N   . TYR A 1 74  ? -7.843  4.029   -19.636 1.00 20.90 ? 239 TYR A N   1 
ATOM   563  C CA  . TYR A 1 74  ? -8.952  4.307   -20.554 1.00 21.66 ? 239 TYR A CA  1 
ATOM   564  C C   . TYR A 1 74  ? -9.133  3.263   -21.667 1.00 22.33 ? 239 TYR A C   1 
ATOM   565  O O   . TYR A 1 74  ? -9.633  3.586   -22.757 1.00 23.62 ? 239 TYR A O   1 
ATOM   566  C CB  . TYR A 1 74  ? -8.806  5.710   -21.150 1.00 21.47 ? 239 TYR A CB  1 
ATOM   567  C CG  . TYR A 1 74  ? -8.503  6.770   -20.124 1.00 21.39 ? 239 TYR A CG  1 
ATOM   568  C CD1 . TYR A 1 74  ? -9.480  7.191   -19.222 1.00 21.75 ? 239 TYR A CD1 1 
ATOM   569  C CD2 . TYR A 1 74  ? -7.248  7.355   -20.047 1.00 21.58 ? 239 TYR A CD2 1 
ATOM   570  C CE1 . TYR A 1 74  ? -9.210  8.167   -18.277 1.00 22.53 ? 239 TYR A CE1 1 
ATOM   571  C CE2 . TYR A 1 74  ? -6.965  8.332   -19.096 1.00 23.47 ? 239 TYR A CE2 1 
ATOM   572  C CZ  . TYR A 1 74  ? -7.956  8.723   -18.205 1.00 23.51 ? 239 TYR A CZ  1 
ATOM   573  O OH  . TYR A 1 74  ? -7.693  9.698   -17.262 1.00 25.23 ? 239 TYR A OH  1 
ATOM   574  N N   . GLY A 1 75  ? -8.758  2.013   -21.383 1.00 21.49 ? 240 GLY A N   1 
ATOM   575  C CA  . GLY A 1 75  ? -8.902  0.921   -22.335 1.00 21.62 ? 240 GLY A CA  1 
ATOM   576  C C   . GLY A 1 75  ? -7.622  0.477   -23.033 1.00 21.59 ? 240 GLY A C   1 
ATOM   577  O O   . GLY A 1 75  ? -7.615  -0.550  -23.715 1.00 22.44 ? 240 GLY A O   1 
ATOM   578  N N   . LYS A 1 76  ? -6.547  1.231   -22.849 1.00 21.30 ? 241 LYS A N   1 
ATOM   579  C CA  . LYS A 1 76  ? -5.256  0.961   -23.490 1.00 21.49 ? 241 LYS A CA  1 
ATOM   580  C C   . LYS A 1 76  ? -4.410  -0.069  -22.737 1.00 21.09 ? 241 LYS A C   1 
ATOM   581  O O   . LYS A 1 76  ? -3.524  -0.696  -23.324 1.00 20.81 ? 241 LYS A O   1 
ATOM   582  C CB  . LYS A 1 76  ? -4.460  2.257   -23.630 1.00 21.61 ? 241 LYS A CB  1 
ATOM   583  C CG  . LYS A 1 76  ? -5.120  3.314   -24.500 1.00 23.12 ? 241 LYS A CG  1 
ATOM   584  C CD  . LYS A 1 76  ? -4.201  4.511   -24.720 1.00 24.72 ? 241 LYS A CD  1 
ATOM   585  C CE  . LYS A 1 76  ? -4.093  5.388   -23.473 1.00 26.75 ? 241 LYS A CE  1 
ATOM   586  N NZ  . LYS A 1 76  ? -3.489  6.724   -23.758 1.00 28.53 ? 241 LYS A NZ  1 
ATOM   587  N N   . ALA A 1 77  ? -4.660  -0.242  -21.438 1.00 20.37 ? 242 ALA A N   1 
ATOM   588  C CA  . ALA A 1 77  ? -3.953  -1.266  -20.663 1.00 20.51 ? 242 ALA A CA  1 
ATOM   589  C C   . ALA A 1 77  ? -4.500  -2.640  -21.026 1.00 20.68 ? 242 ALA A C   1 
ATOM   590  O O   . ALA A 1 77  ? -5.717  -2.851  -20.960 1.00 20.46 ? 242 ALA A O   1 
ATOM   591  C CB  . ALA A 1 77  ? -4.103  -1.013  -19.175 1.00 20.64 ? 242 ALA A CB  1 
ATOM   592  N N   . PRO A 1 78  ? -3.635  -3.574  -21.436 1.00 20.86 ? 243 PRO A N   1 
ATOM   593  C CA  . PRO A 1 78  ? -4.102  -4.919  -21.808 1.00 21.00 ? 243 PRO A CA  1 
ATOM   594  C C   . PRO A 1 78  ? -5.023  -5.568  -20.769 1.00 20.97 ? 243 PRO A C   1 
ATOM   595  O O   . PRO A 1 78  ? -4.689  -5.603  -19.577 1.00 21.31 ? 243 PRO A O   1 
ATOM   596  C CB  . PRO A 1 78  ? -2.798  -5.721  -21.951 1.00 21.03 ? 243 PRO A CB  1 
ATOM   597  C CG  . PRO A 1 78  ? -1.767  -4.718  -22.327 1.00 21.73 ? 243 PRO A CG  1 
ATOM   598  C CD  . PRO A 1 78  ? -2.182  -3.422  -21.642 1.00 20.96 ? 243 PRO A CD  1 
ATOM   599  N N   . GLY A 1 79  ? -6.159  -6.082  -21.239 1.00 20.85 ? 244 GLY A N   1 
ATOM   600  C CA  . GLY A 1 79  ? -7.144  -6.730  -20.396 1.00 21.03 ? 244 GLY A CA  1 
ATOM   601  C C   . GLY A 1 79  ? -8.121  -5.795  -19.702 1.00 20.94 ? 244 GLY A C   1 
ATOM   602  O O   . GLY A 1 79  ? -8.980  -6.263  -18.971 1.00 21.34 ? 244 GLY A O   1 
ATOM   603  N N   . ALA A 1 80  ? -8.019  -4.489  -19.950 1.00 20.97 ? 245 ALA A N   1 
ATOM   604  C CA  . ALA A 1 80  ? -8.880  -3.518  -19.279 1.00 21.23 ? 245 ALA A CA  1 
ATOM   605  C C   . ALA A 1 80  ? -10.344 -3.762  -19.613 1.00 21.65 ? 245 ALA A C   1 
ATOM   606  O O   . ALA A 1 80  ? -11.175 -3.857  -18.719 1.00 21.06 ? 245 ALA A O   1 
ATOM   607  C CB  . ALA A 1 80  ? -8.481  -2.091  -19.645 1.00 21.12 ? 245 ALA A CB  1 
ATOM   608  N N   . GLU A 1 81  ? -10.651 -3.875  -20.901 1.00 22.15 ? 246 GLU A N   1 
ATOM   609  C CA  . GLU A 1 81  ? -12.022 -4.093  -21.354 1.00 23.59 ? 246 GLU A CA  1 
ATOM   610  C C   . GLU A 1 81  ? -12.615 -5.387  -20.792 1.00 23.35 ? 246 GLU A C   1 
ATOM   611  O O   . GLU A 1 81  ? -13.749 -5.394  -20.303 1.00 22.69 ? 246 GLU A O   1 
ATOM   612  C CB  . GLU A 1 81  ? -12.084 -4.104  -22.888 1.00 24.37 ? 246 GLU A CB  1 
ATOM   613  C CG  . GLU A 1 81  ? -13.466 -3.814  -23.435 1.00 27.82 ? 246 GLU A CG  1 
ATOM   614  C CD  . GLU A 1 81  ? -13.898 -2.392  -23.151 1.00 31.85 ? 246 GLU A CD  1 
ATOM   615  O OE1 . GLU A 1 81  ? -13.382 -1.467  -23.822 1.00 36.67 ? 246 GLU A OE1 1 
ATOM   616  O OE2 . GLU A 1 81  ? -14.729 -2.200  -22.237 1.00 35.15 ? 246 GLU A OE2 1 
ATOM   617  N N   . GLU A 1 82  ? -11.835 -6.466  -20.838 1.00 23.36 ? 247 GLU A N   1 
ATOM   618  C CA  . GLU A 1 82  ? -12.263 -7.759  -20.302 1.00 24.14 ? 247 GLU A CA  1 
ATOM   619  C C   . GLU A 1 82  ? -12.575 -7.684  -18.810 1.00 22.92 ? 247 GLU A C   1 
ATOM   620  O O   . GLU A 1 82  ? -13.578 -8.223  -18.342 1.00 22.96 ? 247 GLU A O   1 
ATOM   621  C CB  . GLU A 1 82  ? -11.191 -8.817  -20.521 1.00 24.69 ? 247 GLU A CB  1 
ATOM   622  C CG  . GLU A 1 82  ? -11.718 -10.236 -20.456 1.00 28.94 ? 247 GLU A CG  1 
ATOM   623  C CD  . GLU A 1 82  ? -12.496 -10.618 -21.703 1.00 33.34 ? 247 GLU A CD  1 
ATOM   624  O OE1 . GLU A 1 82  ? -11.951 -10.441 -22.818 1.00 37.43 ? 247 GLU A OE1 1 
ATOM   625  O OE2 . GLU A 1 82  ? -13.648 -11.088 -21.569 1.00 36.30 ? 247 GLU A OE2 1 
ATOM   626  N N   . TYR A 1 83  ? -11.691 -7.023  -18.073 1.00 21.96 ? 248 TYR A N   1 
ATOM   627  C CA  . TYR A 1 83  ? -11.881 -6.792  -16.643 1.00 20.69 ? 248 TYR A CA  1 
ATOM   628  C C   . TYR A 1 83  ? -13.183 -6.027  -16.385 1.00 20.74 ? 248 TYR A C   1 
ATOM   629  O O   . TYR A 1 83  ? -13.986 -6.426  -15.544 1.00 20.37 ? 248 TYR A O   1 
ATOM   630  C CB  . TYR A 1 83  ? -10.675 -6.024  -16.068 1.00 20.33 ? 248 TYR A CB  1 
ATOM   631  C CG  . TYR A 1 83  ? -10.787 -5.774  -14.580 1.00 17.52 ? 248 TYR A CG  1 
ATOM   632  C CD1 . TYR A 1 83  ? -10.401 -6.740  -13.663 1.00 16.38 ? 248 TYR A CD1 1 
ATOM   633  C CD2 . TYR A 1 83  ? -11.318 -4.582  -14.094 1.00 15.77 ? 248 TYR A CD2 1 
ATOM   634  C CE1 . TYR A 1 83  ? -10.529 -6.529  -12.289 1.00 16.58 ? 248 TYR A CE1 1 
ATOM   635  C CE2 . TYR A 1 83  ? -11.442 -4.357  -12.726 1.00 13.33 ? 248 TYR A CE2 1 
ATOM   636  C CZ  . TYR A 1 83  ? -11.040 -5.322  -11.831 1.00 14.50 ? 248 TYR A CZ  1 
ATOM   637  O OH  . TYR A 1 83  ? -11.176 -5.097  -10.478 1.00 14.62 ? 248 TYR A OH  1 
ATOM   638  N N   . ALA A 1 84  ? -13.394 -4.944  -17.131 1.00 20.56 ? 249 ALA A N   1 
ATOM   639  C CA  . ALA A 1 84  ? -14.557 -4.075  -16.952 1.00 21.31 ? 249 ALA A CA  1 
ATOM   640  C C   . ALA A 1 84  ? -15.882 -4.780  -17.215 1.00 22.33 ? 249 ALA A C   1 
ATOM   641  O O   . ALA A 1 84  ? -16.906 -4.394  -16.649 1.00 22.80 ? 249 ALA A O   1 
ATOM   642  C CB  . ALA A 1 84  ? -14.450 -2.869  -17.848 1.00 21.36 ? 249 ALA A CB  1 
ATOM   643  N N   . GLN A 1 85  ? -15.846 -5.800  -18.073 1.00 23.05 ? 250 GLN A N   1 
ATOM   644  C CA  . GLN A 1 85  ? -17.042 -6.486  -18.580 1.00 24.46 ? 250 GLN A CA  1 
ATOM   645  C C   . GLN A 1 85  ? -17.523 -7.605  -17.649 1.00 24.26 ? 250 GLN A C   1 
ATOM   646  O O   . GLN A 1 85  ? -18.635 -8.114  -17.816 1.00 24.62 ? 250 GLN A O   1 
ATOM   647  C CB  . GLN A 1 85  ? -16.727 -7.046  -19.989 1.00 25.16 ? 250 GLN A CB  1 
ATOM   648  C CG  . GLN A 1 85  ? -17.532 -8.272  -20.477 1.00 29.09 ? 250 GLN A CG  1 
ATOM   649  C CD  . GLN A 1 85  ? -17.019 -9.627  -19.969 1.00 32.70 ? 250 GLN A CD  1 
ATOM   650  O OE1 . GLN A 1 85  ? -17.802 -10.580 -19.862 1.00 36.25 ? 250 GLN A OE1 1 
ATOM   651  N NE2 . GLN A 1 85  ? -15.725 -9.717  -19.656 1.00 34.53 ? 250 GLN A NE2 1 
ATOM   652  N N   . GLN A 1 86  ? -16.702 -7.974  -16.666 1.00 23.61 ? 251 GLN A N   1 
ATOM   653  C CA  . GLN A 1 86  ? -16.990 -9.099  -15.785 1.00 23.78 ? 251 GLN A CA  1 
ATOM   654  C C   . GLN A 1 86  ? -18.278 -8.903  -15.015 1.00 23.52 ? 251 GLN A C   1 
ATOM   655  O O   . GLN A 1 86  ? -18.546 -7.818  -14.510 1.00 22.52 ? 251 GLN A O   1 
ATOM   656  C CB  . GLN A 1 86  ? -15.863 -9.311  -14.777 1.00 23.82 ? 251 GLN A CB  1 
ATOM   657  C CG  . GLN A 1 86  ? -14.547 -9.732  -15.366 1.00 25.34 ? 251 GLN A CG  1 
ATOM   658  C CD  . GLN A 1 86  ? -13.506 -9.959  -14.298 1.00 27.72 ? 251 GLN A CD  1 
ATOM   659  O OE1 . GLN A 1 86  ? -12.999 -9.005  -13.709 1.00 30.77 ? 251 GLN A OE1 1 
ATOM   660  N NE2 . GLN A 1 86  ? -13.197 -11.216 -14.028 1.00 30.54 ? 251 GLN A NE2 1 
ATOM   661  N N   . ASP A 1 87  ? -19.068 -9.972  -14.921 1.00 23.30 ? 252 ASP A N   1 
ATOM   662  C CA  . ASP A 1 87  ? -20.293 -9.955  -14.142 1.00 23.65 ? 252 ASP A CA  1 
ATOM   663  C C   . ASP A 1 87  ? -20.014 -9.578  -12.695 1.00 23.00 ? 252 ASP A C   1 
ATOM   664  O O   . ASP A 1 87  ? -20.749 -8.804  -12.114 1.00 22.86 ? 252 ASP A O   1 
ATOM   665  C CB  . ASP A 1 87  ? -20.965 -11.331 -14.172 1.00 24.47 ? 252 ASP A CB  1 
ATOM   666  C CG  . ASP A 1 87  ? -21.776 -11.567 -15.431 1.00 26.84 ? 252 ASP A CG  1 
ATOM   667  O OD1 . ASP A 1 87  ? -21.898 -10.642 -16.264 1.00 30.31 ? 252 ASP A OD1 1 
ATOM   668  O OD2 . ASP A 1 87  ? -22.337 -12.664 -15.660 1.00 30.77 ? 252 ASP A OD2 1 
ATOM   669  N N   . VAL A 1 88  ? -18.949 -10.127 -12.113 1.00 22.61 ? 253 VAL A N   1 
ATOM   670  C CA  . VAL A 1 88  ? -18.617 -9.837  -10.720 1.00 22.78 ? 253 VAL A CA  1 
ATOM   671  C C   . VAL A 1 88  ? -18.357 -8.343  -10.491 1.00 21.87 ? 253 VAL A C   1 
ATOM   672  O O   . VAL A 1 88  ? -18.679 -7.807  -9.425  1.00 21.52 ? 253 VAL A O   1 
ATOM   673  C CB  . VAL A 1 88  ? -17.410 -10.671 -10.200 1.00 22.99 ? 253 VAL A CB  1 
ATOM   674  C CG1 . VAL A 1 88  ? -16.127 -10.354 -10.942 1.00 23.62 ? 253 VAL A CG1 1 
ATOM   675  C CG2 . VAL A 1 88  ? -17.234 -10.465 -8.705  1.00 25.12 ? 253 VAL A CG2 1 
ATOM   676  N N   . LEU A 1 89  ? -17.764 -7.685  -11.481 1.00 21.25 ? 254 LEU A N   1 
ATOM   677  C CA  . LEU A 1 89  ? -17.548 -6.243  -11.410 1.00 21.24 ? 254 LEU A CA  1 
ATOM   678  C C   . LEU A 1 89  ? -18.890 -5.522  -11.499 1.00 21.22 ? 254 LEU A C   1 
ATOM   679  O O   . LEU A 1 89  ? -19.141 -4.579  -10.760 1.00 20.80 ? 254 LEU A O   1 
ATOM   680  C CB  . LEU A 1 89  ? -16.625 -5.776  -12.526 1.00 21.36 ? 254 LEU A CB  1 
ATOM   681  C CG  . LEU A 1 89  ? -16.238 -4.289  -12.470 1.00 21.15 ? 254 LEU A CG  1 
ATOM   682  C CD1 . LEU A 1 89  ? -14.769 -4.098  -12.790 1.00 21.85 ? 254 LEU A CD1 1 
ATOM   683  C CD2 . LEU A 1 89  ? -17.116 -3.441  -13.384 1.00 22.26 ? 254 LEU A CD2 1 
ATOM   684  N N   . LYS A 1 90  ? -19.758 -5.960  -12.406 1.00 21.60 ? 255 LYS A N   1 
ATOM   685  C CA  . LYS A 1 90  ? -21.068 -5.313  -12.541 1.00 22.10 ? 255 LYS A CA  1 
ATOM   686  C C   . LYS A 1 90  ? -21.865 -5.425  -11.239 1.00 22.20 ? 255 LYS A C   1 
ATOM   687  O O   . LYS A 1 90  ? -22.534 -4.480  -10.833 1.00 22.40 ? 255 LYS A O   1 
ATOM   688  C CB  . LYS A 1 90  ? -21.850 -5.900  -13.723 1.00 22.79 ? 255 LYS A CB  1 
ATOM   689  C CG  . LYS A 1 90  ? -21.176 -5.709  -15.088 1.00 24.29 ? 255 LYS A CG  1 
ATOM   690  C CD  . LYS A 1 90  ? -21.056 -4.234  -15.500 1.00 27.77 ? 255 LYS A CD  1 
ATOM   691  C CE  . LYS A 1 90  ? -20.518 -4.075  -16.918 1.00 29.71 ? 255 LYS A CE  1 
ATOM   692  N NZ  . LYS A 1 90  ? -19.457 -3.029  -17.036 1.00 31.58 ? 255 LYS A NZ  1 
ATOM   693  N N   . LYS A 1 91  ? -21.738 -6.561  -10.559 1.00 21.62 ? 256 LYS A N   1 
ATOM   694  C CA  . LYS A 1 91  ? -22.423 -6.809  -9.292  1.00 22.23 ? 256 LYS A CA  1 
ATOM   695  C C   . LYS A 1 91  ? -21.822 -6.043  -8.110  1.00 21.43 ? 256 LYS A C   1 
ATOM   696  O O   . LYS A 1 91  ? -22.502 -5.799  -7.117  1.00 22.37 ? 256 LYS A O   1 
ATOM   697  C CB  . LYS A 1 91  ? -22.414 -8.317  -8.979  1.00 22.90 ? 256 LYS A CB  1 
ATOM   698  C CG  . LYS A 1 91  ? -23.589 -9.098  -9.572  1.00 26.60 ? 256 LYS A CG  1 
ATOM   699  C CD  . LYS A 1 91  ? -23.819 -8.850  -11.066 1.00 31.20 ? 256 LYS A CD  1 
ATOM   700  C CE  . LYS A 1 91  ? -25.300 -8.573  -11.376 1.00 33.99 ? 256 LYS A CE  1 
ATOM   701  N NZ  . LYS A 1 91  ? -25.520 -8.120  -12.789 1.00 35.44 ? 256 LYS A NZ  1 
ATOM   702  N N   . SER A 1 92  ? -20.548 -5.677  -8.227  1.00 20.34 ? 257 SER A N   1 
ATOM   703  C CA  . SER A 1 92  ? -19.800 -5.017  -7.173  1.00 19.71 ? 257 SER A CA  1 
ATOM   704  C C   . SER A 1 92  ? -19.744 -3.497  -7.339  1.00 19.15 ? 257 SER A C   1 
ATOM   705  O O   . SER A 1 92  ? -19.408 -2.796  -6.388  1.00 18.33 ? 257 SER A O   1 
ATOM   706  C CB  . SER A 1 92  ? -18.363 -5.557  -7.143  1.00 20.29 ? 257 SER A CB  1 
ATOM   707  O OG  . SER A 1 92  ? -18.335 -6.957  -6.891  1.00 21.39 ? 257 SER A OG  1 
ATOM   708  N N   . TYR A 1 93  ? -20.083 -2.985  -8.525  1.00 18.43 ? 258 TYR A N   1 
ATOM   709  C CA  . TYR A 1 93  ? -19.894 -1.566  -8.799  1.00 18.58 ? 258 TYR A CA  1 
ATOM   710  C C   . TYR A 1 93  ? -20.793 -0.709  -7.915  1.00 18.93 ? 258 TYR A C   1 
ATOM   711  O O   . TYR A 1 93  ? -21.994 -0.959  -7.809  1.00 19.31 ? 258 TYR A O   1 
ATOM   712  C CB  . TYR A 1 93  ? -20.123 -1.243  -10.277 1.00 18.67 ? 258 TYR A CB  1 
ATOM   713  C CG  . TYR A 1 93  ? -19.430 0.024   -10.715 1.00 17.30 ? 258 TYR A CG  1 
ATOM   714  C CD1 . TYR A 1 93  ? -18.097 0.014   -11.112 1.00 16.78 ? 258 TYR A CD1 1 
ATOM   715  C CD2 . TYR A 1 93  ? -20.103 1.242   -10.723 1.00 18.11 ? 258 TYR A CD2 1 
ATOM   716  C CE1 . TYR A 1 93  ? -17.461 1.182   -11.495 1.00 16.43 ? 258 TYR A CE1 1 
ATOM   717  C CE2 . TYR A 1 93  ? -19.479 2.400   -11.117 1.00 17.15 ? 258 TYR A CE2 1 
ATOM   718  C CZ  . TYR A 1 93  ? -18.165 2.372   -11.497 1.00 16.31 ? 258 TYR A CZ  1 
ATOM   719  O OH  . TYR A 1 93  ? -17.551 3.537   -11.873 1.00 17.79 ? 258 TYR A OH  1 
ATOM   720  N N   . SER A 1 94  ? -20.192 0.293   -7.276  1.00 18.79 ? 259 SER A N   1 
ATOM   721  C CA  . SER A 1 94  ? -20.859 1.203   -6.328  1.00 18.96 ? 259 SER A CA  1 
ATOM   722  C C   . SER A 1 94  ? -21.186 0.580   -4.968  1.00 18.99 ? 259 SER A C   1 
ATOM   723  O O   . SER A 1 94  ? -21.792 1.234   -4.122  1.00 19.72 ? 259 SER A O   1 
ATOM   724  C CB  . SER A 1 94  ? -22.132 1.843   -6.939  1.00 19.36 ? 259 SER A CB  1 
ATOM   725  O OG  . SER A 1 94  ? -21.826 2.514   -8.138  1.00 20.65 ? 259 SER A OG  1 
ATOM   726  N N   . LYS A 1 95  ? -20.769 -0.665  -4.740  1.00 18.61 ? 260 LYS A N   1 
ATOM   727  C CA  . LYS A 1 95  ? -21.057 -1.348  -3.488  1.00 19.45 ? 260 LYS A CA  1 
ATOM   728  C C   . LYS A 1 95  ? -19.977 -1.042  -2.466  1.00 19.28 ? 260 LYS A C   1 
ATOM   729  O O   . LYS A 1 95  ? -18.830 -0.810  -2.823  1.00 18.13 ? 260 LYS A O   1 
ATOM   730  C CB  . LYS A 1 95  ? -21.157 -2.851  -3.711  1.00 19.79 ? 260 LYS A CB  1 
ATOM   731  C CG  . LYS A 1 95  ? -22.165 -3.227  -4.772  1.00 22.44 ? 260 LYS A CG  1 
ATOM   732  C CD  . LYS A 1 95  ? -23.578 -3.096  -4.275  1.00 26.70 ? 260 LYS A CD  1 
ATOM   733  C CE  . LYS A 1 95  ? -24.582 -3.651  -5.283  1.00 28.73 ? 260 LYS A CE  1 
ATOM   734  N NZ  . LYS A 1 95  ? -24.480 -5.132  -5.430  1.00 32.16 ? 260 LYS A NZ  1 
ATOM   735  N N   . ALA A 1 96  ? -20.361 -1.051  -1.191  1.00 19.87 ? 261 ALA A N   1 
ATOM   736  C CA  . ALA A 1 96  ? -19.439 -0.824  -0.087  1.00 19.76 ? 261 ALA A CA  1 
ATOM   737  C C   . ALA A 1 96  ? -18.757 -2.122  0.350   1.00 20.05 ? 261 ALA A C   1 
ATOM   738  O O   . ALA A 1 96  ? -19.384 -3.191  0.409   1.00 20.30 ? 261 ALA A O   1 
ATOM   739  C CB  . ALA A 1 96  ? -20.179 -0.184  1.082   1.00 20.21 ? 261 ALA A CB  1 
ATOM   740  N N   . PHE A 1 97  ? -17.459 -2.023  0.639   1.00 19.84 ? 262 PHE A N   1 
ATOM   741  C CA  . PHE A 1 97  ? -16.641 -3.144  1.091   1.00 19.84 ? 262 PHE A CA  1 
ATOM   742  C C   . PHE A 1 97  ? -15.904 -2.720  2.359   1.00 20.06 ? 262 PHE A C   1 
ATOM   743  O O   . PHE A 1 97  ? -15.757 -1.525  2.633   1.00 19.89 ? 262 PHE A O   1 
ATOM   744  C CB  . PHE A 1 97  ? -15.603 -3.513  0.026   1.00 19.94 ? 262 PHE A CB  1 
ATOM   745  C CG  . PHE A 1 97  ? -16.173 -4.161  -1.206  1.00 20.07 ? 262 PHE A CG  1 
ATOM   746  C CD1 . PHE A 1 97  ? -16.041 -5.534  -1.408  1.00 21.70 ? 262 PHE A CD1 1 
ATOM   747  C CD2 . PHE A 1 97  ? -16.819 -3.405  -2.174  1.00 19.72 ? 262 PHE A CD2 1 
ATOM   748  C CE1 . PHE A 1 97  ? -16.551 -6.141  -2.553  1.00 21.51 ? 262 PHE A CE1 1 
ATOM   749  C CE2 . PHE A 1 97  ? -17.336 -4.007  -3.326  1.00 19.61 ? 262 PHE A CE2 1 
ATOM   750  C CZ  . PHE A 1 97  ? -17.200 -5.369  -3.518  1.00 20.81 ? 262 PHE A CZ  1 
ATOM   751  N N   . THR A 1 98  ? -15.446 -3.698  3.131   1.00 20.25 ? 263 THR A N   1 
ATOM   752  C CA  . THR A 1 98  ? -14.609 -3.445  4.300   1.00 20.64 ? 263 THR A CA  1 
ATOM   753  C C   . THR A 1 98  ? -13.266 -4.091  4.022   1.00 20.24 ? 263 THR A C   1 
ATOM   754  O O   . THR A 1 98  ? -13.177 -5.312  3.901   1.00 20.71 ? 263 THR A O   1 
ATOM   755  C CB  . THR A 1 98  ? -15.246 -4.028  5.586   1.00 20.93 ? 263 THR A CB  1 
ATOM   756  O OG1 . THR A 1 98  ? -16.485 -3.362  5.863   1.00 22.74 ? 263 THR A OG1 1 
ATOM   757  C CG2 . THR A 1 98  ? -14.391 -3.721  6.810   1.00 21.42 ? 263 THR A CG2 1 
ATOM   758  N N   . LEU A 1 99  ? -12.228 -3.268  3.860   1.00 19.70 ? 264 LEU A N   1 
ATOM   759  C CA  . LEU A 1 99  ? -10.876 -3.768  3.598   1.00 19.74 ? 264 LEU A CA  1 
ATOM   760  C C   . LEU A 1 99  ? -10.065 -3.823  4.883   1.00 19.32 ? 264 LEU A C   1 
ATOM   761  O O   . LEU A 1 99  ? -10.203 -2.951  5.736   1.00 19.25 ? 264 LEU A O   1 
ATOM   762  C CB  . LEU A 1 99  ? -10.138 -2.869  2.613   1.00 19.68 ? 264 LEU A CB  1 
ATOM   763  C CG  . LEU A 1 99  ? -10.756 -2.628  1.239   1.00 20.59 ? 264 LEU A CG  1 
ATOM   764  C CD1 . LEU A 1 99  ? -9.758  -1.843  0.385   1.00 21.63 ? 264 LEU A CD1 1 
ATOM   765  C CD2 . LEU A 1 99  ? -11.135 -3.928  0.573   1.00 21.59 ? 264 LEU A CD2 1 
ATOM   766  N N   . THR A 1 100 ? -9.207  -4.832  4.985   1.00 19.31 ? 265 THR A N   1 
ATOM   767  C CA  . THR A 1 100 ? -8.376  -5.056  6.156   1.00 19.53 ? 265 THR A CA  1 
ATOM   768  C C   . THR A 1 100 ? -6.968  -4.608  5.844   1.00 18.85 ? 265 THR A C   1 
ATOM   769  O O   . THR A 1 100 ? -6.402  -5.040  4.852   1.00 18.33 ? 265 THR A O   1 
ATOM   770  C CB  . THR A 1 100 ? -8.341  -6.553  6.510   1.00 20.07 ? 265 THR A CB  1 
ATOM   771  O OG1 . THR A 1 100 ? -9.657  -7.003  6.857   1.00 22.06 ? 265 THR A OG1 1 
ATOM   772  C CG2 . THR A 1 100 ? -7.497  -6.806  7.769   1.00 21.45 ? 265 THR A CG2 1 
ATOM   773  N N   . ILE A 1 101 ? -6.434  -3.742  6.695   1.00 18.25 ? 266 ILE A N   1 
ATOM   774  C CA  . ILE A 1 101 ? -5.043  -3.305  6.643   1.00 18.65 ? 266 ILE A CA  1 
ATOM   775  C C   . ILE A 1 101 ? -4.303  -3.960  7.809   1.00 18.53 ? 266 ILE A C   1 
ATOM   776  O O   . ILE A 1 101 ? -4.721  -3.834  8.962   1.00 19.42 ? 266 ILE A O   1 
ATOM   777  C CB  . ILE A 1 101 ? -4.977  -1.783  6.744   1.00 18.68 ? 266 ILE A CB  1 
ATOM   778  C CG1 . ILE A 1 101 ? -5.585  -1.146  5.485   1.00 19.99 ? 266 ILE A CG1 1 
ATOM   779  C CG2 . ILE A 1 101 ? -3.545  -1.309  6.983   1.00 18.93 ? 266 ILE A CG2 1 
ATOM   780  C CD1 . ILE A 1 101 ? -5.946  0.298   5.659   1.00 22.47 ? 266 ILE A CD1 1 
ATOM   781  N N   . SER A 1 102 ? -3.219  -4.665  7.497   1.00 18.24 ? 267 SER A N   1 
ATOM   782  C CA  . SER A 1 102 ? -2.463  -5.435  8.485   1.00 18.20 ? 267 SER A CA  1 
ATOM   783  C C   . SER A 1 102 ? -1.098  -4.850  8.818   1.00 17.65 ? 267 SER A C   1 
ATOM   784  O O   . SER A 1 102 ? -0.451  -5.287  9.776   1.00 17.09 ? 267 SER A O   1 
ATOM   785  C CB  . SER A 1 102 ? -2.277  -6.865  7.982   1.00 18.45 ? 267 SER A CB  1 
ATOM   786  O OG  . SER A 1 102 ? -1.400  -6.913  6.862   1.00 18.80 ? 267 SER A OG  1 
ATOM   787  N N   . ALA A 1 103 ? -0.632  -3.891  8.022   1.00 16.43 ? 268 ALA A N   1 
ATOM   788  C CA  . ALA A 1 103 ? 0.697   -3.334  8.245   1.00 16.16 ? 268 ALA A CA  1 
ATOM   789  C C   . ALA A 1 103 ? 0.854   -2.007  7.516   1.00 15.61 ? 268 ALA A C   1 
ATOM   790  O O   . ALA A 1 103 ? 0.152   -1.748  6.547   1.00 15.28 ? 268 ALA A O   1 
ATOM   791  C CB  . ALA A 1 103 ? 1.767   -4.303  7.786   1.00 16.18 ? 268 ALA A CB  1 
ATOM   792  N N   . LEU A 1 104 ? 1.744   -1.172  8.029   1.00 14.41 ? 269 LEU A N   1 
ATOM   793  C CA  . LEU A 1 104 ? 2.205   0.021   7.318   1.00 14.59 ? 269 LEU A CA  1 
ATOM   794  C C   . LEU A 1 104 ? 3.671   -0.176  7.001   1.00 14.53 ? 269 LEU A C   1 
ATOM   795  O O   . LEU A 1 104 ? 4.353   -0.956  7.671   1.00 15.36 ? 269 LEU A O   1 
ATOM   796  C CB  . LEU A 1 104 ? 2.013   1.262   8.172   1.00 14.53 ? 269 LEU A CB  1 
ATOM   797  C CG  . LEU A 1 104 ? 0.603   1.481   8.714   1.00 15.70 ? 269 LEU A CG  1 
ATOM   798  C CD1 . LEU A 1 104 ? 0.595   2.718   9.582   1.00 17.12 ? 269 LEU A CD1 1 
ATOM   799  C CD2 . LEU A 1 104 ? -0.417  1.604   7.590   1.00 17.26 ? 269 LEU A CD2 1 
ATOM   800  N N   . PHE A 1 105 ? 4.152   0.486   5.959   1.00 14.65 ? 270 PHE A N   1 
ATOM   801  C CA  . PHE A 1 105 ? 5.541   0.365   5.564   1.00 14.73 ? 270 PHE A CA  1 
ATOM   802  C C   . PHE A 1 105 ? 6.102   1.678   5.025   1.00 14.79 ? 270 PHE A C   1 
ATOM   803  O O   . PHE A 1 105 ? 5.369   2.547   4.566   1.00 13.89 ? 270 PHE A O   1 
ATOM   804  C CB  . PHE A 1 105 ? 5.729   -0.769  4.544   1.00 15.01 ? 270 PHE A CB  1 
ATOM   805  C CG  . PHE A 1 105 ? 4.985   -0.573  3.256   1.00 15.84 ? 270 PHE A CG  1 
ATOM   806  C CD1 . PHE A 1 105 ? 5.601   0.067   2.167   1.00 18.18 ? 270 PHE A CD1 1 
ATOM   807  C CD2 . PHE A 1 105 ? 3.696   -1.048  3.104   1.00 17.03 ? 270 PHE A CD2 1 
ATOM   808  C CE1 . PHE A 1 105 ? 4.913   0.238   0.969   1.00 17.67 ? 270 PHE A CE1 1 
ATOM   809  C CE2 . PHE A 1 105 ? 3.003   -0.878  1.905   1.00 18.34 ? 270 PHE A CE2 1 
ATOM   810  C CZ  . PHE A 1 105 ? 3.610   -0.228  0.841   1.00 17.95 ? 270 PHE A CZ  1 
ATOM   811  N N   . VAL A 1 106 ? 7.419   1.789   5.147   1.00 14.68 ? 271 VAL A N   1 
ATOM   812  C CA  . VAL A 1 106 ? 8.207   2.912   4.699   1.00 14.54 ? 271 VAL A CA  1 
ATOM   813  C C   . VAL A 1 106 ? 9.396   2.352   3.917   1.00 14.94 ? 271 VAL A C   1 
ATOM   814  O O   . VAL A 1 106 ? 10.011  1.351   4.313   1.00 15.17 ? 271 VAL A O   1 
ATOM   815  C CB  . VAL A 1 106 ? 8.689   3.765   5.909   1.00 14.94 ? 271 VAL A CB  1 
ATOM   816  C CG1 . VAL A 1 106 ? 9.887   4.613   5.560   1.00 16.18 ? 271 VAL A CG1 1 
ATOM   817  C CG2 . VAL A 1 106 ? 7.542   4.629   6.423   1.00 15.02 ? 271 VAL A CG2 1 
ATOM   818  N N   . THR A 1 107 ? 9.673   2.959   2.775   1.00 14.55 ? 272 THR A N   1 
ATOM   819  C CA  . THR A 1 107 ? 10.939  2.773   2.062   1.00 15.03 ? 272 THR A CA  1 
ATOM   820  C C   . THR A 1 107 ? 11.456  4.167   1.707   1.00 15.06 ? 272 THR A C   1 
ATOM   821  O O   . THR A 1 107 ? 10.760  5.166   1.931   1.00 14.97 ? 272 THR A O   1 
ATOM   822  C CB  . THR A 1 107 ? 10.768  1.917   0.786   1.00 14.95 ? 272 THR A CB  1 
ATOM   823  O OG1 . THR A 1 107 ? 10.245  2.710   -0.294  1.00 15.98 ? 272 THR A OG1 1 
ATOM   824  C CG2 . THR A 1 107 ? 9.762   0.801   0.985   1.00 15.37 ? 272 THR A CG2 1 
ATOM   825  N N   . PRO A 1 108 ? 12.665  4.274   1.159   1.00 15.42 ? 273 PRO A N   1 
ATOM   826  C CA  . PRO A 1 108 ? 13.133  5.579   0.691   1.00 15.37 ? 273 PRO A CA  1 
ATOM   827  C C   . PRO A 1 108 ? 12.293  6.190   -0.431  1.00 15.27 ? 273 PRO A C   1 
ATOM   828  O O   . PRO A 1 108 ? 12.462  7.366   -0.716  1.00 15.10 ? 273 PRO A O   1 
ATOM   829  C CB  . PRO A 1 108 ? 14.561  5.294   0.224   1.00 15.51 ? 273 PRO A CB  1 
ATOM   830  C CG  . PRO A 1 108 ? 14.934  4.040   0.931   1.00 16.18 ? 273 PRO A CG  1 
ATOM   831  C CD  . PRO A 1 108 ? 13.694  3.235   0.992   1.00 15.42 ? 273 PRO A CD  1 
ATOM   832  N N   . LYS A 1 109 ? 11.414  5.419   -1.058  1.00 15.05 ? 274 LYS A N   1 
ATOM   833  C CA  . LYS A 1 109 ? 10.611  5.928   -2.165  1.00 15.32 ? 274 LYS A CA  1 
ATOM   834  C C   . LYS A 1 109 ? 9.159   6.202   -1.781  1.00 14.17 ? 274 LYS A C   1 
ATOM   835  O O   . LYS A 1 109 ? 8.580   7.186   -2.228  1.00 13.61 ? 274 LYS A O   1 
ATOM   836  C CB  . LYS A 1 109 ? 10.673  4.950   -3.321  1.00 15.82 ? 274 LYS A CB  1 
ATOM   837  C CG  . LYS A 1 109 ? 12.091  4.800   -3.878  1.00 19.16 ? 274 LYS A CG  1 
ATOM   838  C CD  . LYS A 1 109 ? 12.100  4.333   -5.302  1.00 23.28 ? 274 LYS A CD  1 
ATOM   839  C CE  . LYS A 1 109 ? 13.528  4.228   -5.831  1.00 25.59 ? 274 LYS A CE  1 
ATOM   840  N NZ  . LYS A 1 109 ? 13.934  2.812   -5.990  1.00 29.29 ? 274 LYS A NZ  1 
ATOM   841  N N   . THR A 1 110 ? 8.574   5.342   -0.948  1.00 13.49 ? 275 THR A N   1 
ATOM   842  C CA  . THR A 1 110 ? 7.136   5.415   -0.655  1.00 13.38 ? 275 THR A CA  1 
ATOM   843  C C   . THR A 1 110 ? 6.794   4.976   0.755   1.00 12.77 ? 275 THR A C   1 
ATOM   844  O O   . THR A 1 110 ? 7.576   4.328   1.444   1.00 12.69 ? 275 THR A O   1 
ATOM   845  C CB  . THR A 1 110 ? 6.287   4.535   -1.629  1.00 14.19 ? 275 THR A CB  1 
ATOM   846  O OG1 . THR A 1 110 ? 6.457   3.141   -1.312  1.00 15.34 ? 275 THR A OG1 1 
ATOM   847  C CG2 . THR A 1 110 ? 6.731   4.655   -3.082  1.00 15.96 ? 275 THR A CG2 1 
ATOM   848  N N   . THR A 1 111 ? 5.592   5.335   1.159   1.00 12.32 ? 276 THR A N   1 
ATOM   849  C CA  . THR A 1 111 ? 4.994   4.821   2.366   1.00 12.19 ? 276 THR A CA  1 
ATOM   850  C C   . THR A 1 111 ? 3.533   4.471   2.069   1.00 12.61 ? 276 THR A C   1 
ATOM   851  O O   . THR A 1 111 ? 2.845   5.152   1.306   1.00 12.22 ? 276 THR A O   1 
ATOM   852  C CB  . THR A 1 111 ? 5.166   5.821   3.534   1.00 12.57 ? 276 THR A CB  1 
ATOM   853  O OG1 . THR A 1 111 ? 4.566   5.289   4.723   1.00 13.10 ? 276 THR A OG1 1 
ATOM   854  C CG2 . THR A 1 111 ? 4.439   7.145   3.280   1.00 12.87 ? 276 THR A CG2 1 
ATOM   855  N N   . GLY A 1 112 ? 3.065   3.378   2.647   1.00 12.50 ? 277 GLY A N   1 
ATOM   856  C CA  . GLY A 1 112 ? 1.685   2.995   2.464   1.00 12.95 ? 277 GLY A CA  1 
ATOM   857  C C   . GLY A 1 112 ? 1.235   1.897   3.400   1.00 13.13 ? 277 GLY A C   1 
ATOM   858  O O   . GLY A 1 112 ? 1.943   1.520   4.331   1.00 12.90 ? 277 GLY A O   1 
ATOM   859  N N   . ALA A 1 113 ? 0.046   1.389   3.115   1.00 13.34 ? 278 ALA A N   1 
ATOM   860  C CA  . ALA A 1 113 ? -0.594  0.366   3.929   1.00 13.63 ? 278 ALA A CA  1 
ATOM   861  C C   . ALA A 1 113 ? -0.726  -0.902  3.123   1.00 14.23 ? 278 ALA A C   1 
ATOM   862  O O   . ALA A 1 113 ? -1.094  -0.878  1.948   1.00 14.13 ? 278 ALA A O   1 
ATOM   863  C CB  . ALA A 1 113 ? -1.962  0.844   4.399   1.00 13.67 ? 278 ALA A CB  1 
ATOM   864  N N   . ARG A 1 114 ? -0.424  -2.025  3.760   1.00 14.68 ? 279 ARG A N   1 
ATOM   865  C CA  . ARG A 1 114 ? -0.666  -3.335  3.174   1.00 15.01 ? 279 ARG A CA  1 
ATOM   866  C C   . ARG A 1 114 ? -2.114  -3.738  3.387   1.00 15.36 ? 279 ARG A C   1 
ATOM   867  O O   . ARG A 1 114 ? -2.583  -3.807  4.533   1.00 16.28 ? 279 ARG A O   1 
ATOM   868  C CB  . ARG A 1 114 ? 0.242   -4.389  3.816   1.00 15.16 ? 279 ARG A CB  1 
ATOM   869  C CG  . ARG A 1 114 ? 0.097   -5.745  3.171   1.00 17.02 ? 279 ARG A CG  1 
ATOM   870  C CD  . ARG A 1 114 ? 0.749   -6.885  3.931   1.00 20.98 ? 279 ARG A CD  1 
ATOM   871  N NE  . ARG A 1 114 ? 0.393   -8.162  3.319   1.00 22.16 ? 279 ARG A NE  1 
ATOM   872  C CZ  . ARG A 1 114 ? 0.790   -9.351  3.759   1.00 26.03 ? 279 ARG A CZ  1 
ATOM   873  N NH1 . ARG A 1 114 ? 1.570   -9.457  4.833   1.00 25.96 ? 279 ARG A NH1 1 
ATOM   874  N NH2 . ARG A 1 114 ? 0.401   -10.444 3.117   1.00 26.86 ? 279 ARG A NH2 1 
ATOM   875  N N   . VAL A 1 115 ? -2.810  -4.008  2.289   1.00 15.46 ? 280 VAL A N   1 
ATOM   876  C CA  . VAL A 1 115 ? -4.185  -4.497  2.323   1.00 15.92 ? 280 VAL A CA  1 
ATOM   877  C C   . VAL A 1 115 ? -4.170  -6.022  2.150   1.00 16.66 ? 280 VAL A C   1 
ATOM   878  O O   . VAL A 1 115 ? -3.481  -6.547  1.280   1.00 16.32 ? 280 VAL A O   1 
ATOM   879  C CB  . VAL A 1 115 ? -5.042  -3.847  1.213   1.00 15.39 ? 280 VAL A CB  1 
ATOM   880  C CG1 . VAL A 1 115 ? -6.431  -4.515  1.115   1.00 16.07 ? 280 VAL A CG1 1 
ATOM   881  C CG2 . VAL A 1 115 ? -5.167  -2.337  1.439   1.00 15.71 ? 280 VAL A CG2 1 
ATOM   882  N N   . GLU A 1 116 ? -4.930  -6.718  2.985   1.00 17.60 ? 281 GLU A N   1 
ATOM   883  C CA  . GLU A 1 116 ? -5.094  -8.157  2.883   1.00 18.94 ? 281 GLU A CA  1 
ATOM   884  C C   . GLU A 1 116 ? -6.532  -8.433  2.467   1.00 19.07 ? 281 GLU A C   1 
ATOM   885  O O   . GLU A 1 116 ? -7.457  -8.345  3.275   1.00 18.79 ? 281 GLU A O   1 
ATOM   886  C CB  . GLU A 1 116 ? -4.771  -8.836  4.222   1.00 19.80 ? 281 GLU A CB  1 
ATOM   887  C CG  . GLU A 1 116 ? -3.330  -8.639  4.654   1.00 22.67 ? 281 GLU A CG  1 
ATOM   888  C CD  . GLU A 1 116 ? -2.784  -9.771  5.519   1.00 27.48 ? 281 GLU A CD  1 
ATOM   889  O OE1 . GLU A 1 116 ? -3.285  -10.920 5.429   1.00 31.24 ? 281 GLU A OE1 1 
ATOM   890  O OE2 . GLU A 1 116 ? -1.841  -9.510  6.286   1.00 26.94 ? 281 GLU A OE2 1 
ATOM   891  N N   . LEU A 1 117 ? -6.703  -8.747  1.190   1.00 19.62 ? 282 LEU A N   1 
ATOM   892  C CA  . LEU A 1 117 ? -8.016  -8.961  0.603   1.00 20.63 ? 282 LEU A CA  1 
ATOM   893  C C   . LEU A 1 117 ? -8.615  -10.307 0.998   1.00 22.11 ? 282 LEU A C   1 
ATOM   894  O O   . LEU A 1 117 ? -7.907  -11.314 1.134   1.00 21.75 ? 282 LEU A O   1 
ATOM   895  C CB  . LEU A 1 117 ? -7.930  -8.882  -0.918  1.00 20.36 ? 282 LEU A CB  1 
ATOM   896  C CG  . LEU A 1 117 ? -7.449  -7.540  -1.484  1.00 19.61 ? 282 LEU A CG  1 
ATOM   897  C CD1 . LEU A 1 117 ? -7.261  -7.663  -2.985  1.00 19.83 ? 282 LEU A CD1 1 
ATOM   898  C CD2 . LEU A 1 117 ? -8.415  -6.415  -1.136  1.00 19.03 ? 282 LEU A CD2 1 
ATOM   899  N N   . SER A 1 118 ? -9.933  -10.303 1.142   1.00 24.00 ? 283 SER A N   1 
ATOM   900  C CA  . SER A 1 118 ? -10.705 -11.513 1.410   1.00 25.71 ? 283 SER A CA  1 
ATOM   901  C C   . SER A 1 118 ? -10.867 -12.313 0.124   1.00 26.90 ? 283 SER A C   1 
ATOM   902  O O   . SER A 1 118 ? -10.585 -11.811 -0.960  1.00 26.31 ? 283 SER A O   1 
ATOM   903  C CB  . SER A 1 118 ? -12.075 -11.136 1.975   1.00 26.09 ? 283 SER A CB  1 
ATOM   904  O OG  . SER A 1 118 ? -12.859 -10.417 1.029   1.00 26.20 ? 283 SER A OG  1 
ATOM   905  N N   . GLU A 1 119 ? -11.327 -13.561 0.239   1.00 28.28 ? 284 GLU A N   1 
ATOM   906  C CA  . GLU A 1 119 ? -11.549 -14.407 -0.940  1.00 29.48 ? 284 GLU A CA  1 
ATOM   907  C C   . GLU A 1 119 ? -12.533 -13.744 -1.909  1.00 29.44 ? 284 GLU A C   1 
ATOM   908  O O   . GLU A 1 119 ? -12.319 -13.752 -3.119  1.00 29.63 ? 284 GLU A O   1 
ATOM   909  C CB  . GLU A 1 119 ? -12.072 -15.796 -0.529  1.00 30.48 ? 284 GLU A CB  1 
ATOM   910  C CG  . GLU A 1 119 ? -12.031 -16.836 -1.649  1.00 33.42 ? 284 GLU A CG  1 
ATOM   911  C CD  . GLU A 1 119 ? -13.193 -17.819 -1.605  1.00 38.18 ? 284 GLU A CD  1 
ATOM   912  O OE1 . GLU A 1 119 ? -13.731 -18.069 -0.504  1.00 41.52 ? 284 GLU A OE1 1 
ATOM   913  O OE2 . GLU A 1 119 ? -13.570 -18.352 -2.677  1.00 41.74 ? 284 GLU A OE2 1 
ATOM   914  N N   . GLN A 1 120 ? -13.596 -13.165 -1.359  1.00 29.35 ? 285 GLN A N   1 
ATOM   915  C CA  . GLN A 1 120 ? -14.619 -12.472 -2.141  1.00 29.64 ? 285 GLN A CA  1 
ATOM   916  C C   . GLN A 1 120 ? -14.030 -11.278 -2.881  1.00 28.43 ? 285 GLN A C   1 
ATOM   917  O O   . GLN A 1 120 ? -14.272 -11.098 -4.066  1.00 28.68 ? 285 GLN A O   1 
ATOM   918  C CB  . GLN A 1 120 ? -15.741 -11.988 -1.222  1.00 30.16 ? 285 GLN A CB  1 
ATOM   919  C CG  . GLN A 1 120 ? -16.981 -11.461 -1.938  1.00 32.86 ? 285 GLN A CG  1 
ATOM   920  C CD  . GLN A 1 120 ? -17.956 -10.799 -0.988  1.00 36.28 ? 285 GLN A CD  1 
ATOM   921  O OE1 . GLN A 1 120 ? -18.969 -11.395 -0.610  1.00 39.02 ? 285 GLN A OE1 1 
ATOM   922  N NE2 . GLN A 1 120 ? -17.658 -9.559  -0.598  1.00 39.05 ? 285 GLN A NE2 1 
ATOM   923  N N   . GLN A 1 121 ? -13.260 -10.463 -2.165  1.00 26.67 ? 286 GLN A N   1 
ATOM   924  C CA  . GLN A 1 121 ? -12.617 -9.281  -2.752  1.00 25.35 ? 286 GLN A CA  1 
ATOM   925  C C   . GLN A 1 121 ? -11.596 -9.642  -3.826  1.00 24.40 ? 286 GLN A C   1 
ATOM   926  O O   . GLN A 1 121 ? -11.416 -8.899  -4.785  1.00 24.06 ? 286 GLN A O   1 
ATOM   927  C CB  . GLN A 1 121 ? -11.972 -8.432  -1.660  1.00 24.71 ? 286 GLN A CB  1 
ATOM   928  C CG  . GLN A 1 121 ? -12.992 -7.704  -0.799  1.00 24.14 ? 286 GLN A CG  1 
ATOM   929  C CD  . GLN A 1 121 ? -12.484 -7.327  0.584   1.00 22.57 ? 286 GLN A CD  1 
ATOM   930  O OE1 . GLN A 1 121 ? -11.301 -7.465  0.883   1.00 21.80 ? 286 GLN A OE1 1 
ATOM   931  N NE2 . GLN A 1 121 ? -13.383 -6.835  1.421   1.00 21.16 ? 286 GLN A NE2 1 
ATOM   932  N N   . LEU A 1 122 ? -10.961 -10.806 -3.687  1.00 23.46 ? 287 LEU A N   1 
ATOM   933  C CA  . LEU A 1 122 ? -10.020 -11.296 -4.677  1.00 23.05 ? 287 LEU A CA  1 
ATOM   934  C C   . LEU A 1 122 ? -10.684 -11.632 -6.012  1.00 22.54 ? 287 LEU A C   1 
ATOM   935  O O   . LEU A 1 122 ? -10.002 -11.758 -7.013  1.00 22.32 ? 287 LEU A O   1 
ATOM   936  C CB  . LEU A 1 122 ? -9.244  -12.518 -4.148  1.00 23.23 ? 287 LEU A CB  1 
ATOM   937  C CG  . LEU A 1 122 ? -8.125  -12.195 -3.158  1.00 23.88 ? 287 LEU A CG  1 
ATOM   938  C CD1 . LEU A 1 122 ? -7.584  -13.492 -2.555  1.00 25.50 ? 287 LEU A CD1 1 
ATOM   939  C CD2 . LEU A 1 122 ? -7.030  -11.381 -3.823  1.00 24.03 ? 287 LEU A CD2 1 
ATOM   940  N N   . GLN A 1 123 ? -12.008 -11.767 -6.034  1.00 22.14 ? 288 GLN A N   1 
ATOM   941  C CA  . GLN A 1 123 ? -12.723 -11.929 -7.302  1.00 22.88 ? 288 GLN A CA  1 
ATOM   942  C C   . GLN A 1 123 ? -12.570 -10.694 -8.208  1.00 21.86 ? 288 GLN A C   1 
ATOM   943  O O   . GLN A 1 123 ? -12.745 -10.792 -9.420  1.00 21.14 ? 288 GLN A O   1 
ATOM   944  C CB  . GLN A 1 123 ? -14.201 -12.194 -7.067  1.00 23.33 ? 288 GLN A CB  1 
ATOM   945  C CG  . GLN A 1 123 ? -14.495 -13.539 -6.396  1.00 26.95 ? 288 GLN A CG  1 
ATOM   946  C CD  . GLN A 1 123 ? -15.932 -13.663 -5.904  1.00 31.45 ? 288 GLN A CD  1 
ATOM   947  O OE1 . GLN A 1 123 ? -16.647 -12.666 -5.766  1.00 36.61 ? 288 GLN A OE1 1 
ATOM   948  N NE2 . GLN A 1 123 ? -16.347 -14.887 -5.613  1.00 35.42 ? 288 GLN A NE2 1 
ATOM   949  N N   . LEU A 1 124 ? -12.285 -9.545  -7.592  1.00 20.76 ? 289 LEU A N   1 
ATOM   950  C CA  . LEU A 1 124 ? -12.067 -8.277  -8.308  1.00 20.77 ? 289 LEU A CA  1 
ATOM   951  C C   . LEU A 1 124 ? -10.583 -7.971  -8.536  1.00 20.59 ? 289 LEU A C   1 
ATOM   952  O O   . LEU A 1 124 ? -10.235 -6.922  -9.091  1.00 20.36 ? 289 LEU A O   1 
ATOM   953  C CB  . LEU A 1 124 ? -12.717 -7.127  -7.535  1.00 20.76 ? 289 LEU A CB  1 
ATOM   954  C CG  . LEU A 1 124 ? -14.235 -7.237  -7.346  1.00 21.79 ? 289 LEU A CG  1 
ATOM   955  C CD1 . LEU A 1 124 ? -14.743 -6.209  -6.351  1.00 22.67 ? 289 LEU A CD1 1 
ATOM   956  C CD2 . LEU A 1 124 ? -14.942 -7.093  -8.670  1.00 23.70 ? 289 LEU A CD2 1 
ATOM   957  N N   . TRP A 1 125 ? -9.710  -8.884  -8.122  1.00 20.78 ? 290 TRP A N   1 
ATOM   958  C CA  . TRP A 1 125 ? -8.267  -8.711  -8.291  1.00 21.04 ? 290 TRP A CA  1 
ATOM   959  C C   . TRP A 1 125 ? -7.829  -9.242  -9.656  1.00 22.20 ? 290 TRP A C   1 
ATOM   960  O O   . TRP A 1 125 ? -8.163  -10.362 -10.010 1.00 22.88 ? 290 TRP A O   1 
ATOM   961  C CB  . TRP A 1 125 ? -7.506  -9.424  -7.173  1.00 20.81 ? 290 TRP A CB  1 
ATOM   962  C CG  . TRP A 1 125 ? -6.105  -8.943  -7.058  1.00 19.35 ? 290 TRP A CG  1 
ATOM   963  C CD1 . TRP A 1 125 ? -4.975  -9.636  -7.357  1.00 19.11 ? 290 TRP A CD1 1 
ATOM   964  C CD2 . TRP A 1 125 ? -5.681  -7.636  -6.655  1.00 18.42 ? 290 TRP A CD2 1 
ATOM   965  N NE1 . TRP A 1 125 ? -3.868  -8.851  -7.139  1.00 17.94 ? 290 TRP A NE1 1 
ATOM   966  C CE2 . TRP A 1 125 ? -4.273  -7.617  -6.708  1.00 18.76 ? 290 TRP A CE2 1 
ATOM   967  C CE3 . TRP A 1 125 ? -6.349  -6.481  -6.231  1.00 18.87 ? 290 TRP A CE3 1 
ATOM   968  C CZ2 . TRP A 1 125 ? -3.520  -6.487  -6.370  1.00 19.87 ? 290 TRP A CZ2 1 
ATOM   969  C CZ3 . TRP A 1 125 ? -5.596  -5.353  -5.890  1.00 18.48 ? 290 TRP A CZ3 1 
ATOM   970  C CH2 . TRP A 1 125 ? -4.200  -5.368  -5.967  1.00 18.71 ? 290 TRP A CH2 1 
ATOM   971  N N   . PRO A 1 126 ? -7.108  -8.446  -10.437 1.00 23.64 ? 291 PRO A N   1 
ATOM   972  C CA  . PRO A 1 126 ? -6.670  -8.886  -11.763 1.00 24.64 ? 291 PRO A CA  1 
ATOM   973  C C   . PRO A 1 126 ? -5.504  -9.860  -11.738 1.00 26.45 ? 291 PRO A C   1 
ATOM   974  O O   . PRO A 1 126 ? -4.784  -9.983  -10.736 1.00 26.18 ? 291 PRO A O   1 
ATOM   975  C CB  . PRO A 1 126 ? -6.253  -7.583  -12.437 1.00 24.69 ? 291 PRO A CB  1 
ATOM   976  C CG  . PRO A 1 126 ? -5.839  -6.709  -11.333 1.00 24.14 ? 291 PRO A CG  1 
ATOM   977  C CD  . PRO A 1 126 ? -6.696  -7.056  -10.164 1.00 22.82 ? 291 PRO A CD  1 
ATOM   978  N N   . SER A 1 127 ? -5.343  -10.556 -12.857 1.00 28.29 ? 292 SER A N   1 
ATOM   979  C CA  . SER A 1 127 ? -4.204  -11.421 -13.091 1.00 29.84 ? 292 SER A CA  1 
ATOM   980  C C   . SER A 1 127 ? -2.980  -10.601 -13.470 1.00 30.48 ? 292 SER A C   1 
ATOM   981  O O   . SER A 1 127 ? -3.096  -9.460  -13.943 1.00 31.42 ? 292 SER A O   1 
ATOM   982  C CB  . SER A 1 127 ? -4.513  -12.393 -14.235 1.00 30.12 ? 292 SER A CB  1 
ATOM   983  O OG  . SER A 1 127 ? -5.711  -13.090 -13.971 1.00 32.02 ? 292 SER A OG  1 
ATOM   984  N N   . ASP A 1 128 ? -1.814  -11.206 -13.269 1.00 31.07 ? 293 ASP A N   1 
ATOM   985  C CA  . ASP A 1 128 ? -0.539  -10.678 -13.752 1.00 31.32 ? 293 ASP A CA  1 
ATOM   986  C C   . ASP A 1 128 ? -0.165  -9.324  -13.157 1.00 30.36 ? 293 ASP A C   1 
ATOM   987  O O   . ASP A 1 128 ? 0.439   -8.497  -13.843 1.00 30.87 ? 293 ASP A O   1 
ATOM   988  C CB  . ASP A 1 128 ? -0.535  -10.574 -15.286 1.00 32.16 ? 293 ASP A CB  1 
ATOM   989  C CG  . ASP A 1 128 ? -0.988  -11.850 -15.963 1.00 34.22 ? 293 ASP A CG  1 
ATOM   990  O OD1 . ASP A 1 128 ? -0.211  -12.829 -15.970 1.00 37.92 ? 293 ASP A OD1 1 
ATOM   991  O OD2 . ASP A 1 128 ? -2.102  -11.965 -16.521 1.00 37.55 ? 293 ASP A OD2 1 
ATOM   992  N N   . VAL A 1 129 ? -0.535  -9.086  -11.901 1.00 28.73 ? 294 VAL A N   1 
ATOM   993  C CA  . VAL A 1 129 ? -0.063  -7.896  -11.196 1.00 27.83 ? 294 VAL A CA  1 
ATOM   994  C C   . VAL A 1 129 ? 0.796   -8.216  -9.964  1.00 27.47 ? 294 VAL A C   1 
ATOM   995  O O   . VAL A 1 129 ? 1.420   -7.327  -9.402  1.00 25.92 ? 294 VAL A O   1 
ATOM   996  C CB  . VAL A 1 129 ? -1.232  -6.959  -10.792 1.00 27.67 ? 294 VAL A CB  1 
ATOM   997  C CG1 . VAL A 1 129 ? -2.041  -6.574  -12.018 1.00 27.75 ? 294 VAL A CG1 1 
ATOM   998  C CG2 . VAL A 1 129 ? -2.129  -7.595  -9.748  1.00 26.72 ? 294 VAL A CG2 1 
ATOM   999  N N   . ASP A 1 130 ? 0.838   -9.478  -9.549  1.00 27.27 ? 295 ASP A N   1 
ATOM   1000 C CA  . ASP A 1 130 ? 1.532   -9.841  -8.311  1.00 27.81 ? 295 ASP A CA  1 
ATOM   1001 C C   . ASP A 1 130 ? 2.937   -10.384 -8.533  1.00 29.17 ? 295 ASP A C   1 
ATOM   1002 O O   . ASP A 1 130 ? 3.488   -11.052 -7.662  1.00 28.95 ? 295 ASP A O   1 
ATOM   1003 C CB  . ASP A 1 130 ? 0.703   -10.853 -7.528  1.00 27.02 ? 295 ASP A CB  1 
ATOM   1004 C CG  . ASP A 1 130 ? -0.616  -10.283 -7.067  1.00 26.20 ? 295 ASP A CG  1 
ATOM   1005 O OD1 . ASP A 1 130 ? -0.608  -9.191  -6.458  1.00 21.66 ? 295 ASP A OD1 1 
ATOM   1006 O OD2 . ASP A 1 130 ? -1.707  -10.855 -7.268  1.00 22.95 ? 295 ASP A OD2 1 
ATOM   1007 N N   . LYS A 1 131 ? 3.520   -10.079 -9.686  1.00 31.26 ? 296 LYS A N   1 
ATOM   1008 C CA  . LYS A 1 131 ? 4.839   -10.579 -10.042 1.00 32.89 ? 296 LYS A CA  1 
ATOM   1009 C C   . LYS A 1 131 ? 5.817   -9.430  -10.277 1.00 33.93 ? 296 LYS A C   1 
ATOM   1010 O O   . LYS A 1 131 ? 5.460   -8.404  -10.866 1.00 34.36 ? 296 LYS A O   1 
ATOM   1011 C CB  . LYS A 1 131 ? 4.736   -11.434 -11.308 1.00 33.25 ? 296 LYS A CB  1 
ATOM   1012 C CG  . LYS A 1 131 ? 3.895   -12.701 -11.147 1.00 35.30 ? 296 LYS A CG  1 
ATOM   1013 C CD  . LYS A 1 131 ? 2.713   -12.745 -12.114 1.00 37.75 ? 296 LYS A CD  1 
ATOM   1014 C CE  . LYS A 1 131 ? 3.140   -13.103 -13.529 1.00 38.60 ? 296 LYS A CE  1 
ATOM   1015 N NZ  . LYS A 1 131 ? 2.089   -12.723 -14.519 1.00 39.49 ? 296 LYS A NZ  1 
ATOM   1016 N N   . LEU A 1 132 ? 7.044   -9.595  -9.793  1.00 35.07 ? 297 LEU A N   1 
ATOM   1017 C CA  . LEU A 1 132 ? 8.154   -8.722  -10.178 1.00 35.97 ? 297 LEU A CA  1 
ATOM   1018 C C   . LEU A 1 132 ? 9.025   -9.399  -11.244 1.00 36.95 ? 297 LEU A C   1 
ATOM   1019 O O   . LEU A 1 132 ? 9.685   -8.718  -12.038 1.00 37.17 ? 297 LEU A O   1 
ATOM   1020 C CB  . LEU A 1 132 ? 8.992   -8.347  -8.955  1.00 36.16 ? 297 LEU A CB  1 
ATOM   1021 C CG  . LEU A 1 132 ? 8.294   -7.466  -7.915  1.00 35.95 ? 297 LEU A CG  1 
ATOM   1022 C CD1 . LEU A 1 132 ? 9.178   -7.287  -6.690  1.00 36.16 ? 297 LEU A CD1 1 
ATOM   1023 C CD2 . LEU A 1 132 ? 7.915   -6.116  -8.506  1.00 36.32 ? 297 LEU A CD2 1 
ATOM   1024 N N   . SER A 1 133 ? 9.035   -10.731 -11.242 1.00 37.78 ? 298 SER A N   1 
ATOM   1025 C CA  . SER A 1 133 ? 9.672   -11.520 -12.297 1.00 38.57 ? 298 SER A CA  1 
ATOM   1026 C C   . SER A 1 133 ? 8.751   -12.665 -12.735 1.00 38.94 ? 298 SER A C   1 
ATOM   1027 O O   . SER A 1 133 ? 7.837   -13.036 -11.996 1.00 38.94 ? 298 SER A O   1 
ATOM   1028 C CB  . SER A 1 133 ? 11.002  -12.091 -11.804 1.00 38.50 ? 298 SER A CB  1 
ATOM   1029 O OG  . SER A 1 133 ? 10.844  -13.420 -11.343 1.00 39.36 ? 298 SER A OG  1 
ATOM   1030 N N   . PRO A 1 134 ? 9.001   -13.238 -13.915 1.00 39.47 ? 299 PRO A N   1 
ATOM   1031 C CA  . PRO A 1 134 ? 8.164   -14.326 -14.450 1.00 39.74 ? 299 PRO A CA  1 
ATOM   1032 C C   . PRO A 1 134 ? 7.948   -15.498 -13.487 1.00 39.83 ? 299 PRO A C   1 
ATOM   1033 O O   . PRO A 1 134 ? 6.852   -16.062 -13.439 1.00 40.13 ? 299 PRO A O   1 
ATOM   1034 C CB  . PRO A 1 134 ? 8.959   -14.809 -15.668 1.00 39.83 ? 299 PRO A CB  1 
ATOM   1035 C CG  . PRO A 1 134 ? 9.779   -13.642 -16.079 1.00 39.97 ? 299 PRO A CG  1 
ATOM   1036 C CD  . PRO A 1 134 ? 10.107  -12.897 -14.830 1.00 39.59 ? 299 PRO A CD  1 
ATOM   1037 N N   . THR A 1 135 ? 8.985   -15.851 -12.734 1.00 39.64 ? 300 THR A N   1 
ATOM   1038 C CA  . THR A 1 135 ? 8.960   -17.044 -11.885 1.00 39.64 ? 300 THR A CA  1 
ATOM   1039 C C   . THR A 1 135 ? 8.440   -16.794 -10.460 1.00 39.22 ? 300 THR A C   1 
ATOM   1040 O O   . THR A 1 135 ? 8.442   -17.707 -9.637  1.00 39.42 ? 300 THR A O   1 
ATOM   1041 C CB  . THR A 1 135 ? 10.369  -17.668 -11.821 1.00 39.80 ? 300 THR A CB  1 
ATOM   1042 O OG1 . THR A 1 135 ? 11.299  -16.732 -11.263 1.00 40.12 ? 300 THR A OG1 1 
ATOM   1043 C CG2 . THR A 1 135 ? 10.915  -17.947 -13.227 1.00 40.17 ? 300 THR A CG2 1 
ATOM   1044 N N   . ASP A 1 136 ? 8.002   -15.569 -10.166 1.00 38.57 ? 301 ASP A N   1 
ATOM   1045 C CA  . ASP A 1 136 ? 7.455   -15.240 -8.842  1.00 37.96 ? 301 ASP A CA  1 
ATOM   1046 C C   . ASP A 1 136 ? 6.171   -16.017 -8.553  1.00 37.03 ? 301 ASP A C   1 
ATOM   1047 O O   . ASP A 1 136 ? 5.360   -16.245 -9.452  1.00 36.92 ? 301 ASP A O   1 
ATOM   1048 C CB  . ASP A 1 136 ? 7.179   -13.735 -8.722  1.00 38.19 ? 301 ASP A CB  1 
ATOM   1049 C CG  . ASP A 1 136 ? 8.416   -12.935 -8.346  1.00 39.34 ? 301 ASP A CG  1 
ATOM   1050 O OD1 . ASP A 1 136 ? 9.503   -13.526 -8.171  1.00 39.93 ? 301 ASP A OD1 1 
ATOM   1051 O OD2 . ASP A 1 136 ? 8.395   -11.693 -8.196  1.00 41.42 ? 301 ASP A OD2 1 
ATOM   1052 N N   . ASN A 1 137 ? 6.000   -16.417 -7.291  1.00 35.90 ? 302 ASN A N   1 
ATOM   1053 C CA  . ASN A 1 137 ? 4.825   -17.168 -6.848  1.00 34.90 ? 302 ASN A CA  1 
ATOM   1054 C C   . ASN A 1 137 ? 4.308   -16.619 -5.508  1.00 33.66 ? 302 ASN A C   1 
ATOM   1055 O O   . ASN A 1 137 ? 4.090   -17.369 -4.554  1.00 33.54 ? 302 ASN A O   1 
ATOM   1056 C CB  . ASN A 1 137 ? 5.167   -18.669 -6.754  1.00 34.89 ? 302 ASN A CB  1 
ATOM   1057 C CG  . ASN A 1 137 ? 3.939   -19.556 -6.533  1.00 35.51 ? 302 ASN A CG  1 
ATOM   1058 O OD1 . ASN A 1 137 ? 2.880   -19.352 -7.130  1.00 35.72 ? 302 ASN A OD1 1 
ATOM   1059 N ND2 . ASN A 1 137 ? 4.091   -20.555 -5.676  1.00 35.66 ? 302 ASN A ND2 1 
ATOM   1060 N N   . LEU A 1 138 ? 4.133   -15.298 -5.443  1.00 32.34 ? 303 LEU A N   1 
ATOM   1061 C CA  . LEU A 1 138 ? 3.494   -14.656 -4.291  1.00 31.00 ? 303 LEU A CA  1 
ATOM   1062 C C   . LEU A 1 138 ? 1.999   -14.899 -4.353  1.00 29.75 ? 303 LEU A C   1 
ATOM   1063 O O   . LEU A 1 138 ? 1.443   -15.003 -5.446  1.00 29.78 ? 303 LEU A O   1 
ATOM   1064 C CB  . LEU A 1 138 ? 3.745   -13.140 -4.283  1.00 30.97 ? 303 LEU A CB  1 
ATOM   1065 C CG  . LEU A 1 138 ? 5.150   -12.649 -3.947  1.00 31.55 ? 303 LEU A CG  1 
ATOM   1066 C CD1 . LEU A 1 138 ? 5.220   -11.140 -4.096  1.00 31.18 ? 303 LEU A CD1 1 
ATOM   1067 C CD2 . LEU A 1 138 ? 5.561   -13.062 -2.540  1.00 31.79 ? 303 LEU A CD2 1 
ATOM   1068 N N   . PRO A 1 139 ? 1.334   -14.995 -3.200  1.00 28.16 ? 304 PRO A N   1 
ATOM   1069 C CA  . PRO A 1 139 ? -0.123  -15.142 -3.188  1.00 27.22 ? 304 PRO A CA  1 
ATOM   1070 C C   . PRO A 1 139 ? -0.847  -14.080 -4.035  1.00 26.52 ? 304 PRO A C   1 
ATOM   1071 O O   . PRO A 1 139 ? -0.423  -12.927 -4.117  1.00 25.14 ? 304 PRO A O   1 
ATOM   1072 C CB  . PRO A 1 139 ? -0.483  -14.988 -1.702  1.00 27.57 ? 304 PRO A CB  1 
ATOM   1073 C CG  . PRO A 1 139 ? 0.737   -15.423 -0.968  1.00 27.96 ? 304 PRO A CG  1 
ATOM   1074 C CD  . PRO A 1 139 ? 1.901   -15.025 -1.838  1.00 28.26 ? 304 PRO A CD  1 
ATOM   1075 N N   . ARG A 1 140 ? -1.920  -14.512 -4.686  1.00 25.80 ? 305 ARG A N   1 
ATOM   1076 C CA  . ARG A 1 140 ? -2.864  -13.629 -5.351  1.00 25.67 ? 305 ARG A CA  1 
ATOM   1077 C C   . ARG A 1 140 ? -3.254  -12.517 -4.391  1.00 24.17 ? 305 ARG A C   1 
ATOM   1078 O O   . ARG A 1 140 ? -3.592  -12.788 -3.236  1.00 23.49 ? 305 ARG A O   1 
ATOM   1079 C CB  . ARG A 1 140 ? -4.107  -14.449 -5.719  1.00 26.32 ? 305 ARG A CB  1 
ATOM   1080 C CG  . ARG A 1 140 ? -5.175  -13.733 -6.510  1.00 29.33 ? 305 ARG A CG  1 
ATOM   1081 C CD  . ARG A 1 140 ? -5.902  -14.684 -7.445  1.00 32.39 ? 305 ARG A CD  1 
ATOM   1082 N NE  . ARG A 1 140 ? -7.195  -14.196 -7.914  1.00 35.85 ? 305 ARG A NE  1 
ATOM   1083 C CZ  . ARG A 1 140 ? -7.383  -13.377 -8.947  1.00 37.39 ? 305 ARG A CZ  1 
ATOM   1084 N NH1 . ARG A 1 140 ? -6.353  -12.890 -9.640  1.00 38.55 ? 305 ARG A NH1 1 
ATOM   1085 N NH2 . ARG A 1 140 ? -8.623  -13.043 -9.286  1.00 38.41 ? 305 ARG A NH2 1 
ATOM   1086 N N   . GLY A 1 141 ? -3.212  -11.272 -4.866  1.00 22.48 ? 306 GLY A N   1 
ATOM   1087 C CA  . GLY A 1 141 ? -3.558  -10.127 -4.044  1.00 20.99 ? 306 GLY A CA  1 
ATOM   1088 C C   . GLY A 1 141 ? -2.411  -9.478  -3.275  1.00 20.08 ? 306 GLY A C   1 
ATOM   1089 O O   . GLY A 1 141 ? -2.651  -8.515  -2.555  1.00 18.99 ? 306 GLY A O   1 
ATOM   1090 N N   . SER A 1 142 ? -1.190  -9.997  -3.411  1.00 18.88 ? 307 SER A N   1 
ATOM   1091 C CA  . SER A 1 142 ? -0.042  -9.524  -2.611  1.00 18.63 ? 307 SER A CA  1 
ATOM   1092 C C   . SER A 1 142 ? 0.258   -8.026  -2.796  1.00 18.38 ? 307 SER A C   1 
ATOM   1093 O O   . SER A 1 142 ? 0.697   -7.343  -1.859  1.00 18.49 ? 307 SER A O   1 
ATOM   1094 C CB  . SER A 1 142 ? 1.213   -10.346 -2.931  1.00 19.07 ? 307 SER A CB  1 
ATOM   1095 O OG  . SER A 1 142 ? 1.127   -11.654 -2.359  1.00 18.62 ? 307 SER A OG  1 
ATOM   1096 N N   . ARG A 1 143 ? 0.009   -7.522  -4.000  1.00 17.36 ? 308 ARG A N   1 
ATOM   1097 C CA  . ARG A 1 143 ? 0.298   -6.122  -4.324  1.00 17.03 ? 308 ARG A CA  1 
ATOM   1098 C C   . ARG A 1 143 ? -0.692  -5.144  -3.698  1.00 16.67 ? 308 ARG A C   1 
ATOM   1099 O O   . ARG A 1 143 ? -0.418  -3.940  -3.655  1.00 17.01 ? 308 ARG A O   1 
ATOM   1100 C CB  . ARG A 1 143 ? 0.308   -5.947  -5.842  1.00 16.98 ? 308 ARG A CB  1 
ATOM   1101 C CG  . ARG A 1 143 ? 0.766   -4.593  -6.375  1.00 17.54 ? 308 ARG A CG  1 
ATOM   1102 C CD  . ARG A 1 143 ? 0.681   -4.549  -7.873  1.00 19.48 ? 308 ARG A CD  1 
ATOM   1103 N NE  . ARG A 1 143 ? 1.278   -3.368  -8.483  1.00 22.59 ? 308 ARG A NE  1 
ATOM   1104 C CZ  . ARG A 1 143 ? 2.062   -3.389  -9.559  1.00 23.33 ? 308 ARG A CZ  1 
ATOM   1105 N NH1 . ARG A 1 143 ? 2.378   -4.536  -10.159 1.00 24.96 ? 308 ARG A NH1 1 
ATOM   1106 N NH2 . ARG A 1 143 ? 2.552   -2.251  -10.042 1.00 23.47 ? 308 ARG A NH2 1 
ATOM   1107 N N   . ALA A 1 144 ? -1.826  -5.650  -3.202  1.00 15.63 ? 309 ALA A N   1 
ATOM   1108 C CA  . ALA A 1 144 ? -2.914  -4.801  -2.734  1.00 15.26 ? 309 ALA A CA  1 
ATOM   1109 C C   . ALA A 1 144 ? -2.416  -3.850  -1.657  1.00 14.25 ? 309 ALA A C   1 
ATOM   1110 O O   . ALA A 1 144 ? -1.857  -4.278  -0.648  1.00 13.77 ? 309 ALA A O   1 
ATOM   1111 C CB  . ALA A 1 144 ? -4.076  -5.640  -2.215  1.00 15.30 ? 309 ALA A CB  1 
ATOM   1112 N N   . HIS A 1 145 ? -2.600  -2.556  -1.890  1.00 13.13 ? 310 HIS A N   1 
ATOM   1113 C CA  . HIS A 1 145 ? -2.064  -1.552  -0.989  1.00 13.36 ? 310 HIS A CA  1 
ATOM   1114 C C   . HIS A 1 145 ? -2.831  -0.242  -1.079  1.00 13.05 ? 310 HIS A C   1 
ATOM   1115 O O   . HIS A 1 145 ? -3.631  -0.038  -1.992  1.00 12.87 ? 310 HIS A O   1 
ATOM   1116 C CB  . HIS A 1 145 ? -0.608  -1.292  -1.348  1.00 13.63 ? 310 HIS A CB  1 
ATOM   1117 C CG  . HIS A 1 145 ? -0.446  -0.566  -2.648  1.00 13.94 ? 310 HIS A CG  1 
ATOM   1118 N ND1 . HIS A 1 145 ? -0.453  -1.211  -3.867  1.00 14.43 ? 310 HIS A ND1 1 
ATOM   1119 C CD2 . HIS A 1 145 ? -0.333  0.756   -2.921  1.00 15.05 ? 310 HIS A CD2 1 
ATOM   1120 C CE1 . HIS A 1 145 ? -0.319  -0.316  -4.833  1.00 15.30 ? 310 HIS A CE1 1 
ATOM   1121 N NE2 . HIS A 1 145 ? -0.247  0.883   -4.285  1.00 14.78 ? 310 HIS A NE2 1 
ATOM   1122 N N   . ILE A 1 146 ? -2.581  0.633   -0.113  1.00 12.43 ? 311 ILE A N   1 
ATOM   1123 C CA  . ILE A 1 146 ? -3.040  2.016   -0.164  1.00 12.73 ? 311 ILE A CA  1 
ATOM   1124 C C   . ILE A 1 146 ? -1.840  2.952   -0.009  1.00 12.96 ? 311 ILE A C   1 
ATOM   1125 O O   . ILE A 1 146 ? -1.114  2.906   0.978   1.00 13.63 ? 311 ILE A O   1 
ATOM   1126 C CB  . ILE A 1 146 ? -4.102  2.299   0.930   1.00 12.48 ? 311 ILE A CB  1 
ATOM   1127 C CG1 . ILE A 1 146 ? -5.340  1.433   0.724   1.00 13.14 ? 311 ILE A CG1 1 
ATOM   1128 C CG2 . ILE A 1 146 ? -4.477  3.781   0.922   1.00 11.54 ? 311 ILE A CG2 1 
ATOM   1129 C CD1 . ILE A 1 146 ? -6.240  1.333   1.963   1.00 13.88 ? 311 ILE A CD1 1 
ATOM   1130 N N   . THR A 1 147 ? -1.599  3.779   -1.019  1.00 13.22 ? 312 THR A N   1 
ATOM   1131 C CA  . THR A 1 147 ? -0.485  4.703   -0.981  1.00 13.41 ? 312 THR A CA  1 
ATOM   1132 C C   . THR A 1 147 ? -0.795  5.832   -0.010  1.00 13.25 ? 312 THR A C   1 
ATOM   1133 O O   . THR A 1 147 ? -1.874  6.420   -0.070  1.00 12.65 ? 312 THR A O   1 
ATOM   1134 C CB  . THR A 1 147 ? -0.243  5.289   -2.375  1.00 13.73 ? 312 THR A CB  1 
ATOM   1135 O OG1 . THR A 1 147 ? 0.209   4.257   -3.260  1.00 14.95 ? 312 THR A OG1 1 
ATOM   1136 C CG2 . THR A 1 147 ? 0.900   6.304   -2.356  1.00 14.22 ? 312 THR A CG2 1 
ATOM   1137 N N   . LEU A 1 148 ? 0.176   6.156   0.841   1.00 12.94 ? 313 LEU A N   1 
ATOM   1138 C CA  . LEU A 1 148 ? 0.053   7.247   1.802   1.00 13.57 ? 313 LEU A CA  1 
ATOM   1139 C C   . LEU A 1 148 ? 1.018   8.403   1.549   1.00 14.23 ? 313 LEU A C   1 
ATOM   1140 O O   . LEU A 1 148 ? 0.808   9.514   2.050   1.00 14.28 ? 313 LEU A O   1 
ATOM   1141 C CB  . LEU A 1 148 ? 0.227   6.731   3.232   1.00 13.89 ? 313 LEU A CB  1 
ATOM   1142 C CG  . LEU A 1 148 ? -0.807  5.675   3.643   1.00 14.63 ? 313 LEU A CG  1 
ATOM   1143 C CD1 . LEU A 1 148 ? -0.427  5.000   4.952   1.00 16.15 ? 313 LEU A CD1 1 
ATOM   1144 C CD2 . LEU A 1 148 ? -2.183  6.293   3.728   1.00 15.57 ? 313 LEU A CD2 1 
ATOM   1145 N N   . GLY A 1 149 ? 2.058   8.160   0.756   1.00 13.75 ? 314 GLY A N   1 
ATOM   1146 C CA  . GLY A 1 149 ? 2.966   9.219   0.375   1.00 14.31 ? 314 GLY A CA  1 
ATOM   1147 C C   . GLY A 1 149 ? 4.137   8.740   -0.452  1.00 13.63 ? 314 GLY A C   1 
ATOM   1148 O O   . GLY A 1 149 ? 4.496   7.552   -0.439  1.00 13.24 ? 314 GLY A O   1 
ATOM   1149 N N   . CYS A 1 150 ? 4.722   9.674   -1.199  1.00 14.12 ? 315 CYS A N   1 
ATOM   1150 C CA  . CYS A 1 150 ? 5.822   9.383   -2.099  1.00 14.79 ? 315 CYS A CA  1 
ATOM   1151 C C   . CYS A 1 150 ? 6.891   10.455  -1.976  1.00 14.09 ? 315 CYS A C   1 
ATOM   1152 O O   . CYS A 1 150 ? 6.591   11.633  -1.737  1.00 13.41 ? 315 CYS A O   1 
ATOM   1153 C CB  . CYS A 1 150 ? 5.320   9.338   -3.552  1.00 15.27 ? 315 CYS A CB  1 
ATOM   1154 S SG  . CYS A 1 150 ? 4.194   7.975   -3.893  1.00 20.33 ? 315 CYS A SG  1 
ATOM   1155 N N   . ALA A 1 151 ? 8.143   10.041  -2.113  1.00 13.85 ? 316 ALA A N   1 
ATOM   1156 C CA  . ALA A 1 151 ? 9.241   10.980  -2.251  1.00 13.67 ? 316 ALA A CA  1 
ATOM   1157 C C   . ALA A 1 151 ? 9.064   11.790  -3.550  1.00 14.05 ? 316 ALA A C   1 
ATOM   1158 O O   . ALA A 1 151 ? 8.337   11.380  -4.457  1.00 13.41 ? 316 ALA A O   1 
ATOM   1159 C CB  . ALA A 1 151 ? 10.563  10.242  -2.228  1.00 13.67 ? 316 ALA A CB  1 
ATOM   1160 N N   . ALA A 1 152 ? 9.740   12.933  -3.641  1.00 14.82 ? 317 ALA A N   1 
ATOM   1161 C CA  . ALA A 1 152 ? 9.452   13.932  -4.669  1.00 15.67 ? 317 ALA A CA  1 
ATOM   1162 C C   . ALA A 1 152 ? 9.503   13.407  -6.109  1.00 16.18 ? 317 ALA A C   1 
ATOM   1163 O O   . ALA A 1 152 ? 8.642   13.732  -6.912  1.00 16.90 ? 317 ALA A O   1 
ATOM   1164 C CB  . ALA A 1 152 ? 10.388  15.117  -4.512  1.00 16.04 ? 317 ALA A CB  1 
ATOM   1165 N N   . ASP A 1 153 ? 10.502  12.588  -6.408  1.00 16.85 ? 318 ASP A N   1 
ATOM   1166 C CA  . ASP A 1 153 ? 10.751  12.093  -7.771  1.00 18.49 ? 318 ASP A CA  1 
ATOM   1167 C C   . ASP A 1 153 ? 10.140  10.709  -8.042  1.00 18.15 ? 318 ASP A C   1 
ATOM   1168 O O   . ASP A 1 153 ? 10.482  10.050  -9.025  1.00 19.48 ? 318 ASP A O   1 
ATOM   1169 C CB  . ASP A 1 153 ? 12.255  12.034  -8.015  1.00 19.20 ? 318 ASP A CB  1 
ATOM   1170 C CG  . ASP A 1 153 ? 12.956  11.026  -7.126  1.00 22.03 ? 318 ASP A CG  1 
ATOM   1171 O OD1 . ASP A 1 153 ? 12.601  10.897  -5.935  1.00 28.51 ? 318 ASP A OD1 1 
ATOM   1172 O OD2 . ASP A 1 153 ? 13.908  10.324  -7.522  1.00 30.77 ? 318 ASP A OD2 1 
ATOM   1173 N N   . VAL A 1 154 ? 9.233   10.273  -7.184  1.00 17.85 ? 319 VAL A N   1 
ATOM   1174 C CA  . VAL A 1 154 ? 8.726   8.915   -7.235  1.00 17.89 ? 319 VAL A CA  1 
ATOM   1175 C C   . VAL A 1 154 ? 7.275   8.900   -7.711  1.00 18.26 ? 319 VAL A C   1 
ATOM   1176 O O   . VAL A 1 154 ? 6.442   9.671   -7.237  1.00 18.57 ? 319 VAL A O   1 
ATOM   1177 C CB  . VAL A 1 154 ? 8.835   8.248   -5.847  1.00 17.52 ? 319 VAL A CB  1 
ATOM   1178 C CG1 . VAL A 1 154 ? 8.171   6.856   -5.848  1.00 17.63 ? 319 VAL A CG1 1 
ATOM   1179 C CG2 . VAL A 1 154 ? 10.301  8.148   -5.429  1.00 17.08 ? 319 VAL A CG2 1 
ATOM   1180 N N   . GLU A 1 155 ? 6.977   7.993   -8.631  1.00 19.29 ? 320 GLU A N   1 
ATOM   1181 C CA  . GLU A 1 155 ? 5.611   7.799   -9.116  1.00 20.07 ? 320 GLU A CA  1 
ATOM   1182 C C   . GLU A 1 155 ? 4.848   6.897   -8.147  1.00 19.65 ? 320 GLU A C   1 
ATOM   1183 O O   . GLU A 1 155 ? 5.419   5.972   -7.572  1.00 19.57 ? 320 GLU A O   1 
ATOM   1184 C CB  . GLU A 1 155 ? 5.639   7.192   -10.518 1.00 20.72 ? 320 GLU A CB  1 
ATOM   1185 C CG  . GLU A 1 155 ? 6.318   8.120   -11.523 1.00 24.04 ? 320 GLU A CG  1 
ATOM   1186 C CD  . GLU A 1 155 ? 6.448   7.531   -12.915 1.00 28.77 ? 320 GLU A CD  1 
ATOM   1187 O OE1 . GLU A 1 155 ? 6.010   6.380   -13.140 1.00 32.65 ? 320 GLU A OE1 1 
ATOM   1188 O OE2 . GLU A 1 155 ? 6.991   8.238   -13.792 1.00 33.04 ? 320 GLU A OE2 1 
ATOM   1189 N N   . ALA A 1 156 ? 3.561   7.163   -7.975  1.00 19.37 ? 321 ALA A N   1 
ATOM   1190 C CA  . ALA A 1 156 ? 2.761   6.448   -6.978  1.00 19.11 ? 321 ALA A CA  1 
ATOM   1191 C C   . ALA A 1 156 ? 2.679   4.942   -7.219  1.00 18.87 ? 321 ALA A C   1 
ATOM   1192 O O   . ALA A 1 156 ? 2.548   4.169   -6.276  1.00 18.57 ? 321 ALA A O   1 
ATOM   1193 C CB  . ALA A 1 156 ? 1.371   7.047   -6.885  1.00 19.86 ? 321 ALA A CB  1 
ATOM   1194 N N   . VAL A 1 157 ? 2.780   4.513   -8.474  1.00 18.26 ? 322 VAL A N   1 
ATOM   1195 C CA  . VAL A 1 157 ? 2.809   3.080   -8.790  1.00 18.44 ? 322 VAL A CA  1 
ATOM   1196 C C   . VAL A 1 157 ? 3.936   2.317   -8.074  1.00 17.52 ? 322 VAL A C   1 
ATOM   1197 O O   . VAL A 1 157 ? 3.846   1.109   -7.844  1.00 17.87 ? 322 VAL A O   1 
ATOM   1198 C CB  . VAL A 1 157 ? 2.899   2.838   -10.320 1.00 18.74 ? 322 VAL A CB  1 
ATOM   1199 C CG1 . VAL A 1 157 ? 4.243   3.301   -10.880 1.00 19.64 ? 322 VAL A CG1 1 
ATOM   1200 C CG2 . VAL A 1 157 ? 2.602   1.365   -10.656 1.00 20.23 ? 322 VAL A CG2 1 
ATOM   1201 N N   . GLN A 1 158 ? 4.990   3.025   -7.688  1.00 16.82 ? 323 GLN A N   1 
ATOM   1202 C CA  . GLN A 1 158 ? 6.110   2.414   -6.974  1.00 16.33 ? 323 GLN A CA  1 
ATOM   1203 C C   . GLN A 1 158 ? 5.712   1.809   -5.627  1.00 15.65 ? 323 GLN A C   1 
ATOM   1204 O O   . GLN A 1 158 ? 6.381   0.908   -5.118  1.00 15.18 ? 323 GLN A O   1 
ATOM   1205 C CB  . GLN A 1 158 ? 7.212   3.456   -6.761  1.00 16.63 ? 323 GLN A CB  1 
ATOM   1206 C CG  . GLN A 1 158 ? 8.512   2.910   -6.161  1.00 17.89 ? 323 GLN A CG  1 
ATOM   1207 C CD  . GLN A 1 158 ? 9.186   1.877   -7.044  1.00 21.42 ? 323 GLN A CD  1 
ATOM   1208 O OE1 . GLN A 1 158 ? 9.263   2.052   -8.261  1.00 25.81 ? 323 GLN A OE1 1 
ATOM   1209 N NE2 . GLN A 1 158 ? 9.686   0.807   -6.437  1.00 22.87 ? 323 GLN A NE2 1 
ATOM   1210 N N   . THR A 1 159 ? 4.636   2.313   -5.035  1.00 14.91 ? 324 THR A N   1 
ATOM   1211 C CA  . THR A 1 159 ? 4.204   1.831   -3.739  1.00 14.85 ? 324 THR A CA  1 
ATOM   1212 C C   . THR A 1 159 ? 3.894   0.336   -3.776  1.00 14.35 ? 324 THR A C   1 
ATOM   1213 O O   . THR A 1 159 ? 4.294   -0.402  -2.883  1.00 13.91 ? 324 THR A O   1 
ATOM   1214 C CB  . THR A 1 159 ? 2.995   2.631   -3.246  1.00 15.19 ? 324 THR A CB  1 
ATOM   1215 O OG1 . THR A 1 159 ? 3.283   4.037   -3.336  1.00 15.70 ? 324 THR A OG1 1 
ATOM   1216 C CG2 . THR A 1 159 ? 2.774   2.392   -1.771  1.00 15.84 ? 324 THR A CG2 1 
ATOM   1217 N N   . GLY A 1 160 ? 3.190   -0.110  -4.806  1.00 14.56 ? 325 GLY A N   1 
ATOM   1218 C CA  . GLY A 1 160 ? 2.864   -1.521  -4.951  1.00 15.20 ? 325 GLY A CA  1 
ATOM   1219 C C   . GLY A 1 160 ? 4.086   -2.373  -5.216  1.00 15.96 ? 325 GLY A C   1 
ATOM   1220 O O   . GLY A 1 160 ? 4.196   -3.499  -4.716  1.00 15.59 ? 325 GLY A O   1 
ATOM   1221 N N   . LEU A 1 161 ? 5.010   -1.842  -6.012  1.00 16.34 ? 326 LEU A N   1 
ATOM   1222 C CA  . LEU A 1 161 ? 6.255   -2.535  -6.293  1.00 17.17 ? 326 LEU A CA  1 
ATOM   1223 C C   . LEU A 1 161 ? 7.117   -2.671  -5.028  1.00 17.23 ? 326 LEU A C   1 
ATOM   1224 O O   . LEU A 1 161 ? 7.714   -3.722  -4.795  1.00 17.44 ? 326 LEU A O   1 
ATOM   1225 C CB  . LEU A 1 161 ? 7.011   -1.837  -7.429  1.00 17.70 ? 326 LEU A CB  1 
ATOM   1226 C CG  . LEU A 1 161 ? 6.203   -1.678  -8.736  1.00 18.73 ? 326 LEU A CG  1 
ATOM   1227 C CD1 . LEU A 1 161 ? 6.983   -0.854  -9.734  1.00 21.04 ? 326 LEU A CD1 1 
ATOM   1228 C CD2 . LEU A 1 161 ? 5.841   -3.019  -9.315  1.00 20.45 ? 326 LEU A CD2 1 
ATOM   1229 N N   . ASP A 1 162 ? 7.135   -1.639  -4.191  1.00 16.97 ? 327 ASP A N   1 
ATOM   1230 C CA  . ASP A 1 162 ? 7.852   -1.688  -2.919  1.00 17.59 ? 327 ASP A CA  1 
ATOM   1231 C C   . ASP A 1 162 ? 7.261   -2.763  -2.009  1.00 16.96 ? 327 ASP A C   1 
ATOM   1232 O O   . ASP A 1 162 ? 8.007   -3.485  -1.355  1.00 17.55 ? 327 ASP A O   1 
ATOM   1233 C CB  . ASP A 1 162 ? 7.805   -0.339  -2.192  1.00 17.69 ? 327 ASP A CB  1 
ATOM   1234 C CG  . ASP A 1 162 ? 8.811   0.665   -2.720  1.00 20.44 ? 327 ASP A CG  1 
ATOM   1235 O OD1 . ASP A 1 162 ? 9.644   0.321   -3.596  1.00 22.64 ? 327 ASP A OD1 1 
ATOM   1236 O OD2 . ASP A 1 162 ? 8.836   1.849   -2.301  1.00 22.81 ? 327 ASP A OD2 1 
ATOM   1237 N N   . LEU A 1 163 ? 5.932   -2.880  -1.976  1.00 16.17 ? 328 LEU A N   1 
ATOM   1238 C CA  . LEU A 1 163 ? 5.280   -3.887  -1.139  1.00 16.15 ? 328 LEU A CA  1 
ATOM   1239 C C   . LEU A 1 163 ? 5.617   -5.282  -1.651  1.00 16.51 ? 328 LEU A C   1 
ATOM   1240 O O   . LEU A 1 163 ? 5.934   -6.164  -0.866  1.00 16.96 ? 328 LEU A O   1 
ATOM   1241 C CB  . LEU A 1 163 ? 3.753   -3.697  -1.111  1.00 15.74 ? 328 LEU A CB  1 
ATOM   1242 C CG  . LEU A 1 163 ? 2.952   -4.707  -0.282  1.00 16.49 ? 328 LEU A CG  1 
ATOM   1243 C CD1 . LEU A 1 163 ? 3.458   -4.790  1.148   1.00 17.18 ? 328 LEU A CD1 1 
ATOM   1244 C CD2 . LEU A 1 163 ? 1.452   -4.418  -0.311  1.00 16.73 ? 328 LEU A CD2 1 
ATOM   1245 N N   . LEU A 1 164 ? 5.568   -5.470  -2.965  1.00 16.88 ? 329 LEU A N   1 
ATOM   1246 C CA  . LEU A 1 164 ? 5.919   -6.761  -3.558  1.00 17.95 ? 329 LEU A CA  1 
ATOM   1247 C C   . LEU A 1 164 ? 7.360   -7.144  -3.224  1.00 19.09 ? 329 LEU A C   1 
ATOM   1248 O O   . LEU A 1 164 ? 7.628   -8.309  -2.938  1.00 18.97 ? 329 LEU A O   1 
ATOM   1249 C CB  . LEU A 1 164 ? 5.717   -6.749  -5.071  1.00 17.79 ? 329 LEU A CB  1 
ATOM   1250 C CG  . LEU A 1 164 ? 4.262   -6.745  -5.552  1.00 17.96 ? 329 LEU A CG  1 
ATOM   1251 C CD1 . LEU A 1 164 ? 4.201   -6.691  -7.066  1.00 19.30 ? 329 LEU A CD1 1 
ATOM   1252 C CD2 . LEU A 1 164 ? 3.502   -7.951  -5.024  1.00 18.59 ? 329 LEU A CD2 1 
ATOM   1253 N N   . GLU A 1 165 ? 8.268   -6.170  -3.250  1.00 20.06 ? 330 GLU A N   1 
ATOM   1254 C CA  . GLU A 1 165 ? 9.676   -6.416  -2.919  1.00 21.77 ? 330 GLU A CA  1 
ATOM   1255 C C   . GLU A 1 165 ? 9.807   -6.855  -1.462  1.00 21.75 ? 330 GLU A C   1 
ATOM   1256 O O   . GLU A 1 165 ? 10.546  -7.792  -1.146  1.00 21.95 ? 330 GLU A O   1 
ATOM   1257 C CB  . GLU A 1 165 ? 10.535  -5.173  -3.165  1.00 22.49 ? 330 GLU A CB  1 
ATOM   1258 C CG  . GLU A 1 165 ? 10.713  -4.787  -4.631  1.00 26.60 ? 330 GLU A CG  1 
ATOM   1259 C CD  . GLU A 1 165 ? 11.290  -3.387  -4.805  1.00 32.73 ? 330 GLU A CD  1 
ATOM   1260 O OE1 . GLU A 1 165 ? 12.001  -2.919  -3.886  1.00 37.54 ? 330 GLU A OE1 1 
ATOM   1261 O OE2 . GLU A 1 165 ? 11.031  -2.748  -5.857  1.00 36.12 ? 330 GLU A OE2 1 
ATOM   1262 N N   . ILE A 1 166 ? 9.082   -6.182  -0.574  1.00 21.72 ? 331 ILE A N   1 
ATOM   1263 C CA  . ILE A 1 166 ? 9.085   -6.543  0.843   1.00 22.23 ? 331 ILE A CA  1 
ATOM   1264 C C   . ILE A 1 166 ? 8.564   -7.964  1.015   1.00 22.64 ? 331 ILE A C   1 
ATOM   1265 O O   . ILE A 1 166 ? 9.172   -8.778  1.710   1.00 21.92 ? 331 ILE A O   1 
ATOM   1266 C CB  . ILE A 1 166 ? 8.242   -5.543  1.669   1.00 22.16 ? 331 ILE A CB  1 
ATOM   1267 C CG1 . ILE A 1 166 ? 8.979   -4.203  1.768   1.00 22.43 ? 331 ILE A CG1 1 
ATOM   1268 C CG2 . ILE A 1 166 ? 7.929   -6.102  3.057   1.00 22.69 ? 331 ILE A CG2 1 
ATOM   1269 C CD1 . ILE A 1 166 ? 8.128   -3.059  2.259   1.00 23.63 ? 331 ILE A CD1 1 
ATOM   1270 N N   . LEU A 1 167 ? 7.445   -8.269  0.368   1.00 22.96 ? 332 LEU A N   1 
ATOM   1271 C CA  . LEU A 1 167 ? 6.833   -9.591  0.510   1.00 23.98 ? 332 LEU A CA  1 
ATOM   1272 C C   . LEU A 1 167 ? 7.697   -10.679 -0.140  1.00 24.77 ? 332 LEU A C   1 
ATOM   1273 O O   . LEU A 1 167 ? 7.730   -11.808 0.335   1.00 24.94 ? 332 LEU A O   1 
ATOM   1274 C CB  . LEU A 1 167 ? 5.404   -9.586  -0.054  1.00 23.55 ? 332 LEU A CB  1 
ATOM   1275 C CG  . LEU A 1 167 ? 4.410   -8.703  0.719   1.00 23.05 ? 332 LEU A CG  1 
ATOM   1276 C CD1 . LEU A 1 167 ? 3.067   -8.654  -0.001  1.00 22.65 ? 332 LEU A CD1 1 
ATOM   1277 C CD2 . LEU A 1 167 ? 4.233   -9.175  2.166   1.00 23.55 ? 332 LEU A CD2 1 
ATOM   1278 N N   . ARG A 1 168 ? 8.436   -10.326 -1.188  1.00 26.15 ? 333 ARG A N   1 
ATOM   1279 C CA  . ARG A 1 168 ? 9.360   -11.258 -1.838  1.00 27.83 ? 333 ARG A CA  1 
ATOM   1280 C C   . ARG A 1 168 ? 10.537  -11.565 -0.915  1.00 28.51 ? 333 ARG A C   1 
ATOM   1281 O O   . ARG A 1 168 ? 10.971  -12.717 -0.825  1.00 28.55 ? 333 ARG A O   1 
ATOM   1282 C CB  . ARG A 1 168 ? 9.882   -10.668 -3.152  1.00 28.32 ? 333 ARG A CB  1 
ATOM   1283 C CG  . ARG A 1 168 ? 10.773  -11.606 -3.975  1.00 31.51 ? 333 ARG A CG  1 
ATOM   1284 C CD  . ARG A 1 168 ? 11.775  -10.886 -4.882  1.00 35.04 ? 333 ARG A CD  1 
ATOM   1285 N NE  . ARG A 1 168 ? 11.597  -11.246 -6.292  1.00 37.90 ? 333 ARG A NE  1 
ATOM   1286 C CZ  . ARG A 1 168 ? 11.985  -10.503 -7.324  1.00 39.79 ? 333 ARG A CZ  1 
ATOM   1287 N NH1 . ARG A 1 168 ? 12.595  -9.333  -7.143  1.00 40.31 ? 333 ARG A NH1 1 
ATOM   1288 N NH2 . ARG A 1 168 ? 11.761  -10.936 -8.558  1.00 41.21 ? 333 ARG A NH2 1 
ATOM   1289 N N   . GLN A 1 169 ? 11.041  -10.532 -0.241  1.00 29.10 ? 334 GLN A N   1 
ATOM   1290 C CA  . GLN A 1 169 ? 12.189  -10.662 0.659   1.00 30.21 ? 334 GLN A CA  1 
ATOM   1291 C C   . GLN A 1 169 ? 11.841  -11.648 1.759   1.00 31.12 ? 334 GLN A C   1 
ATOM   1292 O O   . GLN A 1 169 ? 12.607  -12.565 2.048   1.00 31.81 ? 334 GLN A O   1 
ATOM   1293 C CB  . GLN A 1 169 ? 12.559  -9.301  1.264   1.00 30.10 ? 334 GLN A CB  1 
ATOM   1294 C CG  . GLN A 1 169 ? 13.861  -9.281  2.067   1.00 30.56 ? 334 GLN A CG  1 
ATOM   1295 C CD  . GLN A 1 169 ? 13.997  -8.025  2.905   1.00 31.49 ? 334 GLN A CD  1 
ATOM   1296 O OE1 . GLN A 1 169 ? 13.533  -6.971  2.497   1.00 33.42 ? 334 GLN A OE1 1 
ATOM   1297 N NE2 . GLN A 1 169 ? 14.608  -8.136  4.081   1.00 31.49 ? 334 GLN A NE2 1 
ATOM   1298 N N   . GLU A 1 170 ? 10.664  -11.465 2.346   1.00 31.98 ? 335 GLU A N   1 
ATOM   1299 C CA  . GLU A 1 170 ? 10.176  -12.338 3.407   1.00 33.25 ? 335 GLU A CA  1 
ATOM   1300 C C   . GLU A 1 170 ? 9.871   -13.763 2.922   1.00 33.51 ? 335 GLU A C   1 
ATOM   1301 O O   . GLU A 1 170 ? 10.207  -14.733 3.604   1.00 33.41 ? 335 GLU A O   1 
ATOM   1302 C CB  . GLU A 1 170 ? 8.955   -11.707 4.078   1.00 33.45 ? 335 GLU A CB  1 
ATOM   1303 C CG  . GLU A 1 170 ? 9.261   -10.333 4.652   1.00 35.89 ? 335 GLU A CG  1 
ATOM   1304 C CD  . GLU A 1 170 ? 8.352   -9.942  5.797   1.00 39.36 ? 335 GLU A CD  1 
ATOM   1305 O OE1 . GLU A 1 170 ? 7.193   -9.562  5.524   1.00 41.88 ? 335 GLU A OE1 1 
ATOM   1306 O OE2 . GLU A 1 170 ? 8.807   -10.003 6.965   1.00 42.39 ? 335 GLU A OE2 1 
ATOM   1307 N N   . LYS A 1 171 ? 9.267   -13.901 1.747   1.00 33.77 ? 336 LYS A N   1 
ATOM   1308 C CA  . LYS A 1 171 ? 8.988   -15.234 1.194   1.00 34.42 ? 336 LYS A CA  1 
ATOM   1309 C C   . LYS A 1 171 ? 10.291  -15.986 0.884   1.00 34.63 ? 336 LYS A C   1 
ATOM   1310 O O   . LYS A 1 171 ? 10.348  -17.210 0.996   1.00 34.51 ? 336 LYS A O   1 
ATOM   1311 C CB  . LYS A 1 171 ? 8.110   -15.148 -0.058  1.00 34.67 ? 336 LYS A CB  1 
ATOM   1312 C CG  . LYS A 1 171 ? 7.463   -16.487 -0.474  1.00 35.90 ? 336 LYS A CG  1 
ATOM   1313 C CD  . LYS A 1 171 ? 7.317   -16.609 -1.987  1.00 37.04 ? 336 LYS A CD  1 
ATOM   1314 C CE  . LYS A 1 171 ? 7.042   -18.042 -2.437  1.00 37.81 ? 336 LYS A CE  1 
ATOM   1315 N NZ  . LYS A 1 171 ? 7.997   -18.483 -3.489  1.00 38.70 ? 336 LYS A NZ  1 
ATOM   1316 N N   . GLY A 1 172 ? 11.335  -15.241 0.524   1.00 34.72 ? 337 GLY A N   1 
ATOM   1317 C CA  . GLY A 1 172 ? 12.636  -15.801 0.211   1.00 35.09 ? 337 GLY A CA  1 
ATOM   1318 C C   . GLY A 1 172 ? 13.468  -16.193 1.423   1.00 35.36 ? 337 GLY A C   1 
ATOM   1319 O O   . GLY A 1 172 ? 14.534  -16.798 1.263   1.00 35.60 ? 337 GLY A O   1 
ATOM   1320 N N   . GLY A 1 173 ? 13.009  -15.835 2.623   1.00 35.54 ? 338 GLY A N   1 
ATOM   1321 C CA  . GLY A 1 173 ? 13.650  -16.256 3.862   1.00 35.72 ? 338 GLY A CA  1 
ATOM   1322 C C   . GLY A 1 173 ? 14.397  -15.178 4.631   1.00 35.81 ? 338 GLY A C   1 
ATOM   1323 O O   . GLY A 1 173 ? 15.042  -15.474 5.635   1.00 35.93 ? 338 GLY A O   1 
ATOM   1324 N N   . SER A 1 174 ? 14.309  -13.931 4.172   1.00 35.59 ? 339 SER A N   1 
ATOM   1325 C CA  . SER A 1 174 ? 14.974  -12.807 4.823   1.00 35.41 ? 339 SER A CA  1 
ATOM   1326 C C   . SER A 1 174 ? 13.937  -11.878 5.445   1.00 35.14 ? 339 SER A C   1 
ATOM   1327 O O   . SER A 1 174 ? 13.628  -10.818 4.896   1.00 35.59 ? 339 SER A O   1 
ATOM   1328 C CB  . SER A 1 174 ? 15.823  -12.044 3.804   1.00 35.46 ? 339 SER A CB  1 
ATOM   1329 O OG  . SER A 1 174 ? 16.382  -10.877 4.378   1.00 35.74 ? 339 SER A OG  1 
ATOM   1330 N N   . ARG A 1 175 ? 13.394  -12.276 6.588   1.00 34.41 ? 340 ARG A N   1 
ATOM   1331 C CA  . ARG A 1 175 ? 12.371  -11.466 7.242   1.00 33.72 ? 340 ARG A CA  1 
ATOM   1332 C C   . ARG A 1 175 ? 12.975  -10.361 8.100   1.00 32.36 ? 340 ARG A C   1 
ATOM   1333 O O   . ARG A 1 175 ? 14.162  -10.387 8.458   1.00 31.96 ? 340 ARG A O   1 
ATOM   1334 C CB  . ARG A 1 175 ? 11.400  -12.326 8.054   1.00 34.29 ? 340 ARG A CB  1 
ATOM   1335 C CG  . ARG A 1 175 ? 11.989  -13.039 9.256   1.00 35.64 ? 340 ARG A CG  1 
ATOM   1336 C CD  . ARG A 1 175 ? 11.253  -14.329 9.588   1.00 37.57 ? 340 ARG A CD  1 
ATOM   1337 N NE  . ARG A 1 175 ? 11.477  -15.349 8.561   1.00 39.37 ? 340 ARG A NE  1 
ATOM   1338 C CZ  . ARG A 1 175 ? 12.406  -16.307 8.612   1.00 39.52 ? 340 ARG A CZ  1 
ATOM   1339 N NH1 . ARG A 1 175 ? 13.233  -16.416 9.650   1.00 39.07 ? 340 ARG A NH1 1 
ATOM   1340 N NH2 . ARG A 1 175 ? 12.505  -17.168 7.607   1.00 39.39 ? 340 ARG A NH2 1 
ATOM   1341 N N   . GLY A 1 176 ? 12.142  -9.383  8.424   1.00 30.82 ? 341 GLY A N   1 
ATOM   1342 C CA  . GLY A 1 176 ? 12.585  -8.232  9.179   1.00 29.68 ? 341 GLY A CA  1 
ATOM   1343 C C   . GLY A 1 176 ? 12.982  -8.574  10.600  1.00 28.73 ? 341 GLY A C   1 
ATOM   1344 O O   . GLY A 1 176 ? 12.476  -9.525  11.194  1.00 28.23 ? 341 GLY A O   1 
ATOM   1345 N N   . GLU A 1 177 ? 13.905  -7.785  11.133  1.00 27.60 ? 342 GLU A N   1 
ATOM   1346 C CA  . GLU A 1 177 ? 14.305  -7.865  12.521  1.00 27.33 ? 342 GLU A CA  1 
ATOM   1347 C C   . GLU A 1 177 ? 13.427  -6.951  13.371  1.00 26.87 ? 342 GLU A C   1 
ATOM   1348 O O   . GLU A 1 177 ? 13.307  -5.769  13.092  1.00 25.22 ? 342 GLU A O   1 
ATOM   1349 C CB  . GLU A 1 177 ? 15.757  -7.429  12.632  1.00 27.47 ? 342 GLU A CB  1 
ATOM   1350 C CG  . GLU A 1 177 ? 16.334  -7.520  14.026  1.00 28.14 ? 342 GLU A CG  1 
ATOM   1351 C CD  . GLU A 1 177 ? 17.727  -6.957  14.072  1.00 28.56 ? 342 GLU A CD  1 
ATOM   1352 O OE1 . GLU A 1 177 ? 18.585  -7.499  13.358  1.00 31.02 ? 342 GLU A OE1 1 
ATOM   1353 O OE2 . GLU A 1 177 ? 17.950  -5.962  14.788  1.00 30.11 ? 342 GLU A OE2 1 
ATOM   1354 N N   . GLU A 1 178 ? 12.821  -7.501  14.417  1.00 26.92 ? 343 GLU A N   1 
ATOM   1355 C CA  . GLU A 1 178 ? 12.027  -6.702  15.342  1.00 27.39 ? 343 GLU A CA  1 
ATOM   1356 C C   . GLU A 1 178 ? 12.953  -5.783  16.134  1.00 27.46 ? 343 GLU A C   1 
ATOM   1357 O O   . GLU A 1 178 ? 13.872  -6.253  16.803  1.00 27.44 ? 343 GLU A O   1 
ATOM   1358 C CB  . GLU A 1 178 ? 11.230  -7.612  16.286  1.00 27.60 ? 343 GLU A CB  1 
ATOM   1359 C CG  . GLU A 1 178 ? 10.278  -6.866  17.209  1.00 29.33 ? 343 GLU A CG  1 
ATOM   1360 C CD  . GLU A 1 178 ? 9.713   -7.744  18.316  1.00 32.35 ? 343 GLU A CD  1 
ATOM   1361 O OE1 . GLU A 1 178 ? 9.700   -8.987  18.158  1.00 34.98 ? 343 GLU A OE1 1 
ATOM   1362 O OE2 . GLU A 1 178 ? 9.277   -7.188  19.346  1.00 35.09 ? 343 GLU A OE2 1 
ATOM   1363 N N   . VAL A 1 179 ? 12.727  -4.475  16.044  1.00 27.48 ? 344 VAL A N   1 
ATOM   1364 C CA  . VAL A 1 179 ? 13.608  -3.496  16.679  1.00 27.95 ? 344 VAL A CA  1 
ATOM   1365 C C   . VAL A 1 179 ? 12.907  -2.663  17.742  1.00 28.35 ? 344 VAL A C   1 
ATOM   1366 O O   . VAL A 1 179 ? 13.540  -1.851  18.406  1.00 28.80 ? 344 VAL A O   1 
ATOM   1367 C CB  . VAL A 1 179 ? 14.283  -2.554  15.645  1.00 27.81 ? 344 VAL A CB  1 
ATOM   1368 C CG1 . VAL A 1 179 ? 15.270  -3.340  14.800  1.00 27.69 ? 344 VAL A CG1 1 
ATOM   1369 C CG2 . VAL A 1 179 ? 13.257  -1.837  14.766  1.00 27.58 ? 344 VAL A CG2 1 
ATOM   1370 N N   . GLY A 1 180 ? 11.606  -2.867  17.910  1.00 28.39 ? 345 GLY A N   1 
ATOM   1371 C CA  . GLY A 1 180 ? 10.863  -2.120  18.900  1.00 28.53 ? 345 GLY A CA  1 
ATOM   1372 C C   . GLY A 1 180 ? 9.373   -2.084  18.652  1.00 28.47 ? 345 GLY A C   1 
ATOM   1373 O O   . GLY A 1 180 ? 8.825   -2.856  17.876  1.00 28.20 ? 345 GLY A O   1 
ATOM   1374 N N   . GLU A 1 181 ? 8.727   -1.156  19.338  1.00 28.96 ? 346 GLU A N   1 
ATOM   1375 C CA  . GLU A 1 181 ? 7.281   -1.040  19.347  1.00 29.05 ? 346 GLU A CA  1 
ATOM   1376 C C   . GLU A 1 181 ? 6.911   0.426   19.171  1.00 28.10 ? 346 GLU A C   1 
ATOM   1377 O O   . GLU A 1 181 ? 7.452   1.301   19.854  1.00 28.45 ? 346 GLU A O   1 
ATOM   1378 C CB  . GLU A 1 181 ? 6.705   -1.603  20.655  1.00 29.90 ? 346 GLU A CB  1 
ATOM   1379 C CG  . GLU A 1 181 ? 7.331   -1.078  21.950  1.00 32.72 ? 346 GLU A CG  1 
ATOM   1380 C CD  . GLU A 1 181 ? 8.716   -1.644  22.260  1.00 36.89 ? 346 GLU A CD  1 
ATOM   1381 O OE1 . GLU A 1 181 ? 8.954   -2.859  22.052  1.00 40.95 ? 346 GLU A OE1 1 
ATOM   1382 O OE2 . GLU A 1 181 ? 9.583   -0.866  22.718  1.00 39.69 ? 346 GLU A OE2 1 
ATOM   1383 N N   . LEU A 1 182 ? 6.018   0.695   18.226  1.00 26.41 ? 347 LEU A N   1 
ATOM   1384 C CA  . LEU A 1 182 ? 5.448   2.020   18.052  1.00 25.54 ? 347 LEU A CA  1 
ATOM   1385 C C   . LEU A 1 182 ? 3.975   1.961   18.426  1.00 25.05 ? 347 LEU A C   1 
ATOM   1386 O O   . LEU A 1 182 ? 3.466   0.911   18.820  1.00 24.74 ? 347 LEU A O   1 
ATOM   1387 C CB  . LEU A 1 182 ? 5.600   2.474   16.597  1.00 25.47 ? 347 LEU A CB  1 
ATOM   1388 C CG  . LEU A 1 182 ? 6.997   2.461   15.986  1.00 25.20 ? 347 LEU A CG  1 
ATOM   1389 C CD1 . LEU A 1 182 ? 6.907   2.876   14.527  1.00 25.43 ? 347 LEU A CD1 1 
ATOM   1390 C CD2 . LEU A 1 182 ? 7.948   3.378   16.753  1.00 24.76 ? 347 LEU A CD2 1 
ATOM   1391 N N   . SER A 1 183 ? 3.285   3.085   18.313  1.00 24.87 ? 348 SER A N   1 
ATOM   1392 C CA  . SER A 1 183 ? 1.836   3.074   18.437  1.00 25.32 ? 348 SER A CA  1 
ATOM   1393 C C   . SER A 1 183 ? 1.288   2.103   17.396  1.00 25.17 ? 348 SER A C   1 
ATOM   1394 O O   . SER A 1 183 ? 1.741   2.098   16.242  1.00 25.45 ? 348 SER A O   1 
ATOM   1395 C CB  . SER A 1 183 ? 1.245   4.470   18.227  1.00 25.47 ? 348 SER A CB  1 
ATOM   1396 O OG  . SER A 1 183 ? 1.692   5.368   19.229  1.00 26.87 ? 348 SER A OG  1 
ATOM   1397 N N   . ARG A 1 184 ? 0.359   1.257   17.833  1.00 24.48 ? 349 ARG A N   1 
ATOM   1398 C CA  . ARG A 1 184 ? -0.359  0.301   16.976  1.00 24.16 ? 349 ARG A CA  1 
ATOM   1399 C C   . ARG A 1 184 ? 0.348   -1.029  16.719  1.00 23.42 ? 349 ARG A C   1 
ATOM   1400 O O   . ARG A 1 184 ? -0.307  -1.967  16.299  1.00 23.18 ? 349 ARG A O   1 
ATOM   1401 C CB  . ARG A 1 184 ? -0.768  0.906   15.626  1.00 24.25 ? 349 ARG A CB  1 
ATOM   1402 C CG  . ARG A 1 184 ? -1.729  2.047   15.707  1.00 25.29 ? 349 ARG A CG  1 
ATOM   1403 C CD  . ARG A 1 184 ? -2.441  2.301   14.394  1.00 27.59 ? 349 ARG A CD  1 
ATOM   1404 N NE  . ARG A 1 184 ? -3.387  3.407   14.497  1.00 28.68 ? 349 ARG A NE  1 
ATOM   1405 C CZ  . ARG A 1 184 ? -4.708  3.269   14.605  1.00 30.79 ? 349 ARG A CZ  1 
ATOM   1406 N NH1 . ARG A 1 184 ? -5.287  2.072   14.600  1.00 31.20 ? 349 ARG A NH1 1 
ATOM   1407 N NH2 . ARG A 1 184 ? -5.462  4.353   14.691  1.00 32.34 ? 349 ARG A NH2 1 
ATOM   1408 N N   . GLY A 1 185 ? 1.659   -1.139  16.942  1.00 22.80 ? 350 GLY A N   1 
ATOM   1409 C CA  . GLY A 1 185 ? 2.294   -2.431  16.757  1.00 22.62 ? 350 GLY A CA  1 
ATOM   1410 C C   . GLY A 1 185 ? 3.808   -2.521  16.837  1.00 22.44 ? 350 GLY A C   1 
ATOM   1411 O O   . GLY A 1 185 ? 4.471   -1.663  17.399  1.00 22.48 ? 350 GLY A O   1 
ATOM   1412 N N   . LYS A 1 186 ? 4.333   -3.597  16.264  1.00 22.46 ? 351 LYS A N   1 
ATOM   1413 C CA  . LYS A 1 186 ? 5.756   -3.923  16.322  1.00 22.57 ? 351 LYS A CA  1 
ATOM   1414 C C   . LYS A 1 186 ? 6.455   -3.381  15.083  1.00 21.50 ? 351 LYS A C   1 
ATOM   1415 O O   . LYS A 1 186 ? 5.914   -3.471  13.991  1.00 21.81 ? 351 LYS A O   1 
ATOM   1416 C CB  . LYS A 1 186 ? 5.950   -5.433  16.397  1.00 22.70 ? 351 LYS A CB  1 
ATOM   1417 C CG  . LYS A 1 186 ? 5.611   -6.046  17.767  1.00 25.65 ? 351 LYS A CG  1 
ATOM   1418 C CD  . LYS A 1 186 ? 5.156   -7.505  17.644  1.00 28.61 ? 351 LYS A CD  1 
ATOM   1419 C CE  . LYS A 1 186 ? 6.129   -8.468  18.304  1.00 31.19 ? 351 LYS A CE  1 
ATOM   1420 N NZ  . LYS A 1 186 ? 6.164   -8.307  19.797  1.00 33.10 ? 351 LYS A NZ  1 
ATOM   1421 N N   . LEU A 1 187 ? 7.643   -2.815  15.279  1.00 20.84 ? 352 LEU A N   1 
ATOM   1422 C CA  . LEU A 1 187 ? 8.462   -2.243  14.209  1.00 20.26 ? 352 LEU A CA  1 
ATOM   1423 C C   . LEU A 1 187 ? 9.553   -3.226  13.792  1.00 19.77 ? 352 LEU A C   1 
ATOM   1424 O O   . LEU A 1 187 ? 10.263  -3.770  14.641  1.00 19.74 ? 352 LEU A O   1 
ATOM   1425 C CB  . LEU A 1 187 ? 9.096   -0.927  14.684  1.00 20.43 ? 352 LEU A CB  1 
ATOM   1426 C CG  . LEU A 1 187 ? 10.012  -0.201  13.689  1.00 20.34 ? 352 LEU A CG  1 
ATOM   1427 C CD1 . LEU A 1 187 ? 9.257   0.158   12.409  1.00 20.61 ? 352 LEU A CD1 1 
ATOM   1428 C CD2 . LEU A 1 187 ? 10.643  1.048   14.303  1.00 20.89 ? 352 LEU A CD2 1 
ATOM   1429 N N   . TYR A 1 188 ? 9.682   -3.432  12.481  1.00 19.22 ? 353 TYR A N   1 
ATOM   1430 C CA  . TYR A 1 188 ? 10.653  -4.347  11.889  1.00 18.78 ? 353 TYR A CA  1 
ATOM   1431 C C   . TYR A 1 188 ? 11.553  -3.595  10.921  1.00 18.76 ? 353 TYR A C   1 
ATOM   1432 O O   . TYR A 1 188 ? 11.068  -2.795  10.109  1.00 17.83 ? 353 TYR A O   1 
ATOM   1433 C CB  . TYR A 1 188 ? 9.952   -5.480  11.144  1.00 19.21 ? 353 TYR A CB  1 
ATOM   1434 C CG  . TYR A 1 188 ? 9.197   -6.402  12.063  1.00 20.20 ? 353 TYR A CG  1 
ATOM   1435 C CD1 . TYR A 1 188 ? 9.750   -7.613  12.476  1.00 22.52 ? 353 TYR A CD1 1 
ATOM   1436 C CD2 . TYR A 1 188 ? 7.926   -6.062  12.526  1.00 22.47 ? 353 TYR A CD2 1 
ATOM   1437 C CE1 . TYR A 1 188 ? 9.054   -8.467  13.324  1.00 22.96 ? 353 TYR A CE1 1 
ATOM   1438 C CE2 . TYR A 1 188 ? 7.221   -6.910  13.385  1.00 23.59 ? 353 TYR A CE2 1 
ATOM   1439 C CZ  . TYR A 1 188 ? 7.793   -8.106  13.777  1.00 24.57 ? 353 TYR A CZ  1 
ATOM   1440 O OH  . TYR A 1 188 ? 7.102   -8.936  14.627  1.00 26.57 ? 353 TYR A OH  1 
ATOM   1441 N N   . SER A 1 189 ? 12.857  -3.848  11.034  1.00 17.94 ? 354 SER A N   1 
ATOM   1442 C CA  . SER A 1 189 ? 13.872  -3.331  10.118  1.00 17.93 ? 354 SER A CA  1 
ATOM   1443 C C   . SER A 1 189 ? 14.137  -4.368  9.040   1.00 18.38 ? 354 SER A C   1 
ATOM   1444 O O   . SER A 1 189 ? 14.548  -5.494  9.335   1.00 18.18 ? 354 SER A O   1 
ATOM   1445 C CB  . SER A 1 189 ? 15.173  -3.030  10.877  1.00 18.06 ? 354 SER A CB  1 
ATOM   1446 O OG  . SER A 1 189 ? 16.180  -2.517  10.012  1.00 17.34 ? 354 SER A OG  1 
ATOM   1447 N N   . LEU A 1 190 ? 13.888  -3.995  7.790   1.00 18.63 ? 355 LEU A N   1 
ATOM   1448 C CA  . LEU A 1 190 ? 14.030  -4.904  6.659   1.00 19.48 ? 355 LEU A CA  1 
ATOM   1449 C C   . LEU A 1 190 ? 15.364  -4.689  5.938   1.00 19.73 ? 355 LEU A C   1 
ATOM   1450 O O   . LEU A 1 190 ? 15.701  -5.432  5.012   1.00 19.60 ? 355 LEU A O   1 
ATOM   1451 C CB  . LEU A 1 190 ? 12.845  -4.719  5.691   1.00 19.53 ? 355 LEU A CB  1 
ATOM   1452 C CG  . LEU A 1 190 ? 11.496  -5.352  6.096   1.00 22.42 ? 355 LEU A CG  1 
ATOM   1453 C CD1 . LEU A 1 190 ? 11.151  -5.175  7.544   1.00 23.71 ? 355 LEU A CD1 1 
ATOM   1454 C CD2 . LEU A 1 190 ? 10.355  -4.787  5.259   1.00 23.46 ? 355 LEU A CD2 1 
ATOM   1455 N N   . GLY A 1 191 ? 16.122  -3.685  6.377   1.00 19.97 ? 356 GLY A N   1 
ATOM   1456 C CA  . GLY A 1 191 ? 17.357  -3.289  5.720   1.00 20.44 ? 356 GLY A CA  1 
ATOM   1457 C C   . GLY A 1 191 ? 17.128  -2.392  4.514   1.00 20.71 ? 356 GLY A C   1 
ATOM   1458 O O   . GLY A 1 191 ? 16.039  -2.353  3.948   1.00 20.41 ? 356 GLY A O   1 
ATOM   1459 N N   . ASN A 1 192 ? 18.170  -1.659  4.141   1.00 21.06 ? 357 ASN A N   1 
ATOM   1460 C CA  . ASN A 1 192 ? 18.177  -0.821  2.939   1.00 21.68 ? 357 ASN A CA  1 
ATOM   1461 C C   . ASN A 1 192 ? 17.067  0.237   2.902   1.00 20.91 ? 357 ASN A C   1 
ATOM   1462 O O   . ASN A 1 192 ? 16.459  0.494   1.850   1.00 20.97 ? 357 ASN A O   1 
ATOM   1463 C CB  . ASN A 1 192 ? 18.114  -1.708  1.696   1.00 22.53 ? 357 ASN A CB  1 
ATOM   1464 C CG  . ASN A 1 192 ? 19.278  -2.672  1.621   1.00 25.43 ? 357 ASN A CG  1 
ATOM   1465 O OD1 . ASN A 1 192 ? 20.427  -2.267  1.777   1.00 31.88 ? 357 ASN A OD1 1 
ATOM   1466 N ND2 . ASN A 1 192 ? 18.991  -3.946  1.402   1.00 29.49 ? 357 ASN A ND2 1 
ATOM   1467 N N   . GLY A 1 193 ? 16.810  0.838   4.058   1.00 19.90 ? 358 GLY A N   1 
ATOM   1468 C CA  . GLY A 1 193 ? 15.882  1.944   4.176   1.00 19.59 ? 358 GLY A CA  1 
ATOM   1469 C C   . GLY A 1 193 ? 14.434  1.533   4.351   1.00 19.41 ? 358 GLY A C   1 
ATOM   1470 O O   . GLY A 1 193 ? 13.550  2.394   4.319   1.00 18.80 ? 358 GLY A O   1 
ATOM   1471 N N   . ARG A 1 194 ? 14.191  0.236   4.548   1.00 19.51 ? 359 ARG A N   1 
ATOM   1472 C CA  . ARG A 1 194 ? 12.839  -0.301  4.589   1.00 19.65 ? 359 ARG A CA  1 
ATOM   1473 C C   . ARG A 1 194 ? 12.406  -0.747  5.986   1.00 19.30 ? 359 ARG A C   1 
ATOM   1474 O O   . ARG A 1 194 ? 13.169  -1.383  6.746   1.00 18.11 ? 359 ARG A O   1 
ATOM   1475 C CB  . ARG A 1 194 ? 12.691  -1.435  3.602   1.00 20.67 ? 359 ARG A CB  1 
ATOM   1476 C CG  . ARG A 1 194 ? 12.874  -0.984  2.158   1.00 23.62 ? 359 ARG A CG  1 
ATOM   1477 C CD  . ARG A 1 194 ? 13.027  -2.114  1.211   1.00 28.03 ? 359 ARG A CD  1 
ATOM   1478 N NE  . ARG A 1 194 ? 14.118  -2.946  1.674   1.00 33.00 ? 359 ARG A NE  1 
ATOM   1479 C CZ  . ARG A 1 194 ? 14.211  -4.248  1.485   1.00 35.06 ? 359 ARG A CZ  1 
ATOM   1480 N NH1 . ARG A 1 194 ? 13.288  -4.915  0.783   1.00 36.87 ? 359 ARG A NH1 1 
ATOM   1481 N NH2 . ARG A 1 194 ? 15.263  -4.879  1.982   1.00 36.22 ? 359 ARG A NH2 1 
ATOM   1482 N N   . TRP A 1 195 ? 11.160  -0.404  6.304   1.00 18.33 ? 360 TRP A N   1 
ATOM   1483 C CA  . TRP A 1 195 ? 10.603  -0.538  7.646   1.00 17.80 ? 360 TRP A CA  1 
ATOM   1484 C C   . TRP A 1 195 ? 9.165   -0.965  7.554   1.00 18.53 ? 360 TRP A C   1 
ATOM   1485 O O   . TRP A 1 195 ? 8.440   -0.501  6.682   1.00 17.37 ? 360 TRP A O   1 
ATOM   1486 C CB  . TRP A 1 195 ? 10.663  0.810   8.364   1.00 17.88 ? 360 TRP A CB  1 
ATOM   1487 C CG  . TRP A 1 195 ? 12.044  1.314   8.467   1.00 17.49 ? 360 TRP A CG  1 
ATOM   1488 C CD1 . TRP A 1 195 ? 12.721  2.054   7.550   1.00 18.35 ? 360 TRP A CD1 1 
ATOM   1489 C CD2 . TRP A 1 195 ? 12.954  1.063   9.534   1.00 17.61 ? 360 TRP A CD2 1 
ATOM   1490 N NE1 . TRP A 1 195 ? 14.002  2.296   7.991   1.00 17.97 ? 360 TRP A NE1 1 
ATOM   1491 C CE2 . TRP A 1 195 ? 14.168  1.701   9.213   1.00 16.96 ? 360 TRP A CE2 1 
ATOM   1492 C CE3 . TRP A 1 195 ? 12.859  0.373   10.753  1.00 17.38 ? 360 TRP A CE3 1 
ATOM   1493 C CZ2 . TRP A 1 195 ? 15.279  1.672   10.059  1.00 17.10 ? 360 TRP A CZ2 1 
ATOM   1494 C CZ3 . TRP A 1 195 ? 13.958  0.347   11.590  1.00 16.81 ? 360 TRP A CZ3 1 
ATOM   1495 C CH2 . TRP A 1 195 ? 15.151  0.984   11.237  1.00 17.80 ? 360 TRP A CH2 1 
ATOM   1496 N N   . MET A 1 196 ? 8.732   -1.821  8.473   1.00 19.10 ? 361 MET A N   1 
ATOM   1497 C CA  . MET A 1 196 ? 7.351   -2.279  8.481   1.00 19.85 ? 361 MET A CA  1 
ATOM   1498 C C   . MET A 1 196 ? 6.800   -2.263  9.902   1.00 19.65 ? 361 MET A C   1 
ATOM   1499 O O   . MET A 1 196 ? 7.442   -2.734  10.825  1.00 19.11 ? 361 MET A O   1 
ATOM   1500 C CB  . MET A 1 196 ? 7.248   -3.688  7.902   1.00 20.92 ? 361 MET A CB  1 
ATOM   1501 C CG  . MET A 1 196 ? 5.846   -4.298  7.986   1.00 24.53 ? 361 MET A CG  1 
ATOM   1502 S SD  . MET A 1 196 ? 5.671   -5.737  6.936   1.00 33.30 ? 361 MET A SD  1 
ATOM   1503 C CE  . MET A 1 196 ? 6.559   -6.938  7.894   1.00 33.19 ? 361 MET A CE  1 
ATOM   1504 N N   . LEU A 1 197 ? 5.613   -1.687  10.053  1.00 19.13 ? 362 LEU A N   1 
ATOM   1505 C CA  . LEU A 1 197 ? 4.867   -1.724  11.298  1.00 19.24 ? 362 LEU A CA  1 
ATOM   1506 C C   . LEU A 1 197 ? 3.765   -2.764  11.123  1.00 19.54 ? 362 LEU A C   1 
ATOM   1507 O O   . LEU A 1 197 ? 2.871   -2.572  10.318  1.00 18.35 ? 362 LEU A O   1 
ATOM   1508 C CB  . LEU A 1 197 ? 4.272   -0.347  11.580  1.00 19.50 ? 362 LEU A CB  1 
ATOM   1509 C CG  . LEU A 1 197 ? 3.397   -0.215  12.830  1.00 19.66 ? 362 LEU A CG  1 
ATOM   1510 C CD1 . LEU A 1 197 ? 4.273   -0.334  14.073  1.00 20.10 ? 362 LEU A CD1 1 
ATOM   1511 C CD2 . LEU A 1 197 ? 2.649   1.104   12.806  1.00 20.40 ? 362 LEU A CD2 1 
ATOM   1512 N N   . THR A 1 198 ? 3.834   -3.871  11.850  1.00 19.97 ? 363 THR A N   1 
ATOM   1513 C CA  . THR A 1 198 ? 2.755   -4.854  11.828  1.00 21.06 ? 363 THR A CA  1 
ATOM   1514 C C   . THR A 1 198 ? 1.750   -4.458  12.902  1.00 21.67 ? 363 THR A C   1 
ATOM   1515 O O   . THR A 1 198 ? 2.116   -4.215  14.055  1.00 21.65 ? 363 THR A O   1 
ATOM   1516 C CB  . THR A 1 198 ? 3.290   -6.295  12.034  1.00 21.37 ? 363 THR A CB  1 
ATOM   1517 O OG1 . THR A 1 198 ? 3.960   -6.398  13.296  1.00 23.72 ? 363 THR A OG1 1 
ATOM   1518 C CG2 . THR A 1 198 ? 4.364   -6.619  11.012  1.00 21.73 ? 363 THR A CG2 1 
ATOM   1519 N N   . LEU A 1 199 ? 0.480   -4.357  12.522  1.00 22.16 ? 364 LEU A N   1 
ATOM   1520 C CA  . LEU A 1 199 ? -0.533  -3.828  13.425  1.00 22.73 ? 364 LEU A CA  1 
ATOM   1521 C C   . LEU A 1 199 ? -0.969  -4.924  14.385  1.00 23.58 ? 364 LEU A C   1 
ATOM   1522 O O   . LEU A 1 199 ? -1.236  -6.034  13.963  1.00 23.13 ? 364 LEU A O   1 
ATOM   1523 C CB  . LEU A 1 199 ? -1.727  -3.286  12.636  1.00 22.70 ? 364 LEU A CB  1 
ATOM   1524 C CG  . LEU A 1 199 ? -1.359  -2.226  11.584  1.00 22.35 ? 364 LEU A CG  1 
ATOM   1525 C CD1 . LEU A 1 199 ? -2.577  -1.889  10.753  1.00 23.30 ? 364 LEU A CD1 1 
ATOM   1526 C CD2 . LEU A 1 199 ? -0.783  -0.981  12.226  1.00 23.02 ? 364 LEU A CD2 1 
ATOM   1527 N N   . ALA A 1 200 ? -1.019  -4.606  15.674  1.00 24.75 ? 365 ALA A N   1 
ATOM   1528 C CA  . ALA A 1 200 ? -1.513  -5.540  16.684  1.00 25.82 ? 365 ALA A CA  1 
ATOM   1529 C C   . ALA A 1 200 ? -3.003  -5.792  16.481  1.00 26.80 ? 365 ALA A C   1 
ATOM   1530 O O   . ALA A 1 200 ? -3.474  -6.911  16.636  1.00 27.82 ? 365 ALA A O   1 
ATOM   1531 C CB  . ALA A 1 200 ? -1.250  -5.000  18.090  1.00 25.94 ? 365 ALA A CB  1 
ATOM   1532 N N   . LYS A 1 201 ? -3.736  -4.732  16.154  1.00 27.42 ? 366 LYS A N   1 
ATOM   1533 C CA  . LYS A 1 201 ? -5.135  -4.821  15.773  1.00 28.15 ? 366 LYS A CA  1 
ATOM   1534 C C   . LYS A 1 201 ? -5.224  -4.375  14.318  1.00 27.79 ? 366 LYS A C   1 
ATOM   1535 O O   . LYS A 1 201 ? -4.906  -3.229  14.008  1.00 28.15 ? 366 LYS A O   1 
ATOM   1536 C CB  . LYS A 1 201 ? -5.992  -3.888  16.634  1.00 28.58 ? 366 LYS A CB  1 
ATOM   1537 C CG  . LYS A 1 201 ? -5.600  -3.837  18.109  1.00 31.06 ? 366 LYS A CG  1 
ATOM   1538 C CD  . LYS A 1 201 ? -6.726  -3.290  19.000  1.00 33.53 ? 366 LYS A CD  1 
ATOM   1539 C CE  . LYS A 1 201 ? -6.575  -1.793  19.305  1.00 34.57 ? 366 LYS A CE  1 
ATOM   1540 N NZ  . LYS A 1 201 ? -6.041  -1.527  20.683  1.00 36.23 ? 366 LYS A NZ  1 
ATOM   1541 N N   . ASN A 1 202 ? -5.661  -5.258  13.429  1.00 27.92 ? 367 ASN A N   1 
ATOM   1542 C CA  . ASN A 1 202 ? -5.795  -4.872  12.024  1.00 27.48 ? 367 ASN A CA  1 
ATOM   1543 C C   . ASN A 1 202 ? -6.811  -3.748  11.906  1.00 27.13 ? 367 ASN A C   1 
ATOM   1544 O O   . ASN A 1 202 ? -7.799  -3.694  12.658  1.00 26.61 ? 367 ASN A O   1 
ATOM   1545 C CB  . ASN A 1 202 ? -6.182  -6.055  11.141  1.00 27.48 ? 367 ASN A CB  1 
ATOM   1546 C CG  . ASN A 1 202 ? -5.031  -7.033  10.915  1.00 27.80 ? 367 ASN A CG  1 
ATOM   1547 O OD1 . ASN A 1 202 ? -3.863  -6.706  11.111  1.00 28.10 ? 367 ASN A OD1 1 
ATOM   1548 N ND2 . ASN A 1 202 ? -5.368  -8.241  10.508  1.00 28.33 ? 367 ASN A ND2 1 
ATOM   1549 N N   . MET A 1 203 ? -6.533  -2.812  11.008  1.00 26.37 ? 368 MET A N   1 
ATOM   1550 C CA  . MET A 1 203 ? -7.425  -1.693  10.771  1.00 26.54 ? 368 MET A CA  1 
ATOM   1551 C C   . MET A 1 203 ? -8.415  -2.089  9.692   1.00 25.92 ? 368 MET A C   1 
ATOM   1552 O O   . MET A 1 203 ? -8.028  -2.670  8.688   1.00 26.02 ? 368 MET A O   1 
ATOM   1553 C CB  . MET A 1 203 ? -6.639  -0.468  10.323  1.00 27.14 ? 368 MET A CB  1 
ATOM   1554 C CG  . MET A 1 203 ? -5.784  0.154   11.414  1.00 29.41 ? 368 MET A CG  1 
ATOM   1555 S SD  . MET A 1 203 ? -4.870  1.589   10.832  1.00 35.66 ? 368 MET A SD  1 
ATOM   1556 C CE  . MET A 1 203 ? -6.267  2.556   10.120  1.00 33.85 ? 368 MET A CE  1 
ATOM   1557 N N   . GLU A 1 204 ? -9.689  -1.801  9.915   1.00 25.31 ? 369 GLU A N   1 
ATOM   1558 C CA  . GLU A 1 204 ? -10.717 -2.036  8.911   1.00 25.56 ? 369 GLU A CA  1 
ATOM   1559 C C   . GLU A 1 204 ? -11.201 -0.688  8.386   1.00 24.30 ? 369 GLU A C   1 
ATOM   1560 O O   . GLU A 1 204 ? -11.492 0.218   9.158   1.00 24.68 ? 369 GLU A O   1 
ATOM   1561 C CB  . GLU A 1 204 ? -11.876 -2.850  9.488   1.00 26.23 ? 369 GLU A CB  1 
ATOM   1562 C CG  . GLU A 1 204 ? -11.471 -4.177  10.120  1.00 29.38 ? 369 GLU A CG  1 
ATOM   1563 C CD  . GLU A 1 204 ? -10.749 -5.124  9.179   1.00 33.51 ? 369 GLU A CD  1 
ATOM   1564 O OE1 . GLU A 1 204 ? -11.106 -5.199  7.982   1.00 37.13 ? 369 GLU A OE1 1 
ATOM   1565 O OE2 . GLU A 1 204 ? -9.820  -5.813  9.649   1.00 37.36 ? 369 GLU A OE2 1 
ATOM   1566 N N   . VAL A 1 205 ? -11.252 -0.554  7.066   1.00 22.99 ? 370 VAL A N   1 
ATOM   1567 C CA  . VAL A 1 205 ? -11.682 0.680   6.424   1.00 21.55 ? 370 VAL A CA  1 
ATOM   1568 C C   . VAL A 1 205 ? -12.851 0.376   5.496   1.00 20.93 ? 370 VAL A C   1 
ATOM   1569 O O   . VAL A 1 205 ? -12.898 -0.682  4.884   1.00 21.64 ? 370 VAL A O   1 
ATOM   1570 C CB  . VAL A 1 205 ? -10.536 1.353   5.641   1.00 21.47 ? 370 VAL A CB  1 
ATOM   1571 C CG1 . VAL A 1 205 ? -9.431  1.801   6.596   1.00 21.13 ? 370 VAL A CG1 1 
ATOM   1572 C CG2 . VAL A 1 205 ? -9.980  0.437   4.540   1.00 20.62 ? 370 VAL A CG2 1 
ATOM   1573 N N   . ARG A 1 206 ? -13.797 1.297   5.421   1.00 20.60 ? 371 ARG A N   1 
ATOM   1574 C CA  . ARG A 1 206 ? -14.949 1.187   4.535   1.00 20.33 ? 371 ARG A CA  1 
ATOM   1575 C C   . ARG A 1 206 ? -14.570 1.859   3.222   1.00 18.98 ? 371 ARG A C   1 
ATOM   1576 O O   . ARG A 1 206 ? -13.896 2.883   3.228   1.00 18.01 ? 371 ARG A O   1 
ATOM   1577 C CB  . ARG A 1 206 ? -16.156 1.876   5.167   1.00 21.24 ? 371 ARG A CB  1 
ATOM   1578 C CG  . ARG A 1 206 ? -17.483 1.644   4.472   1.00 24.80 ? 371 ARG A CG  1 
ATOM   1579 C CD  . ARG A 1 206 ? -18.653 2.376   5.138   1.00 30.20 ? 371 ARG A CD  1 
ATOM   1580 N NE  . ARG A 1 206 ? -19.952 1.828   4.740   1.00 34.92 ? 371 ARG A NE  1 
ATOM   1581 C CZ  . ARG A 1 206 ? -20.738 2.302   3.770   1.00 37.49 ? 371 ARG A CZ  1 
ATOM   1582 N NH1 . ARG A 1 206 ? -20.394 3.370   3.047   1.00 39.67 ? 371 ARG A NH1 1 
ATOM   1583 N NH2 . ARG A 1 206 ? -21.893 1.691   3.514   1.00 38.52 ? 371 ARG A NH2 1 
ATOM   1584 N N   . ALA A 1 207 ? -14.989 1.274   2.104   1.00 17.49 ? 372 ALA A N   1 
ATOM   1585 C CA  . ALA A 1 207 ? -14.611 1.783   0.785   1.00 16.89 ? 372 ALA A CA  1 
ATOM   1586 C C   . ALA A 1 207 ? -15.619 1.344   -0.278  1.00 16.77 ? 372 ALA A C   1 
ATOM   1587 O O   . ALA A 1 207 ? -16.258 0.307   -0.139  1.00 16.95 ? 372 ALA A O   1 
ATOM   1588 C CB  . ALA A 1 207 ? -13.225 1.310   0.423   1.00 16.83 ? 372 ALA A CB  1 
ATOM   1589 N N   . ILE A 1 208 ? -15.760 2.145   -1.329  1.00 15.67 ? 373 ILE A N   1 
ATOM   1590 C CA  . ILE A 1 208 ? -16.691 1.873   -2.395  1.00 15.42 ? 373 ILE A CA  1 
ATOM   1591 C C   . ILE A 1 208 ? -15.925 1.459   -3.625  1.00 14.93 ? 373 ILE A C   1 
ATOM   1592 O O   . ILE A 1 208 ? -14.973 2.122   -4.014  1.00 14.62 ? 373 ILE A O   1 
ATOM   1593 C CB  . ILE A 1 208 ? -17.507 3.151   -2.731  1.00 15.32 ? 373 ILE A CB  1 
ATOM   1594 C CG1 . ILE A 1 208 ? -18.224 3.701   -1.488  1.00 18.67 ? 373 ILE A CG1 1 
ATOM   1595 C CG2 . ILE A 1 208 ? -18.476 2.881   -3.884  1.00 15.61 ? 373 ILE A CG2 1 
ATOM   1596 C CD1 . ILE A 1 208 ? -19.025 2.686   -0.731  1.00 20.00 ? 373 ILE A CD1 1 
ATOM   1597 N N   . PHE A 1 209 ? -16.355 0.381   -4.258  1.00 14.55 ? 374 PHE A N   1 
ATOM   1598 C CA  . PHE A 1 209 ? -15.731 -0.035  -5.498  1.00 14.49 ? 374 PHE A CA  1 
ATOM   1599 C C   . PHE A 1 209 ? -16.257 0.825   -6.632  1.00 14.12 ? 374 PHE A C   1 
ATOM   1600 O O   . PHE A 1 209 ? -17.456 0.877   -6.883  1.00 13.68 ? 374 PHE A O   1 
ATOM   1601 C CB  . PHE A 1 209 ? -15.954 -1.523  -5.787  1.00 14.91 ? 374 PHE A CB  1 
ATOM   1602 C CG  . PHE A 1 209 ? -15.161 -2.012  -6.958  1.00 14.59 ? 374 PHE A CG  1 
ATOM   1603 C CD1 . PHE A 1 209 ? -13.819 -2.339  -6.814  1.00 15.30 ? 374 PHE A CD1 1 
ATOM   1604 C CD2 . PHE A 1 209 ? -15.737 -2.076  -8.219  1.00 17.01 ? 374 PHE A CD2 1 
ATOM   1605 C CE1 . PHE A 1 209 ? -13.077 -2.756  -7.906  1.00 14.55 ? 374 PHE A CE1 1 
ATOM   1606 C CE2 . PHE A 1 209 ? -15.005 -2.485  -9.310  1.00 16.89 ? 374 PHE A CE2 1 
ATOM   1607 C CZ  . PHE A 1 209 ? -13.667 -2.834  -9.150  1.00 14.18 ? 374 PHE A CZ  1 
ATOM   1608 N N   . THR A 1 210 ? -15.358 1.503   -7.330  1.00 14.34 ? 375 THR A N   1 
ATOM   1609 C CA  . THR A 1 210 ? -15.763 2.364   -8.429  1.00 14.65 ? 375 THR A CA  1 
ATOM   1610 C C   . THR A 1 210 ? -14.609 2.589   -9.408  1.00 14.93 ? 375 THR A C   1 
ATOM   1611 O O   . THR A 1 210 ? -13.516 2.055   -9.227  1.00 14.18 ? 375 THR A O   1 
ATOM   1612 C CB  . THR A 1 210 ? -16.365 3.692   -7.864  1.00 15.37 ? 375 THR A CB  1 
ATOM   1613 O OG1 . THR A 1 210 ? -16.747 4.571   -8.928  1.00 16.28 ? 375 THR A OG1 1 
ATOM   1614 C CG2 . THR A 1 210 ? -15.341 4.487   -7.062  1.00 15.60 ? 375 THR A CG2 1 
ATOM   1615 N N   . GLY A 1 211 ? -14.883 3.327   -10.472 1.00 14.96 ? 376 GLY A N   1 
ATOM   1616 C CA  . GLY A 1 211 ? -13.865 3.686   -11.448 1.00 15.56 ? 376 GLY A CA  1 
ATOM   1617 C C   . GLY A 1 211 ? -13.481 5.145   -11.265 1.00 15.84 ? 376 GLY A C   1 
ATOM   1618 O O   . GLY A 1 211 ? -14.341 5.987   -10.962 1.00 15.89 ? 376 GLY A O   1 
ATOM   1619 N N   . TYR A 1 212 ? -12.200 5.439   -11.462 1.00 16.12 ? 377 TYR A N   1 
ATOM   1620 C CA  . TYR A 1 212 ? -11.649 6.790   -11.382 1.00 16.63 ? 377 TYR A CA  1 
ATOM   1621 C C   . TYR A 1 212 ? -11.199 7.213   -12.768 1.00 17.73 ? 377 TYR A C   1 
ATOM   1622 O O   . TYR A 1 212 ? -10.460 6.488   -13.442 1.00 16.60 ? 377 TYR A O   1 
ATOM   1623 C CB  . TYR A 1 212 ? -10.476 6.822   -10.403 1.00 17.21 ? 377 TYR A CB  1 
ATOM   1624 C CG  . TYR A 1 212 ? -9.685  8.101   -10.408 1.00 18.27 ? 377 TYR A CG  1 
ATOM   1625 C CD1 . TYR A 1 212 ? -10.190 9.249   -9.820  1.00 19.69 ? 377 TYR A CD1 1 
ATOM   1626 C CD2 . TYR A 1 212 ? -8.421  8.159   -10.995 1.00 20.35 ? 377 TYR A CD2 1 
ATOM   1627 C CE1 . TYR A 1 212 ? -9.464  10.431  -9.816  1.00 21.88 ? 377 TYR A CE1 1 
ATOM   1628 C CE2 . TYR A 1 212 ? -7.685  9.330   -10.990 1.00 21.98 ? 377 TYR A CE2 1 
ATOM   1629 C CZ  . TYR A 1 212 ? -8.210  10.464  -10.400 1.00 22.48 ? 377 TYR A CZ  1 
ATOM   1630 O OH  . TYR A 1 212 ? -7.493  11.641  -10.398 1.00 24.89 ? 377 TYR A OH  1 
ATOM   1631 N N   . TYR A 1 213 ? -11.650 8.390   -13.196 1.00 19.17 ? 378 TYR A N   1 
ATOM   1632 C CA  . TYR A 1 213 ? -11.447 8.852   -14.574 1.00 21.39 ? 378 TYR A CA  1 
ATOM   1633 C C   . TYR A 1 213 ? -10.393 9.953   -14.727 1.00 23.03 ? 378 TYR A C   1 
ATOM   1634 O O   . TYR A 1 213 ? -10.225 10.505  -15.824 1.00 24.76 ? 378 TYR A O   1 
ATOM   1635 C CB  . TYR A 1 213 ? -12.787 9.297   -15.168 1.00 21.30 ? 378 TYR A CB  1 
ATOM   1636 C CG  . TYR A 1 213 ? -13.700 8.138   -15.451 1.00 21.65 ? 378 TYR A CG  1 
ATOM   1637 C CD1 . TYR A 1 213 ? -13.773 7.577   -16.723 1.00 24.15 ? 378 TYR A CD1 1 
ATOM   1638 C CD2 . TYR A 1 213 ? -14.471 7.572   -14.439 1.00 23.24 ? 378 TYR A CD2 1 
ATOM   1639 C CE1 . TYR A 1 213 ? -14.593 6.502   -16.982 1.00 24.10 ? 378 TYR A CE1 1 
ATOM   1640 C CE2 . TYR A 1 213 ? -15.294 6.496   -14.685 1.00 24.69 ? 378 TYR A CE2 1 
ATOM   1641 C CZ  . TYR A 1 213 ? -15.343 5.962   -15.963 1.00 26.04 ? 378 TYR A CZ  1 
ATOM   1642 O OH  . TYR A 1 213 ? -16.154 4.891   -16.216 1.00 29.55 ? 378 TYR A OH  1 
ATOM   1643 N N   . GLY A 1 214 ? -9.679  10.266  -13.649 1.00 24.40 ? 379 GLY A N   1 
ATOM   1644 C CA  . GLY A 1 214 ? -8.646  11.289  -13.678 1.00 25.12 ? 379 GLY A CA  1 
ATOM   1645 C C   . GLY A 1 214 ? -9.122  12.611  -13.112 1.00 25.86 ? 379 GLY A C   1 
ATOM   1646 O O   . GLY A 1 214 ? -10.280 12.736  -12.701 1.00 27.27 ? 379 GLY A O   1 
HETATM 1647 P P   . PO4 B 2 .   ? -1.996  3.865   -6.883  1.00 39.68 ? 501 PO4 A P   1 
HETATM 1648 O O1  . PO4 B 2 .   ? -3.255  4.230   -7.654  1.00 37.32 ? 501 PO4 A O1  1 
HETATM 1649 O O2  . PO4 B 2 .   ? -2.025  2.383   -6.580  1.00 37.59 ? 501 PO4 A O2  1 
HETATM 1650 O O3  . PO4 B 2 .   ? -1.861  4.651   -5.587  1.00 36.94 ? 501 PO4 A O3  1 
HETATM 1651 O O4  . PO4 B 2 .   ? -0.838  4.211   -7.794  1.00 36.81 ? 501 PO4 A O4  1 
HETATM 1652 O O   . HOH C 3 .   ? -4.313  6.284   -1.748  1.00 11.98 ? 1   HOH A O   1 
HETATM 1653 O O   . HOH C 3 .   ? -3.220  3.851   -3.429  1.00 15.93 ? 2   HOH A O   1 
HETATM 1654 O O   . HOH C 3 .   ? 10.840  13.923  -1.073  1.00 13.99 ? 3   HOH A O   1 
HETATM 1655 O O   . HOH C 3 .   ? -3.560  -1.950  -4.854  1.00 15.16 ? 4   HOH A O   1 
HETATM 1656 O O   . HOH C 3 .   ? -3.480  1.164   -4.742  1.00 16.42 ? 5   HOH A O   1 
HETATM 1657 O O   . HOH C 3 .   ? 1.582   -0.424  -7.854  1.00 20.54 ? 6   HOH A O   1 
HETATM 1658 O O   . HOH C 3 .   ? 17.579  0.982   6.936   1.00 19.62 ? 7   HOH A O   1 
HETATM 1659 O O   . HOH C 3 .   ? 16.534  3.478   7.071   1.00 19.95 ? 8   HOH A O   1 
HETATM 1660 O O   . HOH C 3 .   ? 15.788  -1.053  7.687   1.00 17.12 ? 9   HOH A O   1 
HETATM 1661 O O   . HOH C 3 .   ? -0.831  -7.331  0.388   1.00 20.50 ? 10  HOH A O   1 
HETATM 1662 O O   . HOH C 3 .   ? 0.137   4.829   13.803  1.00 19.08 ? 11  HOH A O   1 
HETATM 1663 O O   . HOH C 3 .   ? 16.816  5.791   8.572   1.00 24.83 ? 12  HOH A O   1 
HETATM 1664 O O   . HOH C 3 .   ? -13.326 9.857   -11.531 1.00 17.28 ? 13  HOH A O   1 
HETATM 1665 O O   . HOH C 3 .   ? 9.415   11.785  11.212  1.00 20.29 ? 14  HOH A O   1 
HETATM 1666 O O   . HOH C 3 .   ? -19.843 -0.738  -14.719 1.00 41.02 ? 15  HOH A O   1 
HETATM 1667 O O   . HOH C 3 .   ? 2.708   6.450   6.572   1.00 19.38 ? 16  HOH A O   1 
HETATM 1668 O O   . HOH C 3 .   ? 2.780   4.225   14.825  1.00 29.23 ? 17  HOH A O   1 
HETATM 1669 O O   . HOH C 3 .   ? -21.893 3.879   -3.414  1.00 23.43 ? 18  HOH A O   1 
HETATM 1670 O O   . HOH C 3 .   ? 1.642   8.878   5.974   1.00 20.83 ? 19  HOH A O   1 
HETATM 1671 O O   . HOH C 3 .   ? -1.283  10.329  3.522   1.00 21.86 ? 20  HOH A O   1 
HETATM 1672 O O   . HOH C 3 .   ? -4.343  -8.960  -0.522  1.00 25.52 ? 21  HOH A O   1 
HETATM 1673 O O   . HOH C 3 .   ? -3.504  -3.519  -13.020 1.00 28.51 ? 22  HOH A O   1 
HETATM 1674 O O   . HOH C 3 .   ? 22.482  -1.402  8.438   1.00 29.01 ? 23  HOH A O   1 
HETATM 1675 O O   . HOH C 3 .   ? 23.779  1.831   9.353   1.00 22.34 ? 24  HOH A O   1 
HETATM 1676 O O   . HOH C 3 .   ? -1.923  -2.264  -7.022  1.00 22.52 ? 25  HOH A O   1 
HETATM 1677 O O   . HOH C 3 .   ? -17.323 9.064   5.916   1.00 28.53 ? 26  HOH A O   1 
HETATM 1678 O O   . HOH C 3 .   ? 1.440   9.850   -2.766  1.00 32.13 ? 27  HOH A O   1 
HETATM 1679 O O   . HOH C 3 .   ? -16.395 -6.481  2.321   1.00 32.07 ? 28  HOH A O   1 
HETATM 1680 O O   . HOH C 3 .   ? -7.023  12.164  -2.613  1.00 35.92 ? 29  HOH A O   1 
HETATM 1681 O O   . HOH C 3 .   ? 3.619   12.799  4.228   1.00 28.21 ? 30  HOH A O   1 
HETATM 1682 O O   . HOH C 3 .   ? -9.935  -7.094  3.180   1.00 23.56 ? 31  HOH A O   1 
HETATM 1683 O O   . HOH C 3 .   ? 2.657   10.307  3.857   1.00 25.06 ? 32  HOH A O   1 
HETATM 1684 O O   . HOH C 3 .   ? -18.610 -12.308 -16.827 1.00 33.36 ? 33  HOH A O   1 
HETATM 1685 O O   . HOH C 3 .   ? -2.356  -10.988 -9.987  1.00 29.56 ? 34  HOH A O   1 
HETATM 1686 O O   . HOH C 3 .   ? 3.435   -13.625 -7.736  1.00 49.03 ? 35  HOH A O   1 
HETATM 1687 O O   . HOH C 3 .   ? -2.947  -1.893  16.686  1.00 28.45 ? 36  HOH A O   1 
HETATM 1688 O O   . HOH C 3 .   ? 1.029   2.172   -6.172  1.00 35.63 ? 37  HOH A O   1 
HETATM 1689 O O   . HOH C 3 .   ? -0.826  9.607   6.004   1.00 28.38 ? 38  HOH A O   1 
HETATM 1690 O O   . HOH C 3 .   ? 23.361  5.522   8.994   1.00 34.74 ? 39  HOH A O   1 
HETATM 1691 O O   . HOH C 3 .   ? -3.003  -3.737  -9.092  1.00 32.91 ? 40  HOH A O   1 
HETATM 1692 O O   . HOH C 3 .   ? 4.583   12.991  -9.315  1.00 23.97 ? 41  HOH A O   1 
HETATM 1693 O O   . HOH C 3 .   ? -1.965  5.776   15.277  1.00 25.75 ? 42  HOH A O   1 
HETATM 1694 O O   . HOH C 3 .   ? 23.582  14.273  3.528   1.00 38.42 ? 43  HOH A O   1 
HETATM 1695 O O   . HOH C 3 .   ? -7.590  8.439   -4.051  1.00 31.66 ? 44  HOH A O   1 
HETATM 1696 O O   . HOH C 3 .   ? -10.473 -0.737  12.628  1.00 37.16 ? 45  HOH A O   1 
HETATM 1697 O O   . HOH C 3 .   ? 9.234   6.906   18.423  1.00 34.34 ? 46  HOH A O   1 
HETATM 1698 O O   . HOH C 3 .   ? -23.384 -1.195  -0.573  1.00 35.56 ? 47  HOH A O   1 
HETATM 1699 O O   . HOH C 3 .   ? -3.335  -2.977  -16.161 1.00 26.00 ? 48  HOH A O   1 
HETATM 1700 O O   . HOH C 3 .   ? -11.259 -9.896  -11.570 1.00 30.80 ? 49  HOH A O   1 
HETATM 1701 O O   . HOH C 3 .   ? -8.253  12.083  4.277   1.00 38.60 ? 50  HOH A O   1 
HETATM 1702 O O   . HOH C 3 .   ? 0.077   -12.141 -10.674 1.00 33.68 ? 51  HOH A O   1 
HETATM 1703 O O   . HOH C 3 .   ? 1.898   6.290   -10.562 1.00 26.41 ? 52  HOH A O   1 
HETATM 1704 O O   . HOH C 3 .   ? 8.946   -19.937 -8.953  1.00 29.33 ? 53  HOH A O   1 
HETATM 1705 O O   . HOH C 3 .   ? 1.107   -11.902 0.346   1.00 32.75 ? 54  HOH A O   1 
HETATM 1706 O O   . HOH C 3 .   ? 5.675   -12.781 2.285   1.00 34.19 ? 55  HOH A O   1 
HETATM 1707 O O   . HOH C 3 .   ? 10.738  0.740   20.785  1.00 41.55 ? 56  HOH A O   1 
HETATM 1708 O O   . HOH C 3 .   ? -15.413 4.543   -19.995 1.00 26.28 ? 57  HOH A O   1 
HETATM 1709 O O   . HOH C 3 .   ? -5.967  6.901   13.084  1.00 29.23 ? 58  HOH A O   1 
HETATM 1710 O O   . HOH C 3 .   ? 3.832   -2.109  -12.661 1.00 41.24 ? 59  HOH A O   1 
HETATM 1711 O O   . HOH C 3 .   ? -16.287 4.988   7.279   1.00 40.53 ? 60  HOH A O   1 
HETATM 1712 O O   . HOH C 3 .   ? 8.935   6.141   -9.812  1.00 30.54 ? 61  HOH A O   1 
HETATM 1713 O O   . HOH C 3 .   ? 14.529  10.906  11.316  1.00 34.80 ? 62  HOH A O   1 
HETATM 1714 O O   . HOH C 3 .   ? -17.817 -0.490  -16.135 1.00 44.75 ? 63  HOH A O   1 
HETATM 1715 O O   . HOH C 3 .   ? 13.509  -10.198 15.100  1.00 31.70 ? 64  HOH A O   1 
HETATM 1716 O O   . HOH C 3 .   ? -14.590 -13.459 1.454   1.00 37.90 ? 65  HOH A O   1 
HETATM 1717 O O   . HOH C 3 .   ? -23.636 -2.907  -8.593  1.00 31.91 ? 66  HOH A O   1 
HETATM 1718 O O   . HOH C 3 .   ? 11.235  9.504   -11.395 1.00 29.40 ? 67  HOH A O   1 
HETATM 1719 O O   . HOH C 3 .   ? 18.297  0.320   17.828  1.00 46.49 ? 68  HOH A O   1 
HETATM 1720 O O   . HOH C 3 .   ? -1.768  -2.768  -11.314 1.00 43.98 ? 69  HOH A O   1 
HETATM 1721 O O   . HOH C 3 .   ? 9.634   12.569  13.741  1.00 35.71 ? 70  HOH A O   1 
HETATM 1722 O O   . HOH C 3 .   ? 14.594  10.845  -1.822  1.00 36.36 ? 71  HOH A O   1 
HETATM 1723 O O   . HOH C 3 .   ? 1.114   -7.828  7.453   1.00 35.13 ? 72  HOH A O   1 
HETATM 1724 O O   . HOH C 3 .   ? 20.516  -1.179  6.113   1.00 35.87 ? 73  HOH A O   1 
HETATM 1725 O O   . HOH C 3 .   ? 22.083  13.058  6.071   1.00 44.49 ? 74  HOH A O   1 
HETATM 1726 O O   . HOH C 3 .   ? -17.060 7.212   -8.410  1.00 34.41 ? 75  HOH A O   1 
HETATM 1727 O O   . HOH C 3 .   ? -0.414  -7.513  11.350  1.00 38.31 ? 76  HOH A O   1 
HETATM 1728 O O   . HOH C 3 .   ? -9.386  2.498   -25.620 1.00 39.46 ? 77  HOH A O   1 
HETATM 1729 O O   . HOH C 3 .   ? -4.325  -0.925  14.570  1.00 43.12 ? 78  HOH A O   1 
HETATM 1730 O O   . HOH C 3 .   ? -3.709  7.687   14.609  1.00 33.84 ? 79  HOH A O   1 
HETATM 1731 O O   . HOH C 3 .   ? -5.363  8.850   -8.495  1.00 46.47 ? 80  HOH A O   1 
HETATM 1732 O O   . HOH C 3 .   ? 13.478  5.035   20.356  1.00 31.12 ? 81  HOH A O   1 
HETATM 1733 O O   . HOH C 3 .   ? -8.666  15.362  -11.885 1.00 51.81 ? 82  HOH A O   1 
HETATM 1734 O O   . HOH C 3 .   ? -15.756 2.995   -14.248 1.00 34.11 ? 83  HOH A O   1 
HETATM 1735 O O   . HOH C 3 .   ? -15.691 2.757   -23.119 1.00 34.17 ? 84  HOH A O   1 
HETATM 1736 O O   . HOH C 3 .   ? 11.611  14.814  14.700  1.00 50.35 ? 85  HOH A O   1 
HETATM 1737 O O   . HOH C 3 .   ? 14.106  12.684  18.247  1.00 45.62 ? 86  HOH A O   1 
HETATM 1738 O O   . HOH C 3 .   ? -2.875  -17.353 -4.158  1.00 36.90 ? 87  HOH A O   1 
HETATM 1739 O O   . HOH C 3 .   ? -3.485  7.811   -21.248 1.00 45.20 ? 88  HOH A O   1 
HETATM 1740 O O   . HOH C 3 .   ? -13.603 7.270   -21.502 1.00 37.03 ? 89  HOH A O   1 
HETATM 1741 O O   . HOH C 3 .   ? -0.946  -19.145 -2.066  1.00 43.87 ? 90  HOH A O   1 
HETATM 1742 O O   . HOH C 3 .   ? 19.969  12.881  7.925   1.00 40.53 ? 91  HOH A O   1 
HETATM 1743 O O   . HOH C 3 .   ? 15.853  0.403   -0.659  1.00 39.98 ? 92  HOH A O   1 
HETATM 1744 O O   . HOH C 3 .   ? 3.706   -13.666 0.730   1.00 37.21 ? 93  HOH A O   1 
HETATM 1745 O O   . HOH C 3 .   ? 2.256   -6.269  16.077  1.00 37.38 ? 94  HOH A O   1 
HETATM 1746 O O   . HOH C 3 .   ? 2.386   9.889   -9.711  1.00 44.00 ? 95  HOH A O   1 
HETATM 1747 O O   . HOH C 3 .   ? 2.962   -8.577  -12.385 1.00 47.96 ? 96  HOH A O   1 
# 
